data_8XRF
#
_entry.id   8XRF
#
_cell.length_a   135.770
_cell.length_b   126.410
_cell.length_c   135.690
_cell.angle_alpha   90.00
_cell.angle_beta   90.00
_cell.angle_gamma   90.00
#
_symmetry.space_group_name_H-M   'P 21 21 2'
#
loop_
_entity.id
_entity.type
_entity.pdbx_description
1 polymer 'DNA topoisomerase 2'
2 polymer 'DNA (52-MER)'
3 non-polymer 'MAGNESIUM ION'
4 water water
#
loop_
_entity_poly.entity_id
_entity_poly.type
_entity_poly.pdbx_seq_one_letter_code
_entity_poly.pdbx_strand_id
1 'polypeptide(L)'
;NHKQVDVDKYTRARNAGGKRAQDCMLLAAEGDSALSLLRTGLTLGKSNPSGPSFDFCGMISLGGVIMNACKKVTNITTDS
GETIMVRNEQLTNNKVLQGIVQVLGLDFNCHYKTQEERAKLRYGCIVACVDQDLDGCGKILGLLLAYFHLFWPQLIIHGF
VKRLLTPLIRVYEKGKTMPVEFYYEQEFDAWAKKQTSLVNHTVKYYKGLAAHDTHEVKSMFKHFDNMVYTFTLDDSAKEL
FHIYFGGESELRKRELCTGVVPLTETQTQSIHSVRRIPCSLHLQVDTKAYKLDAIERQIPNFLDGMTRARRKILAGGVKC
FASNNRERKVFQFGGYVADHMFYHHGDMSLNTSIIKAAQYYPGSSHLYPVFIGIGSFGSRHLGGKDAGSPRYISVQLASE
FIKTMFPAEDSWLLPYVFEDGQRAEPEYYVPVLPLAIMEYGANPSEGWKYTTWARQLEDILALVRAYVDKDNPKHELLHY
AIKHKITILPLRPSNYNFKGHLKRFGQYYYSYGTYDISEQRNIITITELPLRVPTVAYIESIKKSSNRMTFIEEIIDYSS
SETIEILVKLKPNSLNRIVEEFKETEEQDSIENFLRLRNCLHSHLNFVKPKGGIIEFNSYYEILYAWLPYRRELYQKRLM
REHAVLKLRIIMETAIVRYINESAELNLSHYEDEKEASRILSEHGFPPLNHTLIISPEFASIEELNQKALQGCYTYILSL
QARELLIAAKTRRVEKIKKMQARLDKVEQLLQESPFPGASVWLEEIDAVEKAIIKGRNTQWKFH
;
A,B
2 'polydeoxyribonucleotide'
;(DG)(DG)(DA)(DT)(DG)(DA)(DC)(DG)(DA)(DT)(DT)(DC)(DG)(DC)(DG)(DG)(DT)(DA)(DG)(DC)
(DA)(DG)(DT)(DA)(DG)(DG)(DC)(DC)(DT)(DA)(DC)(DT)(DG)(DC)(DT)(DA)(DC)(DC)(DG)(DC)
(DG)(DA)(DA)(DT)(DC)(DG)(DT)(DC)(DA)(DT)(DC)(DC)
;
C,D,E,F
#
loop_
_chem_comp.id
_chem_comp.type
_chem_comp.name
_chem_comp.formula
DA DNA linking 2'-DEOXYADENOSINE-5'-MONOPHOSPHATE 'C10 H14 N5 O6 P'
DC DNA linking 2'-DEOXYCYTIDINE-5'-MONOPHOSPHATE 'C9 H14 N3 O7 P'
DG DNA linking 2'-DEOXYGUANOSINE-5'-MONOPHOSPHATE 'C10 H14 N5 O7 P'
DT DNA linking THYMIDINE-5'-MONOPHOSPHATE 'C10 H15 N2 O8 P'
MG non-polymer 'MAGNESIUM ION' 'Mg 2'
#
# COMPACT_ATOMS: atom_id res chain seq x y z
N VAL A 5 -15.71 35.73 0.94
CA VAL A 5 -14.27 35.59 0.79
C VAL A 5 -13.94 34.40 -0.11
N ASP A 6 -12.76 34.42 -0.72
CA ASP A 6 -12.29 33.37 -1.61
C ASP A 6 -11.06 32.74 -0.98
N VAL A 7 -11.28 31.73 -0.14
CA VAL A 7 -10.22 31.03 0.58
C VAL A 7 -10.23 29.58 0.14
N ASP A 8 -9.03 28.98 0.04
CA ASP A 8 -8.91 27.60 -0.40
C ASP A 8 -9.45 26.64 0.64
N LYS A 9 -10.09 25.56 0.16
CA LYS A 9 -10.67 24.51 1.00
C LYS A 9 -11.75 25.07 1.93
N TYR A 10 -12.50 26.07 1.47
CA TYR A 10 -13.54 26.70 2.27
C TYR A 10 -14.84 26.73 1.48
N THR A 11 -15.89 26.15 2.04
CA THR A 11 -17.23 26.20 1.46
C THR A 11 -18.12 27.03 2.38
N ARG A 12 -18.53 28.20 1.90
CA ARG A 12 -19.23 29.18 2.72
C ARG A 12 -20.66 28.74 3.03
N ALA A 13 -21.11 29.07 4.25
CA ALA A 13 -22.51 28.97 4.59
C ALA A 13 -23.30 30.11 3.94
N ARG A 14 -24.53 29.81 3.53
CA ARG A 14 -25.30 30.75 2.72
C ARG A 14 -25.51 32.07 3.45
N ASN A 15 -25.79 32.03 4.75
CA ASN A 15 -26.03 33.23 5.53
C ASN A 15 -24.77 33.77 6.19
N ALA A 16 -23.59 33.30 5.77
CA ALA A 16 -22.34 33.74 6.38
C ALA A 16 -22.06 35.20 6.03
N GLY A 17 -21.84 36.02 7.06
CA GLY A 17 -21.50 37.41 6.86
C GLY A 17 -22.68 38.31 6.53
N GLY A 18 -23.90 37.82 6.70
CA GLY A 18 -25.09 38.56 6.33
C GLY A 18 -25.94 38.95 7.51
N LYS A 19 -27.22 39.17 7.22
CA LYS A 19 -28.21 39.50 8.24
C LYS A 19 -28.17 38.53 9.41
N ARG A 20 -28.17 37.23 9.11
CA ARG A 20 -28.17 36.15 10.10
C ARG A 20 -26.78 35.56 10.30
N ALA A 21 -25.75 36.41 10.31
CA ALA A 21 -24.37 35.90 10.37
C ALA A 21 -24.07 35.20 11.69
N GLN A 22 -24.72 35.61 12.78
CA GLN A 22 -24.45 35.00 14.08
C GLN A 22 -25.18 33.68 14.29
N ASP A 23 -25.99 33.24 13.34
CA ASP A 23 -26.64 31.94 13.40
C ASP A 23 -25.85 30.86 12.67
N CYS A 24 -24.69 31.18 12.12
CA CYS A 24 -23.93 30.26 11.30
C CYS A 24 -22.79 29.62 12.09
N MET A 25 -22.47 28.39 11.71
CA MET A 25 -21.38 27.63 12.31
C MET A 25 -20.29 27.39 11.27
N LEU A 26 -19.04 27.45 11.68
CA LEU A 26 -17.90 27.10 10.83
C LEU A 26 -17.38 25.75 11.27
N LEU A 27 -17.56 24.74 10.43
CA LEU A 27 -17.08 23.39 10.71
C LEU A 27 -15.63 23.29 10.22
N ALA A 28 -14.70 23.13 11.15
CA ALA A 28 -13.29 22.95 10.83
C ALA A 28 -12.95 21.47 10.94
N ALA A 29 -12.53 20.88 9.83
CA ALA A 29 -12.19 19.48 9.77
C ALA A 29 -10.70 19.31 9.49
N GLU A 30 -10.23 18.08 9.64
CA GLU A 30 -8.78 17.83 9.55
C GLU A 30 -8.27 17.91 8.12
N GLY A 31 -9.11 17.58 7.15
CA GLY A 31 -8.64 17.56 5.78
C GLY A 31 -9.78 17.36 4.80
N ASP A 32 -9.41 17.20 3.53
CA ASP A 32 -10.39 17.13 2.46
C ASP A 32 -11.30 15.92 2.61
N SER A 33 -10.73 14.76 2.92
CA SER A 33 -11.54 13.55 3.10
C SER A 33 -12.58 13.74 4.20
N ALA A 34 -12.22 14.43 5.28
CA ALA A 34 -13.19 14.71 6.33
C ALA A 34 -14.23 15.72 5.85
N LEU A 35 -13.80 16.67 5.01
CA LEU A 35 -14.74 17.63 4.43
C LEU A 35 -15.79 16.92 3.58
N SER A 36 -15.41 15.84 2.90
CA SER A 36 -16.36 15.11 2.06
C SER A 36 -17.48 14.49 2.91
N LEU A 37 -17.14 14.02 4.11
CA LEU A 37 -18.17 13.51 5.01
C LEU A 37 -19.11 14.62 5.46
N LEU A 38 -18.55 15.74 5.92
CA LEU A 38 -19.37 16.86 6.35
C LEU A 38 -20.26 17.37 5.22
N ARG A 39 -19.71 17.45 4.01
CA ARG A 39 -20.52 17.84 2.85
C ARG A 39 -21.69 16.89 2.66
N THR A 40 -21.45 15.58 2.79
CA THR A 40 -22.52 14.60 2.63
C THR A 40 -23.60 14.77 3.70
N GLY A 41 -23.20 15.05 4.94
CA GLY A 41 -24.17 15.17 6.01
C GLY A 41 -24.98 16.46 5.93
N LEU A 42 -24.32 17.58 5.61
CA LEU A 42 -25.03 18.83 5.42
C LEU A 42 -25.93 18.80 4.20
N THR A 43 -25.80 17.80 3.35
CA THR A 43 -26.59 17.73 2.08
C THR A 43 -27.61 16.60 2.18
N LEU A 44 -28.25 16.44 3.33
CA LEU A 44 -29.29 15.45 3.54
C LEU A 44 -30.66 16.13 3.47
N GLY A 45 -31.50 15.66 2.56
CA GLY A 45 -32.89 16.07 2.53
C GLY A 45 -33.80 15.27 3.41
N LYS A 46 -33.32 14.15 3.95
CA LYS A 46 -34.11 13.32 4.85
C LYS A 46 -33.74 13.49 6.32
N SER A 47 -32.74 14.32 6.61
CA SER A 47 -32.48 14.79 7.98
C SER A 47 -33.08 16.19 8.07
N ASN A 48 -34.17 16.32 8.82
CA ASN A 48 -34.80 17.63 8.98
C ASN A 48 -35.70 17.57 10.22
N PRO A 49 -36.24 18.73 10.65
CA PRO A 49 -35.88 20.12 10.34
C PRO A 49 -34.63 20.62 11.06
N SER A 50 -34.27 19.97 12.17
CA SER A 50 -33.08 20.35 12.92
C SER A 50 -31.77 19.86 12.29
N GLY A 51 -31.83 19.18 11.15
CA GLY A 51 -30.61 18.73 10.52
C GLY A 51 -29.84 19.92 10.00
N PRO A 52 -28.53 19.95 10.24
CA PRO A 52 -27.74 21.08 9.77
C PRO A 52 -27.64 21.09 8.25
N SER A 53 -27.26 22.24 7.71
CA SER A 53 -27.29 22.45 6.28
C SER A 53 -26.33 23.57 5.93
N PHE A 54 -26.12 23.75 4.63
CA PHE A 54 -25.28 24.85 4.16
C PHE A 54 -25.97 26.21 4.28
N ASP A 55 -27.23 26.24 4.72
CA ASP A 55 -27.85 27.52 5.05
C ASP A 55 -27.09 28.22 6.18
N PHE A 56 -26.66 27.46 7.19
CA PHE A 56 -26.04 28.03 8.37
C PHE A 56 -24.77 27.30 8.79
N CYS A 57 -24.15 26.53 7.89
CA CYS A 57 -22.93 25.82 8.22
C CYS A 57 -21.94 25.94 7.07
N GLY A 58 -20.68 26.20 7.41
CA GLY A 58 -19.60 26.24 6.45
C GLY A 58 -18.53 25.21 6.79
N MET A 59 -17.64 24.98 5.84
CA MET A 59 -16.55 24.03 5.99
C MET A 59 -15.22 24.73 5.73
N ILE A 60 -14.21 24.32 6.47
CA ILE A 60 -12.84 24.76 6.22
C ILE A 60 -11.90 23.66 6.69
N SER A 61 -10.81 23.48 5.94
CA SER A 61 -9.81 22.48 6.28
C SER A 61 -8.74 23.08 7.18
N LEU A 62 -8.34 22.32 8.19
CA LEU A 62 -7.28 22.73 9.10
C LEU A 62 -5.89 22.38 8.59
N GLY A 63 -5.80 21.69 7.45
CA GLY A 63 -4.52 21.31 6.89
C GLY A 63 -3.74 20.34 7.75
N GLY A 64 -4.42 19.39 8.38
CA GLY A 64 -3.74 18.47 9.28
C GLY A 64 -3.42 19.16 10.57
N VAL A 65 -2.16 19.09 10.99
CA VAL A 65 -1.71 19.71 12.23
C VAL A 65 -1.48 21.19 11.98
N ILE A 66 -2.14 22.04 12.78
CA ILE A 66 -2.01 23.48 12.64
C ILE A 66 -0.77 23.92 13.42
N MET A 67 -0.43 25.20 13.34
CA MET A 67 0.77 25.73 13.95
C MET A 67 0.53 26.08 15.42
N ASN A 68 1.51 25.79 16.26
CA ASN A 68 1.47 26.18 17.67
C ASN A 68 1.75 27.68 17.76
N ALA A 69 0.70 28.45 18.06
CA ALA A 69 0.87 29.90 18.11
C ALA A 69 1.61 30.35 19.37
N CYS A 70 1.46 29.63 20.47
CA CYS A 70 2.05 30.03 21.73
C CYS A 70 3.58 30.07 21.68
N LYS A 71 4.19 29.36 20.74
CA LYS A 71 5.65 29.28 20.65
C LYS A 71 6.21 30.13 19.52
N LYS A 72 5.41 31.02 18.95
CA LYS A 72 5.84 31.92 17.88
C LYS A 72 5.48 33.36 18.20
N VAL A 73 5.43 33.72 19.48
CA VAL A 73 5.02 35.07 19.89
C VAL A 73 6.07 35.64 20.83
N THR A 74 6.44 36.90 20.59
CA THR A 74 7.29 37.68 21.49
C THR A 74 6.44 38.70 22.22
N ASN A 75 6.55 38.73 23.54
CA ASN A 75 5.96 39.81 24.33
C ASN A 75 6.78 41.10 24.24
N ILE A 76 6.08 42.21 24.02
CA ILE A 76 6.65 43.55 24.04
C ILE A 76 5.75 44.41 24.92
N THR A 77 6.35 45.30 25.71
CA THR A 77 5.57 46.15 26.59
C THR A 77 5.43 47.55 26.01
N THR A 78 4.46 48.28 26.55
CA THR A 78 4.18 49.64 26.09
C THR A 78 5.16 50.63 26.72
N ILE A 84 1.56 44.42 24.53
CA ILE A 84 1.77 44.12 23.11
C ILE A 84 2.25 42.68 22.93
N MET A 85 1.64 41.99 21.96
CA MET A 85 1.95 40.61 21.62
C MET A 85 2.20 40.55 20.12
N VAL A 86 3.46 40.39 19.72
CA VAL A 86 3.89 40.45 18.33
C VAL A 86 3.96 39.05 17.74
N ARG A 87 3.19 38.84 16.66
CA ARG A 87 3.17 37.56 15.95
C ARG A 87 4.35 37.47 14.99
N ASN A 88 4.99 36.30 14.97
CA ASN A 88 6.13 36.00 14.12
C ASN A 88 5.73 35.92 12.64
N GLU A 89 6.74 36.00 11.76
CA GLU A 89 6.53 35.78 10.33
C GLU A 89 5.81 34.46 10.09
N GLN A 90 6.37 33.39 10.67
CA GLN A 90 5.88 32.04 10.42
C GLN A 90 4.41 31.92 10.79
N LEU A 91 4.02 32.58 11.89
CA LEU A 91 2.63 32.61 12.30
C LEU A 91 1.82 33.61 11.47
N THR A 92 2.45 34.70 11.05
CA THR A 92 1.74 35.69 10.23
C THR A 92 1.40 35.14 8.86
N ASN A 93 2.30 34.34 8.28
CA ASN A 93 2.15 33.89 6.90
C ASN A 93 1.61 32.46 6.78
N ASN A 94 1.08 31.89 7.86
CA ASN A 94 0.49 30.56 7.79
C ASN A 94 -0.83 30.60 7.03
N LYS A 95 -0.90 29.85 5.93
CA LYS A 95 -2.08 29.91 5.07
C LYS A 95 -3.34 29.39 5.78
N VAL A 96 -3.22 28.29 6.52
CA VAL A 96 -4.40 27.71 7.16
C VAL A 96 -5.01 28.67 8.17
N LEU A 97 -4.19 29.17 9.10
CA LEU A 97 -4.70 30.05 10.15
C LEU A 97 -5.14 31.39 9.57
N GLN A 98 -4.34 31.97 8.68
CA GLN A 98 -4.70 33.21 8.01
C GLN A 98 -5.96 33.06 7.17
N GLY A 99 -6.30 31.84 6.74
CA GLY A 99 -7.54 31.60 6.05
C GLY A 99 -8.73 31.59 6.99
N ILE A 100 -8.53 31.01 8.18
CA ILE A 100 -9.59 31.00 9.19
C ILE A 100 -9.88 32.41 9.69
N VAL A 101 -8.84 33.25 9.80
CA VAL A 101 -9.05 34.62 10.25
C VAL A 101 -9.83 35.41 9.21
N GLN A 102 -9.54 35.20 7.92
CA GLN A 102 -10.26 35.90 6.87
C GLN A 102 -11.72 35.46 6.81
N VAL A 103 -11.95 34.15 6.87
CA VAL A 103 -13.31 33.62 6.77
C VAL A 103 -14.16 34.12 7.93
N LEU A 104 -13.59 34.15 9.14
CA LEU A 104 -14.33 34.57 10.31
C LEU A 104 -14.35 36.09 10.49
N GLY A 105 -13.46 36.80 9.81
CA GLY A 105 -13.34 38.23 10.00
C GLY A 105 -12.82 38.58 11.38
N LEU A 106 -11.77 37.87 11.81
CA LEU A 106 -11.19 38.10 13.11
C LEU A 106 -10.20 39.26 13.08
N ASP A 107 -10.12 39.97 14.19
CA ASP A 107 -9.21 41.11 14.34
C ASP A 107 -8.34 40.86 15.57
N PHE A 108 -7.03 40.87 15.37
CA PHE A 108 -6.11 40.68 16.49
C PHE A 108 -6.14 41.84 17.47
N ASN A 109 -6.57 43.02 17.03
CA ASN A 109 -6.63 44.18 17.92
C ASN A 109 -7.85 44.16 18.85
N CYS A 110 -8.91 43.45 18.48
CA CYS A 110 -10.11 43.30 19.29
C CYS A 110 -9.97 42.19 20.33
N HIS A 111 -10.80 42.28 21.37
CA HIS A 111 -10.80 41.26 22.44
C HIS A 111 -12.22 40.69 22.54
N TYR A 112 -13.15 41.19 21.72
CA TYR A 112 -14.52 40.62 21.64
C TYR A 112 -15.11 40.27 23.00
N LYS A 113 -15.52 41.29 23.75
CA LYS A 113 -16.17 41.06 25.07
C LYS A 113 -17.67 41.34 25.00
N THR A 114 -18.12 42.22 24.11
CA THR A 114 -19.55 42.62 24.09
C THR A 114 -20.29 41.97 22.91
N GLN A 115 -21.61 41.81 23.03
CA GLN A 115 -22.30 41.12 21.93
C GLN A 115 -22.43 42.01 20.71
N GLU A 116 -22.23 43.31 20.87
CA GLU A 116 -21.98 44.18 19.72
C GLU A 116 -20.66 43.82 19.06
N GLU A 117 -19.60 43.69 19.87
CA GLU A 117 -18.27 43.51 19.31
C GLU A 117 -18.16 42.18 18.57
N ARG A 118 -18.81 41.14 19.09
CA ARG A 118 -18.84 39.83 18.46
C ARG A 118 -19.78 39.73 17.27
N ALA A 119 -20.81 40.57 17.21
CA ALA A 119 -21.79 40.48 16.12
C ALA A 119 -21.27 40.98 14.79
N LYS A 120 -20.04 41.48 14.73
CA LYS A 120 -19.39 41.82 13.47
C LYS A 120 -18.55 40.67 12.92
N LEU A 121 -18.66 39.48 13.50
CA LEU A 121 -17.98 38.30 12.98
C LEU A 121 -18.84 37.64 11.91
N ARG A 122 -18.16 37.02 10.94
CA ARG A 122 -18.87 36.44 9.80
C ARG A 122 -19.60 35.15 10.15
N TYR A 123 -19.23 34.49 11.24
CA TYR A 123 -19.92 33.29 11.70
C TYR A 123 -20.24 33.45 13.19
N GLY A 124 -21.14 32.60 13.68
CA GLY A 124 -21.55 32.67 15.06
C GLY A 124 -20.67 31.89 15.99
N CYS A 125 -20.01 30.86 15.46
CA CYS A 125 -19.11 30.02 16.25
C CYS A 125 -18.30 29.16 15.28
N ILE A 126 -17.27 28.51 15.82
CA ILE A 126 -16.47 27.55 15.08
C ILE A 126 -16.61 26.21 15.78
N VAL A 127 -16.82 25.15 14.99
CA VAL A 127 -17.06 23.81 15.51
C VAL A 127 -15.94 22.92 15.00
N ALA A 128 -15.07 22.50 15.91
CA ALA A 128 -13.95 21.63 15.55
C ALA A 128 -14.47 20.22 15.28
N CYS A 129 -14.52 19.84 14.02
CA CYS A 129 -14.91 18.49 13.63
C CYS A 129 -13.68 17.62 13.36
N VAL A 130 -12.89 17.43 14.42
CA VAL A 130 -11.66 16.66 14.28
C VAL A 130 -11.97 15.17 14.40
N ASP A 131 -11.05 14.35 13.88
CA ASP A 131 -11.13 12.92 14.08
C ASP A 131 -10.95 12.60 15.56
N GLN A 132 -11.50 11.47 15.98
CA GLN A 132 -11.44 11.09 17.39
C GLN A 132 -10.12 10.41 17.76
N ASP A 133 -9.23 10.19 16.80
CA ASP A 133 -7.89 9.73 17.16
C ASP A 133 -7.20 10.78 18.05
N LEU A 134 -6.25 10.31 18.87
CA LEU A 134 -5.63 11.20 19.84
C LEU A 134 -4.94 12.38 19.17
N ASP A 135 -4.44 12.20 17.94
CA ASP A 135 -3.90 13.34 17.22
C ASP A 135 -4.96 14.41 17.01
N GLY A 136 -6.18 14.00 16.67
CA GLY A 136 -7.26 14.93 16.42
C GLY A 136 -7.76 15.66 17.65
N CYS A 137 -8.46 14.94 18.53
CA CYS A 137 -9.05 15.59 19.69
C CYS A 137 -7.98 16.05 20.68
N GLY A 138 -6.86 15.34 20.76
CA GLY A 138 -5.81 15.71 21.68
C GLY A 138 -4.89 16.80 21.19
N LYS A 139 -4.22 16.56 20.06
CA LYS A 139 -3.21 17.50 19.57
C LYS A 139 -3.82 18.66 18.80
N ILE A 140 -4.52 18.36 17.70
CA ILE A 140 -4.98 19.41 16.79
C ILE A 140 -6.00 20.30 17.48
N LEU A 141 -6.94 19.70 18.22
CA LEU A 141 -7.94 20.49 18.91
C LEU A 141 -7.32 21.34 20.00
N GLY A 142 -6.36 20.78 20.74
CA GLY A 142 -5.65 21.57 21.74
C GLY A 142 -4.92 22.76 21.14
N LEU A 143 -4.28 22.55 19.99
CA LEU A 143 -3.61 23.65 19.30
C LEU A 143 -4.60 24.74 18.91
N LEU A 144 -5.80 24.35 18.46
CA LEU A 144 -6.81 25.33 18.09
C LEU A 144 -7.30 26.10 19.32
N LEU A 145 -7.58 25.37 20.41
CA LEU A 145 -7.94 26.04 21.65
C LEU A 145 -6.85 26.99 22.14
N ALA A 146 -5.59 26.56 22.04
CA ALA A 146 -4.48 27.42 22.44
C ALA A 146 -4.38 28.65 21.56
N TYR A 147 -4.75 28.52 20.28
CA TYR A 147 -4.73 29.68 19.38
C TYR A 147 -5.72 30.74 19.84
N PHE A 148 -6.96 30.33 20.11
CA PHE A 148 -7.97 31.30 20.53
C PHE A 148 -7.69 31.83 21.92
N HIS A 149 -7.27 30.97 22.85
CA HIS A 149 -6.96 31.43 24.20
C HIS A 149 -5.82 32.44 24.19
N LEU A 150 -4.83 32.24 23.30
CA LEU A 150 -3.68 33.13 23.27
C LEU A 150 -4.06 34.52 22.75
N PHE A 151 -4.98 34.58 21.79
CA PHE A 151 -5.34 35.84 21.14
C PHE A 151 -6.68 36.40 21.58
N TRP A 152 -7.71 35.57 21.65
CA TRP A 152 -9.07 36.02 21.93
C TRP A 152 -9.69 35.14 23.03
N PRO A 153 -9.17 35.22 24.26
CA PRO A 153 -9.73 34.38 25.33
C PRO A 153 -11.20 34.64 25.58
N GLN A 154 -11.68 35.86 25.33
CA GLN A 154 -13.09 36.16 25.55
C GLN A 154 -14.00 35.28 24.70
N LEU A 155 -13.56 34.93 23.48
CA LEU A 155 -14.39 34.08 22.64
C LEU A 155 -14.62 32.71 23.25
N ILE A 156 -13.67 32.24 24.07
CA ILE A 156 -13.86 30.96 24.74
C ILE A 156 -14.83 31.11 25.91
N ILE A 157 -14.76 32.24 26.62
CA ILE A 157 -15.71 32.49 27.71
C ILE A 157 -17.13 32.50 27.19
N HIS A 158 -17.35 33.14 26.04
CA HIS A 158 -18.69 33.36 25.51
C HIS A 158 -19.10 32.29 24.50
N GLY A 159 -18.49 31.11 24.56
CA GLY A 159 -19.00 29.95 23.84
C GLY A 159 -18.76 29.95 22.35
N PHE A 160 -17.79 30.72 21.86
CA PHE A 160 -17.55 30.77 20.42
C PHE A 160 -16.86 29.50 19.91
N VAL A 161 -16.03 28.86 20.73
CA VAL A 161 -15.28 27.69 20.32
C VAL A 161 -16.05 26.44 20.75
N LYS A 162 -16.26 25.52 19.81
CA LYS A 162 -17.09 24.34 20.07
C LYS A 162 -16.41 23.11 19.50
N ARG A 163 -17.08 21.96 19.69
CA ARG A 163 -16.54 20.66 19.33
C ARG A 163 -17.69 19.75 18.89
N LEU A 164 -17.44 18.89 17.91
CA LEU A 164 -18.37 17.84 17.53
C LEU A 164 -17.79 16.50 17.96
N LEU A 165 -18.51 15.79 18.83
CA LEU A 165 -18.04 14.52 19.35
C LEU A 165 -18.40 13.39 18.38
N THR A 166 -17.41 12.57 18.04
CA THR A 166 -17.58 11.43 17.14
C THR A 166 -16.90 10.22 17.76
N PRO A 167 -17.41 9.02 17.50
CA PRO A 167 -16.79 7.81 18.07
C PRO A 167 -15.47 7.50 17.39
N LEU A 168 -14.59 6.84 18.15
CA LEU A 168 -13.33 6.32 17.64
C LEU A 168 -13.40 4.84 17.29
N ILE A 169 -14.16 4.07 18.06
CA ILE A 169 -14.35 2.65 17.83
C ILE A 169 -15.83 2.33 17.87
N ARG A 170 -16.29 1.52 16.92
CA ARG A 170 -17.61 0.91 16.97
C ARG A 170 -17.41 -0.59 16.88
N VAL A 171 -18.06 -1.32 17.77
CA VAL A 171 -18.02 -2.78 17.78
C VAL A 171 -19.45 -3.29 17.62
N TYR A 172 -19.66 -4.10 16.59
CA TYR A 172 -20.97 -4.63 16.25
C TYR A 172 -21.06 -6.09 16.66
N GLU A 173 -22.26 -6.50 17.04
CA GLU A 173 -22.51 -7.90 17.34
C GLU A 173 -23.31 -8.51 16.19
N LYS A 174 -23.23 -9.83 16.06
CA LYS A 174 -23.95 -10.50 14.98
C LYS A 174 -25.45 -10.32 15.14
N GLY A 175 -25.97 -10.38 16.36
CA GLY A 175 -27.37 -10.13 16.62
C GLY A 175 -27.77 -8.68 16.57
N LYS A 176 -27.28 -7.89 17.53
CA LYS A 176 -27.85 -6.57 17.78
C LYS A 176 -27.61 -5.64 16.59
N THR A 177 -28.68 -4.98 16.14
CA THR A 177 -28.57 -3.95 15.12
C THR A 177 -27.88 -2.70 15.62
N MET A 178 -27.57 -2.61 16.91
CA MET A 178 -26.97 -1.41 17.45
C MET A 178 -25.57 -1.70 17.95
N PRO A 179 -24.59 -0.88 17.59
CA PRO A 179 -23.23 -1.09 18.05
C PRO A 179 -22.96 -0.48 19.41
N VAL A 180 -21.86 -0.92 20.01
CA VAL A 180 -21.29 -0.28 21.19
C VAL A 180 -20.24 0.71 20.70
N GLU A 181 -20.29 1.93 21.24
CA GLU A 181 -19.45 3.01 20.73
C GLU A 181 -18.49 3.47 21.82
N PHE A 182 -17.24 3.74 21.41
CA PHE A 182 -16.20 4.18 22.31
C PHE A 182 -15.55 5.44 21.75
N TYR A 183 -15.06 6.29 22.65
CA TYR A 183 -14.37 7.51 22.28
C TYR A 183 -12.90 7.49 22.66
N TYR A 184 -12.42 6.38 23.23
CA TYR A 184 -11.05 6.26 23.68
C TYR A 184 -10.61 4.81 23.55
N GLU A 185 -9.43 4.60 22.95
CA GLU A 185 -8.87 3.26 22.88
C GLU A 185 -8.77 2.63 24.26
N GLN A 186 -8.43 3.44 25.26
CA GLN A 186 -8.30 2.96 26.63
C GLN A 186 -9.57 2.27 27.12
N GLU A 187 -10.71 2.95 26.96
CA GLU A 187 -11.97 2.41 27.47
C GLU A 187 -12.45 1.20 26.67
N PHE A 188 -12.13 1.15 25.38
CA PHE A 188 -12.48 -0.04 24.60
C PHE A 188 -11.61 -1.23 24.97
N ASP A 189 -10.29 -1.02 25.02
CA ASP A 189 -9.38 -2.10 25.38
C ASP A 189 -9.76 -2.72 26.72
N ALA A 190 -10.14 -1.89 27.69
CA ALA A 190 -10.65 -2.41 28.95
C ALA A 190 -11.90 -3.25 28.73
N TRP A 191 -12.84 -2.73 27.94
CA TRP A 191 -14.06 -3.47 27.63
C TRP A 191 -13.74 -4.78 26.90
N ALA A 192 -12.71 -4.78 26.05
CA ALA A 192 -12.42 -5.95 25.23
C ALA A 192 -11.87 -7.09 26.08
N LYS A 193 -10.88 -6.81 26.92
CA LYS A 193 -10.32 -7.85 27.78
C LYS A 193 -11.33 -8.31 28.81
N LYS A 194 -12.20 -7.40 29.26
CA LYS A 194 -13.22 -7.73 30.25
C LYS A 194 -14.35 -8.54 29.65
N GLN A 195 -14.48 -8.54 28.32
CA GLN A 195 -15.42 -9.42 27.65
C GLN A 195 -14.96 -10.87 27.71
N THR A 196 -15.91 -11.79 27.58
CA THR A 196 -15.59 -13.21 27.57
C THR A 196 -14.88 -13.59 26.27
N SER A 197 -15.54 -13.33 25.14
CA SER A 197 -14.92 -13.51 23.83
C SER A 197 -15.67 -12.67 22.81
N LEU A 198 -14.93 -12.10 21.87
CA LEU A 198 -15.47 -11.28 20.79
C LEU A 198 -15.60 -12.09 19.50
N VAL A 199 -15.99 -13.36 19.61
CA VAL A 199 -15.89 -14.27 18.47
C VAL A 199 -16.82 -13.88 17.33
N ASN A 200 -17.98 -13.30 17.65
CA ASN A 200 -18.95 -12.92 16.64
C ASN A 200 -19.16 -11.42 16.60
N HIS A 201 -18.11 -10.66 16.92
CA HIS A 201 -18.12 -9.21 16.84
C HIS A 201 -17.24 -8.76 15.68
N THR A 202 -17.31 -7.47 15.39
CA THR A 202 -16.43 -6.84 14.42
C THR A 202 -16.09 -5.46 14.94
N VAL A 203 -14.80 -5.17 15.05
CA VAL A 203 -14.31 -3.93 15.64
C VAL A 203 -13.79 -3.03 14.54
N LYS A 204 -14.09 -1.74 14.63
CA LYS A 204 -13.82 -0.79 13.56
C LYS A 204 -13.23 0.47 14.17
N TYR A 205 -11.98 0.77 13.81
CA TYR A 205 -11.28 1.95 14.28
C TYR A 205 -11.33 3.02 13.20
N TYR A 206 -11.73 4.23 13.58
CA TYR A 206 -11.97 5.31 12.63
C TYR A 206 -10.83 6.31 12.70
N LYS A 207 -9.80 6.09 11.87
CA LYS A 207 -8.63 6.96 11.86
C LYS A 207 -8.94 8.32 11.24
N GLY A 208 -9.99 8.42 10.43
CA GLY A 208 -10.45 9.70 9.95
C GLY A 208 -11.96 9.70 9.84
N LEU A 209 -12.52 10.90 9.68
CA LEU A 209 -13.96 11.02 9.53
C LEU A 209 -14.45 10.26 8.30
N ALA A 210 -13.68 10.29 7.22
CA ALA A 210 -14.10 9.69 5.96
C ALA A 210 -14.32 8.18 6.05
N ALA A 211 -14.00 7.56 7.19
CA ALA A 211 -14.17 6.12 7.34
C ALA A 211 -15.59 5.73 7.73
N HIS A 212 -16.40 6.67 8.18
CA HIS A 212 -17.79 6.36 8.54
C HIS A 212 -18.60 6.05 7.28
N ASP A 213 -19.45 5.04 7.38
CA ASP A 213 -20.24 4.59 6.23
C ASP A 213 -21.55 5.37 6.13
N THR A 214 -22.31 5.10 5.07
CA THR A 214 -23.49 5.88 4.73
C THR A 214 -24.49 5.90 5.89
N HIS A 215 -24.93 4.73 6.35
CA HIS A 215 -25.92 4.68 7.42
C HIS A 215 -25.36 5.15 8.75
N GLU A 216 -24.03 5.16 8.89
CA GLU A 216 -23.42 5.72 10.10
C GLU A 216 -23.42 7.24 10.05
N VAL A 217 -23.17 7.80 8.86
CA VAL A 217 -23.17 9.26 8.72
C VAL A 217 -24.56 9.82 8.98
N LYS A 218 -25.59 9.15 8.46
CA LYS A 218 -26.96 9.61 8.67
C LYS A 218 -27.32 9.63 10.15
N SER A 219 -26.83 8.65 10.92
CA SER A 219 -27.11 8.63 12.35
C SER A 219 -26.43 9.80 13.07
N MET A 220 -25.18 10.10 12.71
CA MET A 220 -24.45 11.16 13.40
C MET A 220 -25.08 12.52 13.16
N PHE A 221 -25.58 12.77 11.94
CA PHE A 221 -26.20 14.05 11.66
C PHE A 221 -27.65 14.11 12.10
N LYS A 222 -28.30 12.95 12.29
CA LYS A 222 -29.61 12.94 12.92
C LYS A 222 -29.55 13.51 14.33
N HIS A 223 -28.40 13.34 15.01
CA HIS A 223 -28.18 13.79 16.37
C HIS A 223 -27.05 14.82 16.44
N PHE A 224 -26.98 15.72 15.46
CA PHE A 224 -25.81 16.59 15.33
C PHE A 224 -25.67 17.53 16.52
N ASP A 225 -26.65 18.41 16.73
CA ASP A 225 -26.51 19.38 17.83
C ASP A 225 -26.51 18.69 19.19
N ASN A 226 -27.04 17.48 19.29
CA ASN A 226 -26.96 16.75 20.56
C ASN A 226 -25.60 16.09 20.74
N MET A 227 -24.68 16.30 19.80
CA MET A 227 -23.30 15.87 19.91
C MET A 227 -22.33 17.05 19.81
N VAL A 228 -22.84 18.28 19.85
CA VAL A 228 -22.02 19.48 19.79
C VAL A 228 -21.81 19.98 21.21
N TYR A 229 -20.54 20.17 21.58
CA TYR A 229 -20.17 20.61 22.92
C TYR A 229 -19.45 21.95 22.83
N THR A 230 -19.62 22.76 23.89
CA THR A 230 -19.04 24.09 23.97
C THR A 230 -17.93 24.11 25.01
N PHE A 231 -16.85 24.84 24.71
CA PHE A 231 -15.71 24.95 25.61
C PHE A 231 -15.86 26.15 26.55
N THR A 232 -15.31 26.00 27.76
CA THR A 232 -15.35 27.06 28.76
C THR A 232 -13.95 27.30 29.31
N LEU A 233 -13.76 28.49 29.89
CA LEU A 233 -12.46 28.95 30.37
C LEU A 233 -12.51 29.15 31.88
N ASP A 234 -11.34 29.10 32.51
CA ASP A 234 -11.24 29.25 33.95
C ASP A 234 -9.81 29.68 34.29
N ASP A 235 -9.60 30.06 35.55
CA ASP A 235 -8.29 30.52 36.00
C ASP A 235 -7.22 29.45 35.83
N SER A 236 -7.60 28.17 35.97
CA SER A 236 -6.64 27.08 35.83
C SER A 236 -6.19 26.91 34.38
N ALA A 237 -6.94 27.47 33.43
CA ALA A 237 -6.64 27.23 32.01
C ALA A 237 -5.35 27.93 31.60
N LYS A 238 -5.13 29.16 32.07
CA LYS A 238 -4.02 29.97 31.58
C LYS A 238 -2.68 29.29 31.85
N GLU A 239 -2.51 28.68 33.02
CA GLU A 239 -1.26 28.00 33.31
C GLU A 239 -1.14 26.70 32.54
N LEU A 240 -2.25 25.97 32.36
CA LEU A 240 -2.20 24.69 31.68
C LEU A 240 -1.86 24.86 30.20
N PHE A 241 -2.36 25.91 29.56
CA PHE A 241 -1.98 26.18 28.18
C PHE A 241 -0.49 26.46 28.07
N HIS A 242 0.12 27.06 29.10
CA HIS A 242 1.56 27.28 29.09
C HIS A 242 2.30 25.97 29.33
N ILE A 243 1.75 25.08 30.15
CA ILE A 243 2.35 23.78 30.37
C ILE A 243 2.45 23.01 29.06
N TYR A 244 1.31 22.81 28.40
CA TYR A 244 1.25 21.92 27.26
C TYR A 244 1.80 22.56 25.98
N PHE A 245 1.61 23.87 25.81
CA PHE A 245 1.98 24.50 24.55
C PHE A 245 2.87 25.73 24.72
N GLY A 246 3.45 25.93 25.90
CA GLY A 246 4.38 27.02 26.12
C GLY A 246 5.79 26.62 25.73
N GLY A 247 6.73 27.53 26.01
CA GLY A 247 8.10 27.30 25.61
C GLY A 247 8.95 26.51 26.58
N GLU A 248 8.45 26.18 27.77
CA GLU A 248 9.24 25.50 28.79
C GLU A 248 8.83 24.03 28.83
N SER A 249 9.69 23.17 28.25
CA SER A 249 9.46 21.74 28.21
C SER A 249 9.62 21.08 29.58
N GLU A 250 10.28 21.74 30.52
CA GLU A 250 10.45 21.15 31.84
C GLU A 250 9.11 20.88 32.52
N LEU A 251 8.12 21.72 32.23
CA LEU A 251 6.76 21.52 32.81
C LEU A 251 6.16 20.26 32.19
N ARG A 252 6.34 20.08 30.89
CA ARG A 252 5.88 18.86 30.23
C ARG A 252 6.54 17.64 30.86
N LYS A 253 7.83 17.75 31.15
CA LYS A 253 8.51 16.67 31.86
C LYS A 253 7.87 16.40 33.21
N ARG A 254 7.37 17.44 33.88
CA ARG A 254 6.68 17.25 35.15
C ARG A 254 5.29 16.66 34.93
N GLU A 255 4.55 17.20 33.96
CA GLU A 255 3.18 16.76 33.74
C GLU A 255 3.12 15.32 33.24
N LEU A 256 4.09 14.91 32.42
CA LEU A 256 4.07 13.60 31.78
C LEU A 256 4.73 12.51 32.63
N CYS A 257 5.06 12.79 33.89
CA CYS A 257 5.52 11.71 34.76
C CYS A 257 4.38 10.76 35.11
N THR A 258 3.16 11.27 35.22
CA THR A 258 1.99 10.52 35.64
C THR A 258 1.02 10.37 34.49
N GLY A 259 0.19 9.33 34.56
CA GLY A 259 -0.85 9.15 33.58
C GLY A 259 -1.96 10.18 33.73
N VAL A 260 -2.91 10.13 32.79
CA VAL A 260 -4.06 11.03 32.85
C VAL A 260 -4.90 10.70 34.07
N VAL A 261 -5.39 11.75 34.74
CA VAL A 261 -6.28 11.60 35.88
C VAL A 261 -7.71 11.55 35.34
N PRO A 262 -8.37 10.39 35.37
CA PRO A 262 -9.67 10.25 34.70
C PRO A 262 -10.74 11.10 35.34
N LEU A 263 -11.76 11.41 34.53
CA LEU A 263 -12.89 12.21 35.00
C LEU A 263 -13.77 11.38 35.94
N THR A 264 -14.25 12.05 36.99
CA THR A 264 -15.13 11.40 37.95
C THR A 264 -16.52 11.19 37.37
N GLU A 265 -17.29 10.30 38.03
CA GLU A 265 -18.67 10.07 37.62
C GLU A 265 -19.51 11.33 37.73
N THR A 266 -19.17 12.24 38.65
CA THR A 266 -19.88 13.51 38.73
C THR A 266 -19.49 14.43 37.57
N GLN A 267 -18.19 14.50 37.24
CA GLN A 267 -17.75 15.36 36.15
C GLN A 267 -18.27 14.87 34.80
N THR A 268 -18.26 13.54 34.59
CA THR A 268 -18.73 12.99 33.32
C THR A 268 -20.22 13.24 33.12
N GLN A 269 -21.02 12.98 34.15
CA GLN A 269 -22.46 13.18 34.02
C GLN A 269 -22.81 14.66 33.85
N SER A 270 -22.12 15.53 34.56
CA SER A 270 -22.37 16.97 34.44
C SER A 270 -22.05 17.49 33.05
N ILE A 271 -20.93 17.03 32.48
CA ILE A 271 -20.52 17.50 31.15
C ILE A 271 -21.56 17.11 30.10
N HIS A 272 -22.00 15.85 30.12
CA HIS A 272 -22.88 15.37 29.06
C HIS A 272 -24.30 15.92 29.17
N SER A 273 -24.69 16.43 30.35
CA SER A 273 -26.04 16.92 30.53
C SER A 273 -26.23 18.31 29.94
N VAL A 274 -25.20 19.15 30.02
CA VAL A 274 -25.26 20.51 29.47
C VAL A 274 -24.35 20.69 28.26
N ARG A 275 -23.55 19.69 27.91
CA ARG A 275 -22.66 19.74 26.74
C ARG A 275 -21.70 20.92 26.82
N ARG A 276 -20.98 21.01 27.94
CA ARG A 276 -19.95 22.01 28.16
C ARG A 276 -18.68 21.34 28.68
N ILE A 277 -17.54 21.69 28.10
CA ILE A 277 -16.26 21.10 28.49
C ILE A 277 -15.31 22.23 28.89
N PRO A 278 -14.80 22.24 30.12
CA PRO A 278 -13.75 23.19 30.46
C PRO A 278 -12.47 22.90 29.69
N CYS A 279 -11.80 23.97 29.25
CA CYS A 279 -10.54 23.82 28.54
C CYS A 279 -9.51 23.10 29.40
N SER A 280 -9.53 23.37 30.72
CA SER A 280 -8.57 22.74 31.62
C SER A 280 -8.74 21.21 31.65
N LEU A 281 -9.99 20.75 31.63
CA LEU A 281 -10.22 19.31 31.67
C LEU A 281 -9.84 18.65 30.35
N HIS A 282 -10.11 19.32 29.22
CA HIS A 282 -9.74 18.77 27.93
C HIS A 282 -8.22 18.66 27.80
N LEU A 283 -7.48 19.67 28.28
CA LEU A 283 -6.03 19.58 28.27
C LEU A 283 -5.54 18.45 29.17
N GLN A 284 -6.21 18.25 30.30
CA GLN A 284 -5.78 17.24 31.26
C GLN A 284 -6.12 15.83 30.83
N VAL A 285 -7.16 15.67 30.00
CA VAL A 285 -7.59 14.35 29.57
C VAL A 285 -7.20 14.10 28.13
N ASP A 286 -7.79 14.86 27.20
CA ASP A 286 -7.60 14.57 25.78
C ASP A 286 -6.19 14.93 25.32
N THR A 287 -5.76 16.16 25.58
CA THR A 287 -4.44 16.59 25.13
C THR A 287 -3.33 15.79 25.80
N LYS A 288 -3.47 15.54 27.10
CA LYS A 288 -2.44 14.79 27.82
C LYS A 288 -2.34 13.35 27.32
N ALA A 289 -3.49 12.71 27.09
CA ALA A 289 -3.48 11.34 26.57
C ALA A 289 -2.75 11.26 25.25
N TYR A 290 -2.88 12.29 24.41
CA TYR A 290 -2.05 12.37 23.20
C TYR A 290 -0.58 12.46 23.57
N LYS A 291 -0.23 13.38 24.47
CA LYS A 291 1.17 13.65 24.77
C LYS A 291 1.88 12.40 25.28
N LEU A 292 1.22 11.63 26.15
CA LEU A 292 1.79 10.36 26.59
C LEU A 292 1.89 9.37 25.43
N ASP A 293 0.90 9.36 24.54
CA ASP A 293 0.92 8.45 23.41
C ASP A 293 2.05 8.78 22.44
N ALA A 294 2.28 10.08 22.19
CA ALA A 294 3.37 10.46 21.30
C ALA A 294 4.72 9.99 21.82
N ILE A 295 4.87 9.91 23.15
CA ILE A 295 6.09 9.37 23.73
C ILE A 295 6.25 7.90 23.35
N GLU A 296 5.14 7.14 23.42
CA GLU A 296 5.20 5.72 23.05
C GLU A 296 5.50 5.53 21.57
N ARG A 297 5.08 6.47 20.71
CA ARG A 297 5.34 6.33 19.28
C ARG A 297 6.79 6.65 18.94
N GLN A 298 7.36 7.66 19.58
CA GLN A 298 8.61 8.26 19.14
C GLN A 298 9.81 7.88 19.99
N ILE A 299 9.61 7.55 21.26
CA ILE A 299 10.68 7.19 22.17
C ILE A 299 10.75 5.67 22.25
N PRO A 300 11.90 5.05 22.00
CA PRO A 300 11.96 3.60 21.93
C PRO A 300 12.10 2.95 23.30
N ASN A 301 11.74 1.67 23.35
CA ASN A 301 11.85 0.90 24.58
C ASN A 301 13.31 0.56 24.86
N PHE A 302 13.69 0.59 26.15
CA PHE A 302 15.08 0.33 26.50
C PHE A 302 15.45 -1.14 26.40
N LEU A 303 14.48 -2.04 26.23
CA LEU A 303 14.79 -3.45 26.13
C LEU A 303 15.28 -3.82 24.74
N ASP A 304 14.55 -3.41 23.70
CA ASP A 304 14.90 -3.74 22.32
C ASP A 304 15.27 -2.54 21.47
N GLY A 305 15.17 -1.32 21.99
CA GLY A 305 15.56 -0.15 21.24
C GLY A 305 14.66 0.18 20.06
N MET A 306 13.39 -0.23 20.11
CA MET A 306 12.48 -0.02 19.01
C MET A 306 11.30 0.84 19.43
N THR A 307 10.79 1.63 18.49
CA THR A 307 9.52 2.31 18.66
C THR A 307 8.38 1.34 18.33
N ARG A 308 7.15 1.81 18.54
CA ARG A 308 5.99 0.95 18.26
C ARG A 308 5.91 0.60 16.79
N ALA A 309 6.16 1.56 15.91
CA ALA A 309 6.10 1.30 14.47
C ALA A 309 7.17 0.30 14.05
N ARG A 310 8.42 0.53 14.49
CA ARG A 310 9.51 -0.36 14.11
C ARG A 310 9.33 -1.75 14.73
N ARG A 311 8.65 -1.85 15.87
CA ARG A 311 8.36 -3.17 16.43
C ARG A 311 7.24 -3.87 15.66
N LYS A 312 6.20 -3.14 15.29
CA LYS A 312 5.18 -3.70 14.43
C LYS A 312 5.77 -4.12 13.09
N ILE A 313 6.70 -3.33 12.56
CA ILE A 313 7.32 -3.64 11.28
C ILE A 313 8.15 -4.91 11.40
N LEU A 314 8.82 -5.09 12.53
CA LEU A 314 9.59 -6.33 12.75
C LEU A 314 8.65 -7.52 12.93
N ALA A 315 7.68 -7.39 13.84
CA ALA A 315 6.74 -8.49 14.07
C ALA A 315 6.00 -8.87 12.79
N GLY A 316 5.58 -7.88 12.01
CA GLY A 316 4.97 -8.17 10.72
C GLY A 316 5.94 -8.80 9.74
N GLY A 317 7.19 -8.33 9.74
CA GLY A 317 8.21 -8.91 8.88
C GLY A 317 8.43 -10.39 9.14
N VAL A 318 8.49 -10.77 10.42
CA VAL A 318 8.70 -12.18 10.77
C VAL A 318 7.56 -13.04 10.25
N LYS A 319 6.32 -12.51 10.34
CA LYS A 319 5.17 -13.23 9.80
C LYS A 319 5.22 -13.29 8.28
N CYS A 320 5.41 -12.13 7.64
CA CYS A 320 5.35 -12.06 6.19
C CYS A 320 6.46 -12.86 5.53
N PHE A 321 7.70 -12.70 6.02
CA PHE A 321 8.85 -13.36 5.41
C PHE A 321 9.20 -14.68 6.09
N ALA A 322 8.17 -15.43 6.51
CA ALA A 322 8.33 -16.72 7.18
C ALA A 322 8.24 -17.88 6.21
N SER A 323 7.19 -17.90 5.39
CA SER A 323 7.02 -18.96 4.39
C SER A 323 8.10 -18.91 3.32
N ASN A 324 8.53 -17.72 2.92
CA ASN A 324 9.33 -17.61 1.71
C ASN A 324 10.59 -16.77 1.84
N ASN A 325 10.48 -15.60 2.47
CA ASN A 325 11.54 -14.60 2.54
C ASN A 325 11.90 -14.09 1.15
N ARG A 326 11.02 -14.35 0.17
CA ARG A 326 11.11 -13.71 -1.13
C ARG A 326 10.89 -12.21 -0.95
N GLU A 327 11.70 -11.41 -1.63
CA GLU A 327 11.60 -9.97 -1.48
C GLU A 327 10.21 -9.50 -1.88
N ARG A 328 9.76 -8.43 -1.22
CA ARG A 328 8.49 -7.80 -1.52
C ARG A 328 8.70 -6.30 -1.48
N LYS A 329 8.04 -5.59 -2.40
CA LYS A 329 8.19 -4.16 -2.48
C LYS A 329 7.64 -3.48 -1.23
N VAL A 330 8.17 -2.29 -0.94
CA VAL A 330 7.90 -1.63 0.34
C VAL A 330 6.41 -1.35 0.48
N PHE A 331 5.77 -0.82 -0.56
CA PHE A 331 4.35 -0.47 -0.46
C PHE A 331 3.49 -1.71 -0.27
N GLN A 332 3.91 -2.84 -0.83
CA GLN A 332 3.20 -4.10 -0.57
C GLN A 332 3.39 -4.55 0.87
N PHE A 333 4.64 -4.55 1.34
CA PHE A 333 4.93 -4.96 2.71
C PHE A 333 4.23 -4.06 3.73
N GLY A 334 4.27 -2.74 3.50
CA GLY A 334 3.58 -1.82 4.39
C GLY A 334 2.12 -2.18 4.60
N GLY A 335 1.41 -2.48 3.51
CA GLY A 335 0.02 -2.88 3.64
C GLY A 335 -0.15 -4.13 4.48
N TYR A 336 0.71 -5.12 4.27
CA TYR A 336 0.67 -6.33 5.11
C TYR A 336 0.85 -5.98 6.57
N VAL A 337 1.85 -5.15 6.88
CA VAL A 337 2.11 -4.77 8.27
C VAL A 337 0.89 -4.08 8.86
N ALA A 338 0.36 -3.08 8.15
CA ALA A 338 -0.77 -2.31 8.67
C ALA A 338 -1.99 -3.19 8.90
N ASP A 339 -2.14 -4.26 8.10
CA ASP A 339 -3.29 -5.14 8.28
C ASP A 339 -3.08 -6.11 9.43
N HIS A 340 -2.01 -6.91 9.37
CA HIS A 340 -1.85 -7.98 10.36
C HIS A 340 -1.43 -7.41 11.72
N MET A 341 -0.58 -6.38 11.70
CA MET A 341 -0.29 -5.60 12.90
C MET A 341 -1.17 -4.35 12.82
N PHE A 342 -2.10 -4.22 13.76
CA PHE A 342 -3.16 -3.23 13.63
C PHE A 342 -2.58 -1.83 13.77
N TYR A 343 -2.31 -1.22 12.61
CA TYR A 343 -1.69 0.09 12.51
C TYR A 343 -2.78 1.13 12.23
N HIS A 344 -2.96 2.05 13.18
CA HIS A 344 -4.05 3.01 13.15
C HIS A 344 -3.65 4.35 12.53
N HIS A 345 -2.61 4.37 11.70
CA HIS A 345 -2.13 5.65 11.18
C HIS A 345 -1.90 5.60 9.67
N GLY A 346 -1.36 6.67 9.11
CA GLY A 346 -1.24 6.76 7.67
C GLY A 346 -0.14 5.86 7.12
N ASP A 347 -0.36 5.39 5.89
CA ASP A 347 0.60 4.49 5.25
C ASP A 347 1.89 5.20 4.88
N MET A 348 1.87 6.53 4.74
CA MET A 348 3.08 7.27 4.39
C MET A 348 4.13 7.13 5.48
N SER A 349 3.74 7.36 6.74
CA SER A 349 4.68 7.29 7.84
C SER A 349 5.14 5.86 8.11
N LEU A 350 4.34 4.87 7.72
CA LEU A 350 4.74 3.48 7.90
C LEU A 350 5.72 3.04 6.81
N ASN A 351 5.40 3.37 5.55
CA ASN A 351 6.30 3.04 4.45
C ASN A 351 7.67 3.68 4.64
N THR A 352 7.71 4.92 5.15
CA THR A 352 8.99 5.56 5.38
C THR A 352 9.75 4.88 6.52
N SER A 353 9.06 4.53 7.59
CA SER A 353 9.70 3.82 8.70
C SER A 353 10.34 2.52 8.23
N ILE A 354 9.66 1.80 7.32
CA ILE A 354 10.21 0.57 6.79
C ILE A 354 11.52 0.82 6.05
N ILE A 355 11.56 1.88 5.24
CA ILE A 355 12.77 2.19 4.50
C ILE A 355 13.90 2.59 5.46
N LYS A 356 13.58 3.40 6.47
CA LYS A 356 14.59 3.79 7.45
C LYS A 356 15.06 2.58 8.26
N ALA A 357 14.21 1.56 8.41
CA ALA A 357 14.59 0.36 9.15
C ALA A 357 15.52 -0.55 8.36
N ALA A 358 15.57 -0.39 7.04
CA ALA A 358 16.39 -1.24 6.18
C ALA A 358 17.58 -0.51 5.56
N GLN A 359 17.80 0.74 5.92
CA GLN A 359 18.92 1.49 5.37
C GLN A 359 20.21 1.06 6.03
N TYR A 360 21.27 0.92 5.22
CA TYR A 360 22.58 0.49 5.71
C TYR A 360 23.65 1.30 5.00
N TYR A 361 24.13 2.35 5.66
CA TYR A 361 25.20 3.19 5.13
C TYR A 361 25.98 3.76 6.31
N PRO A 362 27.20 4.26 6.08
CA PRO A 362 27.98 4.81 7.20
C PRO A 362 27.29 6.03 7.79
N GLY A 363 26.97 5.94 9.08
CA GLY A 363 26.24 6.98 9.77
C GLY A 363 24.75 6.70 9.89
N SER A 364 24.25 5.64 9.27
CA SER A 364 22.84 5.31 9.35
C SER A 364 22.43 5.02 10.80
N SER A 365 21.12 5.07 11.03
CA SER A 365 20.59 4.82 12.37
C SER A 365 20.92 3.41 12.84
N HIS A 366 21.01 2.45 11.92
CA HIS A 366 21.05 1.04 12.26
C HIS A 366 22.37 0.41 11.83
N LEU A 367 23.15 -0.06 12.79
CA LEU A 367 24.32 -0.89 12.51
C LEU A 367 23.94 -2.32 12.17
N TYR A 368 22.77 -2.76 12.61
CA TYR A 368 22.31 -4.14 12.43
C TYR A 368 20.88 -4.10 11.92
N PRO A 369 20.68 -3.68 10.68
CA PRO A 369 19.31 -3.47 10.18
C PRO A 369 18.48 -4.75 10.20
N VAL A 370 17.18 -4.56 10.46
CA VAL A 370 16.26 -5.67 10.58
C VAL A 370 16.02 -6.33 9.22
N PHE A 371 16.11 -5.56 8.14
CA PHE A 371 15.83 -6.05 6.80
C PHE A 371 17.07 -5.94 5.92
N ILE A 372 17.02 -6.68 4.80
CA ILE A 372 17.93 -6.49 3.69
C ILE A 372 17.26 -5.58 2.66
N GLY A 373 17.98 -4.60 2.18
CA GLY A 373 17.45 -3.65 1.21
C GLY A 373 17.82 -4.05 -0.20
N ILE A 374 16.79 -4.19 -1.04
CA ILE A 374 16.96 -4.56 -2.44
C ILE A 374 16.55 -3.35 -3.28
N GLY A 375 17.53 -2.67 -3.86
CA GLY A 375 17.31 -1.49 -4.66
C GLY A 375 18.15 -0.34 -4.16
N SER A 376 17.82 0.86 -4.64
CA SER A 376 18.49 2.08 -4.20
C SER A 376 17.86 2.55 -2.91
N PHE A 377 18.54 2.31 -1.78
CA PHE A 377 18.02 2.65 -0.47
C PHE A 377 18.66 3.90 0.12
N GLY A 378 19.30 4.72 -0.70
CA GLY A 378 19.84 5.99 -0.25
C GLY A 378 21.30 5.91 0.16
N SER A 379 21.90 7.09 0.30
CA SER A 379 23.33 7.22 0.52
C SER A 379 23.62 8.16 1.68
N ARG A 380 24.77 7.94 2.32
CA ARG A 380 25.25 8.84 3.36
C ARG A 380 25.30 10.29 2.90
N HIS A 381 25.61 10.52 1.62
CA HIS A 381 25.85 11.87 1.14
C HIS A 381 24.62 12.75 1.29
N LEU A 382 23.43 12.16 1.21
CA LEU A 382 22.18 12.87 1.40
C LEU A 382 21.44 12.40 2.66
N GLY A 383 22.12 11.70 3.55
CA GLY A 383 21.52 11.24 4.78
C GLY A 383 20.40 10.25 4.58
N GLY A 384 20.43 9.47 3.51
CA GLY A 384 19.42 8.48 3.24
C GLY A 384 18.14 9.01 2.65
N LYS A 385 18.03 10.31 2.39
CA LYS A 385 16.83 10.87 1.80
C LYS A 385 16.79 10.78 0.29
N ASP A 386 17.81 10.20 -0.33
CA ASP A 386 17.83 9.98 -1.76
C ASP A 386 17.43 8.56 -2.12
N ALA A 387 16.70 7.89 -1.24
CA ALA A 387 16.22 6.56 -1.53
C ALA A 387 15.10 6.60 -2.57
N GLY A 388 14.91 5.47 -3.24
CA GLY A 388 13.85 5.38 -4.22
C GLY A 388 12.47 5.41 -3.59
N SER A 389 11.48 5.70 -4.43
CA SER A 389 10.11 5.66 -3.98
C SER A 389 9.72 4.24 -3.60
N PRO A 390 8.80 4.08 -2.63
CA PRO A 390 8.41 2.73 -2.19
C PRO A 390 7.86 1.84 -3.31
N ARG A 391 7.57 2.38 -4.50
CA ARG A 391 7.02 1.55 -5.57
C ARG A 391 8.08 0.65 -6.20
N TYR A 392 9.35 1.03 -6.14
CA TYR A 392 10.41 0.25 -6.79
C TYR A 392 11.16 -0.66 -5.83
N ILE A 393 11.59 -0.14 -4.69
CA ILE A 393 12.53 -0.85 -3.84
C ILE A 393 11.78 -1.87 -2.99
N SER A 394 12.48 -2.96 -2.67
CA SER A 394 11.89 -4.08 -1.95
C SER A 394 12.76 -4.40 -0.75
N VAL A 395 12.14 -4.99 0.27
CA VAL A 395 12.85 -5.43 1.47
C VAL A 395 12.78 -6.95 1.55
N GLN A 396 13.57 -7.48 2.48
CA GLN A 396 13.73 -8.91 2.66
C GLN A 396 14.34 -9.12 4.03
N LEU A 397 13.75 -10.01 4.82
CA LEU A 397 14.16 -10.13 6.21
C LEU A 397 15.61 -10.60 6.32
N ALA A 398 16.37 -9.95 7.20
CA ALA A 398 17.73 -10.38 7.53
C ALA A 398 17.62 -11.56 8.50
N SER A 399 17.11 -12.67 7.96
CA SER A 399 16.58 -13.75 8.79
C SER A 399 17.64 -14.38 9.68
N GLU A 400 18.88 -14.47 9.21
CA GLU A 400 19.94 -15.04 10.04
C GLU A 400 20.16 -14.22 11.29
N PHE A 401 20.19 -12.89 11.17
CA PHE A 401 20.36 -12.03 12.33
C PHE A 401 19.13 -12.09 13.24
N ILE A 402 17.93 -12.00 12.66
CA ILE A 402 16.71 -11.97 13.47
C ILE A 402 16.52 -13.29 14.21
N LYS A 403 16.80 -14.41 13.55
CA LYS A 403 16.58 -15.71 14.18
C LYS A 403 17.49 -15.91 15.38
N THR A 404 18.65 -15.26 15.38
CA THR A 404 19.59 -15.36 16.51
C THR A 404 19.38 -14.26 17.52
N MET A 405 19.10 -13.03 17.06
CA MET A 405 18.95 -11.91 17.98
C MET A 405 17.61 -11.98 18.72
N PHE A 406 16.55 -12.39 18.04
CA PHE A 406 15.22 -12.54 18.63
C PHE A 406 14.81 -14.00 18.48
N PRO A 407 15.16 -14.85 19.44
CA PRO A 407 14.83 -16.28 19.31
C PRO A 407 13.32 -16.50 19.18
N ALA A 408 12.96 -17.42 18.27
CA ALA A 408 11.55 -17.70 18.02
C ALA A 408 10.88 -18.30 19.25
N GLU A 409 11.59 -19.19 19.96
CA GLU A 409 11.06 -19.79 21.18
C GLU A 409 10.63 -18.73 22.19
N ASP A 410 11.43 -17.67 22.34
CA ASP A 410 11.15 -16.64 23.33
C ASP A 410 9.86 -15.88 23.03
N SER A 411 9.51 -15.72 21.75
CA SER A 411 8.42 -14.83 21.38
C SER A 411 7.07 -15.31 21.92
N TRP A 412 6.90 -16.61 22.09
CA TRP A 412 5.66 -17.12 22.68
C TRP A 412 5.45 -16.62 24.10
N LEU A 413 6.53 -16.26 24.80
CA LEU A 413 6.49 -15.93 26.21
C LEU A 413 6.43 -14.44 26.49
N LEU A 414 6.53 -13.61 25.45
CA LEU A 414 6.49 -12.17 25.64
C LEU A 414 5.07 -11.72 25.99
N PRO A 415 4.94 -10.57 26.65
CA PRO A 415 3.61 -9.97 26.81
C PRO A 415 3.22 -9.25 25.52
N TYR A 416 1.92 -9.29 25.20
CA TYR A 416 1.46 -8.87 23.89
C TYR A 416 0.47 -7.73 24.00
N VAL A 417 0.53 -6.83 23.01
CA VAL A 417 -0.42 -5.75 22.86
C VAL A 417 -1.65 -6.26 22.12
N PHE A 418 -2.83 -5.84 22.55
CA PHE A 418 -4.07 -6.24 21.90
C PHE A 418 -4.75 -5.00 21.33
N GLU A 419 -4.81 -4.94 20.00
CA GLU A 419 -5.44 -3.84 19.29
C GLU A 419 -6.69 -4.35 18.59
N ASP A 420 -7.77 -3.56 18.65
CA ASP A 420 -9.06 -3.94 18.07
C ASP A 420 -9.54 -5.29 18.61
N GLY A 421 -9.21 -5.60 19.86
CA GLY A 421 -9.60 -6.86 20.46
C GLY A 421 -8.85 -8.08 20.00
N GLN A 422 -7.71 -7.91 19.33
CA GLN A 422 -6.95 -9.01 18.77
C GLN A 422 -5.48 -8.86 19.11
N ARG A 423 -4.77 -9.98 19.14
CA ARG A 423 -3.35 -9.95 19.47
C ARG A 423 -2.56 -9.32 18.32
N ALA A 424 -1.63 -8.44 18.67
CA ALA A 424 -0.81 -7.77 17.67
C ALA A 424 0.67 -8.01 17.93
N GLU A 425 1.46 -6.95 17.93
CA GLU A 425 2.88 -7.07 18.24
C GLU A 425 3.07 -7.19 19.75
N PRO A 426 4.19 -7.75 20.20
CA PRO A 426 4.46 -7.79 21.64
C PRO A 426 4.67 -6.40 22.20
N GLU A 427 4.46 -6.29 23.52
CA GLU A 427 4.80 -5.04 24.21
C GLU A 427 6.29 -4.73 24.06
N TYR A 428 7.13 -5.76 24.12
CA TYR A 428 8.57 -5.58 23.93
C TYR A 428 9.20 -6.91 23.55
N TYR A 429 10.26 -6.83 22.77
CA TYR A 429 11.16 -7.95 22.56
C TYR A 429 12.29 -7.89 23.59
N VAL A 430 12.89 -9.05 23.86
CA VAL A 430 14.04 -9.11 24.75
C VAL A 430 15.18 -9.76 23.99
N PRO A 431 15.98 -9.00 23.25
CA PRO A 431 17.02 -9.61 22.42
C PRO A 431 18.14 -10.20 23.27
N VAL A 432 18.96 -11.04 22.63
CA VAL A 432 20.03 -11.73 23.34
C VAL A 432 21.10 -10.74 23.79
N LEU A 433 21.28 -9.66 23.06
CA LEU A 433 22.19 -8.59 23.44
C LEU A 433 21.41 -7.29 23.59
N PRO A 434 21.88 -6.37 24.44
CA PRO A 434 21.10 -5.15 24.70
C PRO A 434 21.06 -4.22 23.49
N LEU A 435 20.02 -4.36 22.66
CA LEU A 435 19.99 -3.71 21.37
C LEU A 435 19.74 -2.21 21.47
N ALA A 436 19.22 -1.72 22.61
CA ALA A 436 18.91 -0.30 22.72
C ALA A 436 20.16 0.57 22.80
N ILE A 437 21.30 -0.02 23.14
CA ILE A 437 22.56 0.72 23.24
C ILE A 437 23.51 0.35 22.11
N MET A 438 23.05 -0.42 21.12
CA MET A 438 23.91 -0.91 20.05
C MET A 438 23.73 -0.16 18.73
N GLU A 439 22.75 0.71 18.63
CA GLU A 439 22.48 1.44 17.39
C GLU A 439 22.45 2.94 17.68
N TYR A 440 22.28 3.71 16.61
CA TYR A 440 22.17 5.16 16.69
C TYR A 440 20.72 5.60 16.61
N GLY A 441 20.40 6.66 17.35
CA GLY A 441 19.06 7.22 17.32
C GLY A 441 19.11 8.69 17.65
N ALA A 442 18.18 9.44 17.07
CA ALA A 442 18.06 10.88 17.34
C ALA A 442 16.76 11.45 16.79
N ASN A 443 15.75 11.60 17.65
CA ASN A 443 14.50 12.25 17.26
C ASN A 443 13.90 12.91 18.50
N PRO A 444 13.10 13.95 18.31
CA PRO A 444 12.37 14.55 19.44
C PRO A 444 11.05 13.86 19.71
N SER A 445 10.41 14.28 20.81
CA SER A 445 9.09 13.82 21.19
C SER A 445 8.43 14.88 22.07
N GLU A 446 7.38 14.51 22.78
CA GLU A 446 6.73 15.41 23.73
C GLU A 446 7.53 15.41 25.03
N GLY A 447 8.07 16.57 25.40
CA GLY A 447 8.79 16.68 26.67
C GLY A 447 10.25 16.25 26.67
N TRP A 448 10.56 15.10 26.07
CA TRP A 448 11.91 14.56 26.09
C TRP A 448 12.42 14.40 24.67
N LYS A 449 13.74 14.55 24.52
CA LYS A 449 14.44 14.22 23.28
C LYS A 449 15.12 12.88 23.43
N TYR A 450 15.32 12.20 22.30
CA TYR A 450 15.98 10.90 22.26
C TYR A 450 17.22 11.00 21.39
N THR A 451 18.35 10.53 21.93
CA THR A 451 19.60 10.52 21.18
C THR A 451 20.51 9.44 21.76
N THR A 452 20.97 8.53 20.90
CA THR A 452 21.92 7.50 21.30
C THR A 452 23.02 7.38 20.26
N TRP A 453 24.22 7.07 20.72
CA TRP A 453 25.36 6.77 19.87
C TRP A 453 25.81 5.36 20.18
N ALA A 454 25.86 4.51 19.15
CA ALA A 454 26.06 3.07 19.35
C ALA A 454 27.33 2.78 20.15
N ARG A 455 27.20 1.87 21.11
CA ARG A 455 28.35 1.43 21.89
C ARG A 455 29.15 0.37 21.15
N GLN A 456 30.43 0.29 21.47
CA GLN A 456 31.33 -0.65 20.81
C GLN A 456 30.85 -2.09 21.02
N LEU A 457 30.88 -2.87 19.95
CA LEU A 457 30.37 -4.24 20.00
C LEU A 457 31.22 -5.12 20.92
N GLU A 458 32.55 -5.00 20.84
CA GLU A 458 33.41 -5.87 21.64
C GLU A 458 33.31 -5.54 23.14
N ASP A 459 33.00 -4.29 23.49
CA ASP A 459 32.80 -3.97 24.90
C ASP A 459 31.52 -4.60 25.43
N ILE A 460 30.44 -4.53 24.65
CA ILE A 460 29.17 -5.15 25.03
C ILE A 460 29.36 -6.65 25.24
N LEU A 461 30.08 -7.30 24.33
CA LEU A 461 30.29 -8.74 24.43
C LEU A 461 31.03 -9.10 25.71
N ALA A 462 32.16 -8.44 25.95
CA ALA A 462 32.95 -8.71 27.15
C ALA A 462 32.11 -8.55 28.42
N LEU A 463 31.35 -7.46 28.50
CA LEU A 463 30.55 -7.19 29.70
C LEU A 463 29.43 -8.22 29.87
N VAL A 464 28.64 -8.43 28.82
CA VAL A 464 27.52 -9.38 28.92
C VAL A 464 28.03 -10.79 29.16
N ARG A 465 29.10 -11.19 28.45
CA ARG A 465 29.64 -12.54 28.60
C ARG A 465 30.17 -12.76 30.01
N ALA A 466 30.82 -11.75 30.59
CA ALA A 466 31.35 -11.89 31.94
C ALA A 466 30.23 -12.00 32.97
N TYR A 467 29.07 -11.39 32.69
CA TYR A 467 27.95 -11.48 33.61
C TYR A 467 27.36 -12.88 33.66
N VAL A 468 27.46 -13.63 32.56
CA VAL A 468 26.78 -14.92 32.44
C VAL A 468 27.76 -16.08 32.59
N ASP A 469 28.97 -15.97 32.03
CA ASP A 469 29.93 -17.05 32.08
C ASP A 469 30.62 -17.05 33.44
N LYS A 470 30.32 -18.06 34.26
CA LYS A 470 30.96 -18.17 35.56
C LYS A 470 32.45 -18.46 35.43
N ASP A 471 32.86 -19.18 34.39
CA ASP A 471 34.26 -19.53 34.22
C ASP A 471 35.08 -18.33 33.73
N ASN A 472 34.42 -17.28 33.25
CA ASN A 472 35.10 -16.05 32.92
C ASN A 472 35.76 -15.50 34.18
N PRO A 473 36.99 -14.99 34.08
CA PRO A 473 37.67 -14.48 35.30
C PRO A 473 36.87 -13.47 36.11
N LYS A 474 36.10 -12.60 35.45
CA LYS A 474 35.42 -11.49 36.10
C LYS A 474 34.06 -11.83 36.72
N HIS A 475 33.70 -13.11 36.84
CA HIS A 475 32.32 -13.45 37.20
C HIS A 475 32.01 -13.11 38.65
N GLU A 476 32.82 -13.59 39.60
CA GLU A 476 32.73 -13.09 40.97
C GLU A 476 32.59 -11.59 41.00
N LEU A 477 33.53 -10.93 40.31
CA LEU A 477 33.82 -9.53 40.56
C LEU A 477 32.79 -8.60 39.94
N LEU A 478 32.26 -8.94 38.77
CA LEU A 478 31.29 -8.05 38.12
C LEU A 478 30.01 -7.95 38.93
N HIS A 479 29.49 -9.08 39.40
CA HIS A 479 28.28 -9.05 40.21
C HIS A 479 28.48 -8.26 41.49
N TYR A 480 29.66 -8.35 42.10
CA TYR A 480 29.95 -7.55 43.28
C TYR A 480 29.96 -6.06 42.95
N ALA A 481 30.43 -5.70 41.76
CA ALA A 481 30.51 -4.30 41.37
C ALA A 481 29.14 -3.72 41.07
N ILE A 482 28.28 -4.51 40.41
CA ILE A 482 26.97 -4.01 40.01
C ILE A 482 26.09 -3.74 41.24
N LYS A 483 26.18 -4.59 42.26
CA LYS A 483 25.40 -4.38 43.47
C LYS A 483 25.73 -3.07 44.16
N HIS A 484 26.98 -2.61 44.05
CA HIS A 484 27.40 -1.37 44.69
C HIS A 484 27.59 -0.23 43.69
N LYS A 485 27.11 -0.41 42.47
CA LYS A 485 27.15 0.58 41.39
C LYS A 485 28.46 1.35 41.36
N ILE A 486 29.51 0.58 41.08
CA ILE A 486 30.82 1.08 40.71
C ILE A 486 31.24 0.23 39.52
N THR A 487 31.46 0.88 38.38
CA THR A 487 31.65 0.17 37.12
C THR A 487 33.14 0.04 36.82
N ILE A 488 33.53 -1.14 36.33
CA ILE A 488 34.93 -1.43 36.08
C ILE A 488 35.24 -1.63 34.60
N LEU A 489 34.26 -2.02 33.78
CA LEU A 489 34.56 -2.31 32.40
C LEU A 489 34.00 -1.19 31.52
N PRO A 490 34.59 -0.96 30.35
CA PRO A 490 34.17 0.17 29.53
C PRO A 490 33.06 -0.17 28.55
N LEU A 491 32.27 0.86 28.25
CA LEU A 491 31.29 0.86 27.17
C LEU A 491 31.61 2.10 26.35
N ARG A 492 32.53 1.96 25.41
CA ARG A 492 32.99 3.09 24.62
C ARG A 492 32.20 3.21 23.32
N PRO A 493 32.18 4.40 22.71
CA PRO A 493 31.49 4.55 21.43
C PRO A 493 32.10 3.65 20.36
N SER A 494 31.23 3.18 19.46
CA SER A 494 31.64 2.29 18.39
C SER A 494 32.44 3.04 17.32
N ASN A 495 33.35 2.32 16.68
CA ASN A 495 34.19 2.86 15.61
C ASN A 495 33.86 2.25 14.25
N TYR A 496 32.89 1.36 14.17
CA TYR A 496 32.58 0.70 12.90
C TYR A 496 32.08 1.69 11.86
N ASN A 497 32.50 1.49 10.61
CA ASN A 497 32.13 2.35 9.49
C ASN A 497 32.62 3.78 9.66
N PHE A 498 33.72 3.94 10.41
CA PHE A 498 34.28 5.25 10.71
C PHE A 498 35.75 5.26 10.32
N LYS A 499 36.12 6.16 9.41
CA LYS A 499 37.51 6.34 9.03
C LYS A 499 38.19 7.41 9.87
N GLY A 500 37.58 7.84 10.97
CA GLY A 500 38.15 8.84 11.86
C GLY A 500 38.51 8.30 13.22
N HIS A 501 38.74 9.24 14.15
CA HIS A 501 39.08 8.93 15.53
C HIS A 501 38.14 9.66 16.48
N LEU A 502 38.21 9.28 17.76
CA LEU A 502 37.36 9.81 18.81
C LEU A 502 38.17 10.20 20.03
N LYS A 503 37.73 11.24 20.72
CA LYS A 503 38.40 11.74 21.92
C LYS A 503 37.37 12.01 23.01
N ARG A 504 37.86 12.01 24.26
CA ARG A 504 37.01 12.17 25.44
C ARG A 504 37.61 13.26 26.31
N PHE A 505 36.87 14.36 26.48
CA PHE A 505 37.35 15.52 27.23
C PHE A 505 36.33 15.92 28.28
N GLY A 506 36.68 15.72 29.55
CA GLY A 506 35.75 16.11 30.59
C GLY A 506 34.55 15.20 30.71
N GLN A 507 33.38 15.68 30.26
CA GLN A 507 32.18 14.88 30.27
C GLN A 507 31.61 14.57 28.89
N TYR A 508 32.31 14.91 27.80
CA TYR A 508 31.84 14.57 26.47
C TYR A 508 32.89 13.81 25.66
N TYR A 509 32.39 12.87 24.85
CA TYR A 509 33.17 12.27 23.77
C TYR A 509 32.95 13.11 22.52
N TYR A 510 33.98 13.22 21.69
CA TYR A 510 33.89 14.03 20.47
C TYR A 510 34.30 13.21 19.25
N SER A 511 33.83 13.66 18.09
CA SER A 511 34.05 12.98 16.82
C SER A 511 34.94 13.83 15.92
N TYR A 512 35.88 13.17 15.24
CA TYR A 512 36.91 13.85 14.46
C TYR A 512 36.97 13.28 13.05
N GLY A 513 37.04 14.17 12.06
CA GLY A 513 37.29 13.80 10.69
C GLY A 513 38.77 13.56 10.41
N THR A 514 39.08 13.39 9.13
CA THR A 514 40.44 13.16 8.67
C THR A 514 40.71 14.04 7.45
N TYR A 515 41.93 14.56 7.35
CA TYR A 515 42.31 15.48 6.28
C TYR A 515 43.77 15.26 5.93
N ASP A 516 44.13 15.60 4.69
CA ASP A 516 45.52 15.52 4.22
C ASP A 516 45.91 16.78 3.47
N ILE A 517 47.02 17.40 3.88
CA ILE A 517 47.55 18.57 3.21
C ILE A 517 48.56 18.16 2.16
N SER A 518 48.76 19.01 1.16
CA SER A 518 49.73 18.77 0.10
C SER A 518 50.25 20.11 -0.38
N GLU A 519 51.55 20.31 -0.24
CA GLU A 519 52.21 21.59 -0.44
C GLU A 519 52.61 21.82 -1.89
N GLN A 520 52.67 20.78 -2.72
CA GLN A 520 52.98 20.96 -4.14
C GLN A 520 51.88 21.70 -4.89
N ARG A 521 50.62 21.65 -4.45
CA ARG A 521 49.58 22.29 -5.24
C ARG A 521 48.31 22.72 -4.50
N ASN A 522 48.46 23.25 -3.28
CA ASN A 522 47.37 23.92 -2.55
C ASN A 522 46.06 23.12 -2.54
N ILE A 523 46.07 21.95 -1.93
CA ILE A 523 44.85 21.16 -1.80
C ILE A 523 44.81 20.53 -0.41
N ILE A 524 43.62 20.49 0.17
CA ILE A 524 43.30 19.67 1.32
C ILE A 524 42.28 18.64 0.88
N THR A 525 42.59 17.36 1.09
CA THR A 525 41.68 16.28 0.75
C THR A 525 41.03 15.78 2.03
N ILE A 526 39.73 16.00 2.16
CA ILE A 526 38.97 15.50 3.30
C ILE A 526 38.56 14.08 2.97
N THR A 527 38.95 13.13 3.83
CA THR A 527 38.65 11.73 3.60
C THR A 527 37.70 11.15 4.64
N GLU A 528 37.23 11.97 5.59
CA GLU A 528 36.22 11.52 6.52
C GLU A 528 35.63 12.72 7.26
N LEU A 529 34.33 12.66 7.50
CA LEU A 529 33.60 13.62 8.31
C LEU A 529 33.16 12.96 9.61
N PRO A 530 32.83 13.73 10.65
CA PRO A 530 32.40 13.13 11.92
C PRO A 530 31.12 12.33 11.77
N LEU A 531 30.80 11.56 12.81
CA LEU A 531 29.69 10.62 12.77
C LEU A 531 28.38 11.28 12.37
N ARG A 532 27.71 10.66 11.40
CA ARG A 532 26.34 10.97 11.00
C ARG A 532 26.21 12.29 10.26
N VAL A 533 27.31 12.85 9.78
CA VAL A 533 27.29 14.11 9.05
C VAL A 533 27.11 13.79 7.56
N PRO A 534 26.04 14.25 6.92
CA PRO A 534 25.87 13.99 5.49
C PRO A 534 26.78 14.86 4.65
N THR A 535 27.32 14.26 3.58
CA THR A 535 28.34 14.94 2.78
C THR A 535 27.80 16.21 2.14
N VAL A 536 26.64 16.13 1.49
CA VAL A 536 26.13 17.27 0.71
C VAL A 536 25.88 18.46 1.62
N ALA A 537 25.25 18.22 2.77
CA ALA A 537 25.00 19.31 3.71
C ALA A 537 26.30 19.93 4.22
N TYR A 538 27.32 19.10 4.43
CA TYR A 538 28.62 19.61 4.85
C TYR A 538 29.19 20.57 3.82
N ILE A 539 29.23 20.15 2.55
CA ILE A 539 29.76 20.99 1.49
C ILE A 539 28.98 22.29 1.42
N GLU A 540 27.65 22.18 1.38
CA GLU A 540 26.78 23.35 1.42
C GLU A 540 27.09 24.27 2.60
N SER A 541 27.15 23.69 3.81
CA SER A 541 27.38 24.49 5.01
C SER A 541 28.73 25.19 4.99
N ILE A 542 29.73 24.60 4.34
CA ILE A 542 31.05 25.23 4.32
C ILE A 542 31.06 26.41 3.36
N LYS A 543 30.47 26.25 2.17
CA LYS A 543 30.42 27.34 1.21
C LYS A 543 29.50 28.46 1.64
N LYS A 544 28.64 28.22 2.63
CA LYS A 544 27.79 29.24 3.22
C LYS A 544 28.51 30.11 4.23
N SER A 545 29.81 29.89 4.43
CA SER A 545 30.64 30.72 5.31
C SER A 545 31.48 31.72 4.51
N SER A 546 31.20 33.01 4.70
CA SER A 546 32.04 34.04 4.09
C SER A 546 33.43 34.09 4.71
N ASN A 547 33.56 33.75 6.00
CA ASN A 547 34.87 33.77 6.64
C ASN A 547 35.81 32.81 5.94
N ARG A 548 35.40 31.54 5.84
CA ARG A 548 36.23 30.51 5.24
C ARG A 548 36.35 30.72 3.74
N MET A 549 35.21 30.95 3.06
CA MET A 549 35.24 31.07 1.59
C MET A 549 36.09 32.23 1.12
N THR A 550 36.49 33.13 2.02
CA THR A 550 37.49 34.13 1.70
C THR A 550 38.73 33.48 1.12
N PHE A 551 39.12 32.33 1.67
CA PHE A 551 40.35 31.67 1.27
C PHE A 551 40.15 30.44 0.39
N ILE A 552 38.92 30.04 0.06
CA ILE A 552 38.70 28.92 -0.86
C ILE A 552 38.24 29.46 -2.21
N GLU A 553 38.82 28.93 -3.28
CA GLU A 553 38.39 29.26 -4.63
C GLU A 553 37.46 28.22 -5.24
N GLU A 554 37.64 26.94 -4.89
CA GLU A 554 36.73 25.90 -5.36
C GLU A 554 36.70 24.76 -4.33
N ILE A 555 35.57 24.05 -4.30
CA ILE A 555 35.43 22.80 -3.57
C ILE A 555 34.91 21.76 -4.54
N ILE A 556 35.59 20.61 -4.62
CA ILE A 556 35.22 19.54 -5.54
C ILE A 556 35.05 18.25 -4.76
N ASP A 557 34.01 17.49 -5.12
CA ASP A 557 33.62 16.26 -4.42
C ASP A 557 33.96 15.08 -5.32
N TYR A 558 34.94 14.28 -4.91
CA TYR A 558 35.32 13.07 -5.63
C TYR A 558 35.05 11.81 -4.82
N SER A 559 34.14 11.88 -3.85
CA SER A 559 33.83 10.76 -2.99
C SER A 559 33.20 9.62 -3.80
N SER A 560 33.40 8.40 -3.32
CA SER A 560 32.75 7.25 -3.90
C SER A 560 31.40 7.06 -3.19
N SER A 561 30.73 5.94 -3.44
CA SER A 561 29.37 5.76 -2.96
C SER A 561 29.31 5.75 -1.44
N GLU A 562 30.15 4.93 -0.80
CA GLU A 562 30.22 4.87 0.65
C GLU A 562 31.38 5.66 1.26
N THR A 563 32.37 6.08 0.48
CA THR A 563 33.55 6.74 1.02
C THR A 563 33.41 8.26 0.87
N ILE A 564 34.44 8.98 1.31
CA ILE A 564 34.47 10.44 1.30
C ILE A 564 35.80 10.91 0.75
N GLU A 565 35.76 11.86 -0.20
CA GLU A 565 36.97 12.45 -0.74
C GLU A 565 36.62 13.84 -1.31
N ILE A 566 36.83 14.88 -0.50
CA ILE A 566 36.55 16.25 -0.90
C ILE A 566 37.87 17.00 -1.05
N LEU A 567 38.16 17.45 -2.28
CA LEU A 567 39.34 18.25 -2.56
C LEU A 567 39.02 19.73 -2.38
N VAL A 568 39.83 20.43 -1.58
CA VAL A 568 39.61 21.84 -1.24
C VAL A 568 40.84 22.62 -1.67
N LYS A 569 40.65 23.45 -2.70
CA LYS A 569 41.76 24.28 -3.21
C LYS A 569 41.79 25.58 -2.43
N LEU A 570 42.77 25.73 -1.54
CA LEU A 570 42.92 27.00 -0.79
C LEU A 570 43.42 28.08 -1.76
N PRO A 572 46.05 31.33 -3.17
CA PRO A 572 47.44 31.66 -2.84
C PRO A 572 47.75 31.23 -1.40
N ASN A 573 49.03 31.28 -1.02
CA ASN A 573 49.45 30.88 0.34
C ASN A 573 48.58 31.61 1.36
N SER A 574 47.62 30.91 1.95
CA SER A 574 46.72 31.53 2.95
C SER A 574 46.65 30.65 4.20
N LEU A 575 47.27 29.48 4.13
CA LEU A 575 47.20 28.53 5.27
C LEU A 575 47.58 29.26 6.55
N ASN A 576 48.57 30.16 6.48
CA ASN A 576 49.05 30.85 7.70
C ASN A 576 47.88 31.61 8.33
N ARG A 577 47.11 32.32 7.52
CA ARG A 577 46.02 33.15 8.08
C ARG A 577 45.06 32.24 8.83
N ILE A 578 44.70 31.11 8.23
CA ILE A 578 43.72 30.23 8.88
C ILE A 578 44.10 30.01 10.34
N VAL A 579 45.37 29.70 10.60
CA VAL A 579 45.80 29.47 11.97
C VAL A 579 45.65 30.74 12.80
N GLU A 580 45.90 31.89 12.19
CA GLU A 580 45.75 33.17 12.89
C GLU A 580 44.29 33.56 13.03
N GLU A 581 43.51 33.45 11.95
CA GLU A 581 42.11 33.85 11.98
C GLU A 581 41.28 32.98 12.90
N PHE A 582 41.67 31.73 13.13
CA PHE A 582 40.99 30.78 13.99
C PHE A 582 41.85 30.57 15.24
N LYS A 583 41.76 29.38 15.86
CA LYS A 583 42.46 29.19 17.14
C LYS A 583 42.77 27.70 17.37
N GLU A 584 43.94 27.39 17.94
CA GLU A 584 44.30 25.95 18.06
C GLU A 584 44.30 25.52 19.52
N THR A 585 43.64 24.42 19.85
CA THR A 585 43.62 23.93 21.25
C THR A 585 43.95 22.44 21.31
N GLU A 586 43.96 21.86 22.52
CA GLU A 586 44.26 20.43 22.70
C GLU A 586 42.99 19.63 22.41
N GLU A 587 41.94 20.35 22.01
CA GLU A 587 40.65 19.68 21.76
C GLU A 587 40.35 19.77 20.26
N GLN A 588 41.04 20.67 19.55
CA GLN A 588 40.72 20.86 18.11
C GLN A 588 41.82 21.64 17.40
N ASP A 589 42.31 21.09 16.29
CA ASP A 589 43.32 21.81 15.46
C ASP A 589 42.61 22.98 14.79
N SER A 590 43.36 23.99 14.35
CA SER A 590 42.74 25.18 13.73
C SER A 590 42.30 24.80 12.32
N ILE A 591 43.04 23.88 11.71
CA ILE A 591 42.71 23.39 10.38
C ILE A 591 41.48 22.51 10.50
N GLU A 592 41.27 21.97 11.69
CA GLU A 592 40.08 21.22 12.07
C GLU A 592 38.97 22.15 12.56
N ASN A 593 39.31 23.38 12.95
CA ASN A 593 38.31 24.44 13.12
C ASN A 593 37.91 25.03 11.78
N PHE A 594 38.87 25.18 10.88
CA PHE A 594 38.60 25.79 9.56
C PHE A 594 37.56 24.96 8.80
N LEU A 595 37.56 23.64 8.96
CA LEU A 595 36.65 22.80 8.12
C LEU A 595 35.64 22.07 8.99
N ARG A 596 35.41 22.52 10.22
CA ARG A 596 34.35 21.92 11.08
C ARG A 596 34.42 20.40 11.02
N LEU A 597 35.58 19.83 11.35
CA LEU A 597 35.75 18.37 11.27
C LEU A 597 35.59 17.80 12.68
N ARG A 598 34.87 18.54 13.52
CA ARG A 598 34.68 18.09 14.92
C ARG A 598 33.18 17.99 15.23
N ASN A 599 32.80 17.04 16.08
CA ASN A 599 31.37 16.84 16.40
C ASN A 599 31.27 16.39 17.86
N CYS A 600 30.24 16.83 18.56
CA CYS A 600 30.09 16.45 19.95
C CYS A 600 28.99 15.40 20.09
N LEU A 601 29.32 14.30 20.76
CA LEU A 601 28.37 13.20 20.96
C LEU A 601 27.46 13.50 22.15
N HIS A 602 26.53 14.43 21.92
CA HIS A 602 25.49 14.70 22.90
C HIS A 602 24.52 13.52 22.93
N SER A 603 24.28 13.00 24.13
CA SER A 603 23.38 11.86 24.31
C SER A 603 22.19 12.27 25.16
N HIS A 604 21.02 11.71 24.85
CA HIS A 604 19.79 11.93 25.61
C HIS A 604 19.13 10.57 25.82
N LEU A 605 19.54 9.89 26.89
CA LEU A 605 19.15 8.50 27.14
C LEU A 605 17.80 8.47 27.84
N ASN A 606 16.74 8.70 27.07
CA ASN A 606 15.37 8.64 27.55
C ASN A 606 14.62 7.57 26.77
N PHE A 607 14.02 6.63 27.50
CA PHE A 607 13.39 5.45 26.91
C PHE A 607 11.99 5.24 27.51
N VAL A 608 11.31 4.21 27.02
CA VAL A 608 9.98 3.83 27.47
C VAL A 608 10.07 2.56 28.33
N LYS A 609 9.17 2.47 29.33
CA LYS A 609 9.14 1.36 30.28
C LYS A 609 8.37 0.17 29.69
N PRO A 610 8.64 -1.05 30.16
CA PRO A 610 7.86 -2.20 29.68
C PRO A 610 6.35 -2.10 29.90
N LYS A 611 5.91 -1.68 31.09
CA LYS A 611 4.48 -1.53 31.33
C LYS A 611 3.96 -0.17 30.85
N GLY A 612 4.83 0.71 30.40
CA GLY A 612 4.44 1.99 29.84
C GLY A 612 4.90 3.14 30.71
N GLY A 613 5.44 4.17 30.07
CA GLY A 613 5.92 5.36 30.73
C GLY A 613 7.31 5.74 30.27
N ILE A 614 7.73 6.92 30.71
CA ILE A 614 9.06 7.43 30.41
C ILE A 614 10.01 7.01 31.52
N ILE A 615 11.29 6.84 31.15
CA ILE A 615 12.36 6.60 32.10
C ILE A 615 13.62 7.29 31.59
N GLU A 616 14.31 7.99 32.48
CA GLU A 616 15.54 8.69 32.13
C GLU A 616 16.75 7.92 32.65
N PHE A 617 17.72 7.69 31.78
CA PHE A 617 18.97 7.05 32.16
C PHE A 617 20.09 8.08 32.13
N ASN A 618 21.09 7.86 32.98
CA ASN A 618 22.24 8.76 33.06
C ASN A 618 23.45 8.26 32.28
N SER A 619 23.58 6.95 32.11
CA SER A 619 24.69 6.38 31.36
C SER A 619 24.20 5.14 30.64
N TYR A 620 25.01 4.66 29.69
CA TYR A 620 24.68 3.44 28.97
C TYR A 620 24.81 2.20 29.84
N TYR A 621 25.55 2.27 30.95
CA TYR A 621 25.70 1.13 31.84
C TYR A 621 24.36 0.71 32.45
N GLU A 622 23.57 1.68 32.90
CA GLU A 622 22.30 1.36 33.54
C GLU A 622 21.33 0.68 32.58
N ILE A 623 21.36 1.09 31.31
CA ILE A 623 20.50 0.45 30.31
C ILE A 623 20.86 -1.03 30.18
N LEU A 624 22.16 -1.35 30.20
CA LEU A 624 22.58 -2.74 30.18
C LEU A 624 22.15 -3.45 31.46
N TYR A 625 22.37 -2.81 32.62
CA TYR A 625 21.99 -3.43 33.89
C TYR A 625 20.49 -3.61 34.01
N ALA A 626 19.70 -2.69 33.46
CA ALA A 626 18.25 -2.80 33.53
C ALA A 626 17.71 -3.86 32.58
N TRP A 627 18.42 -4.12 31.47
CA TRP A 627 17.97 -5.11 30.49
C TRP A 627 18.29 -6.53 30.93
N LEU A 628 19.40 -6.72 31.66
CA LEU A 628 19.85 -8.07 32.00
C LEU A 628 18.83 -8.92 32.73
N PRO A 629 18.13 -8.43 33.77
CA PRO A 629 17.16 -9.31 34.45
C PRO A 629 16.07 -9.84 33.54
N TYR A 630 15.53 -9.01 32.65
CA TYR A 630 14.51 -9.47 31.73
C TYR A 630 15.03 -10.59 30.84
N ARG A 631 16.26 -10.45 30.35
CA ARG A 631 16.84 -11.50 29.53
C ARG A 631 17.22 -12.72 30.37
N ARG A 632 17.67 -12.49 31.61
CA ARG A 632 17.95 -13.61 32.50
C ARG A 632 16.67 -14.38 32.83
N GLU A 633 15.62 -13.65 33.21
CA GLU A 633 14.37 -14.29 33.61
C GLU A 633 13.69 -14.99 32.45
N LEU A 634 13.82 -14.45 31.23
CA LEU A 634 13.15 -15.04 30.08
C LEU A 634 13.72 -16.41 29.74
N TYR A 635 15.01 -16.62 29.99
CA TYR A 635 15.59 -17.94 29.76
C TYR A 635 14.96 -18.99 30.66
N GLN A 636 14.52 -18.61 31.86
CA GLN A 636 13.84 -19.55 32.75
C GLN A 636 12.53 -20.04 32.13
N LYS A 637 11.65 -19.11 31.75
CA LYS A 637 10.32 -19.45 31.24
C LYS A 637 10.37 -20.44 30.07
N ARG A 638 11.16 -20.12 29.05
CA ARG A 638 11.38 -21.01 27.91
C ARG A 638 11.80 -22.39 28.39
N LEU A 639 12.84 -22.40 29.21
CA LEU A 639 13.38 -23.68 29.72
C LEU A 639 12.33 -24.35 30.60
N MET A 640 11.72 -23.59 31.51
CA MET A 640 10.67 -24.18 32.34
C MET A 640 9.51 -24.71 31.50
N ARG A 641 9.07 -23.91 30.52
CA ARG A 641 7.95 -24.34 29.69
C ARG A 641 8.31 -25.54 28.83
N GLU A 642 9.51 -25.52 28.24
CA GLU A 642 9.97 -26.67 27.46
C GLU A 642 9.90 -27.94 28.28
N HIS A 643 10.34 -27.88 29.54
CA HIS A 643 10.24 -29.02 30.44
C HIS A 643 8.80 -29.51 30.55
N ALA A 644 7.86 -28.60 30.78
CA ALA A 644 6.46 -28.99 30.94
C ALA A 644 5.90 -29.59 29.66
N VAL A 645 6.18 -28.97 28.51
CA VAL A 645 5.65 -29.49 27.24
C VAL A 645 6.28 -30.83 26.90
N LEU A 646 7.60 -30.97 27.11
CA LEU A 646 8.27 -32.23 26.77
C LEU A 646 7.63 -33.40 27.51
N LYS A 647 7.32 -33.23 28.80
CA LYS A 647 6.63 -34.28 29.55
C LYS A 647 5.34 -34.70 28.88
N LEU A 648 4.58 -33.72 28.37
CA LEU A 648 3.29 -34.04 27.76
C LEU A 648 3.48 -34.70 26.40
N ARG A 649 4.41 -34.20 25.58
CA ARG A 649 4.65 -34.80 24.27
C ARG A 649 5.11 -36.25 24.40
N ILE A 650 5.95 -36.53 25.40
CA ILE A 650 6.37 -37.90 25.67
C ILE A 650 5.16 -38.77 25.98
N ILE A 651 4.29 -38.30 26.88
CA ILE A 651 3.09 -39.05 27.23
C ILE A 651 2.24 -39.33 25.99
N MET A 652 2.08 -38.34 25.13
CA MET A 652 1.24 -38.50 23.95
C MET A 652 1.85 -39.49 22.97
N GLU A 653 3.14 -39.34 22.67
CA GLU A 653 3.79 -40.23 21.71
C GLU A 653 3.85 -41.67 22.23
N THR A 654 4.11 -41.83 23.53
CA THR A 654 4.11 -43.17 24.12
C THR A 654 2.76 -43.86 23.94
N ALA A 655 1.67 -43.12 24.15
CA ALA A 655 0.34 -43.70 23.94
C ALA A 655 0.12 -44.06 22.48
N ILE A 656 0.59 -43.21 21.56
CA ILE A 656 0.38 -43.47 20.14
C ILE A 656 1.13 -44.72 19.71
N VAL A 657 2.39 -44.86 20.14
CA VAL A 657 3.15 -46.06 19.81
C VAL A 657 2.50 -47.29 20.41
N ARG A 658 1.84 -47.14 21.56
CA ARG A 658 1.12 -48.25 22.14
C ARG A 658 -0.16 -48.57 21.36
N TYR A 659 -0.75 -47.56 20.72
CA TYR A 659 -1.88 -47.83 19.85
C TYR A 659 -1.44 -48.55 18.58
N ILE A 660 -0.32 -48.11 18.00
CA ILE A 660 0.20 -48.77 16.80
C ILE A 660 0.53 -50.23 17.09
N ASN A 661 1.01 -50.52 18.30
CA ASN A 661 1.29 -51.90 18.67
C ASN A 661 0.02 -52.68 18.94
N GLU A 662 -1.09 -52.01 19.24
CA GLU A 662 -2.36 -52.68 19.50
C GLU A 662 -3.36 -52.47 18.36
N SER A 663 -2.96 -51.83 17.26
CA SER A 663 -3.93 -51.51 16.22
C SER A 663 -4.38 -52.76 15.46
N ALA A 664 -3.52 -53.76 15.32
CA ALA A 664 -3.87 -54.94 14.55
C ALA A 664 -4.93 -55.78 15.25
N GLU A 665 -4.74 -56.05 16.54
CA GLU A 665 -5.74 -56.82 17.27
C GLU A 665 -6.98 -55.99 17.57
N LEU A 666 -6.77 -54.73 17.96
CA LEU A 666 -7.86 -53.82 18.33
C LEU A 666 -8.35 -53.09 17.07
N ASN A 667 -9.04 -53.86 16.22
CA ASN A 667 -9.45 -53.38 14.91
C ASN A 667 -10.54 -52.32 15.04
N LEU A 668 -10.18 -51.06 14.80
CA LEU A 668 -11.13 -49.96 14.85
C LEU A 668 -12.23 -50.07 13.80
N SER A 669 -12.00 -50.87 12.74
CA SER A 669 -12.99 -51.01 11.68
C SER A 669 -14.37 -51.40 12.19
N HIS A 670 -14.46 -52.16 13.29
CA HIS A 670 -15.72 -52.72 13.75
C HIS A 670 -16.55 -51.77 14.59
N TYR A 671 -15.97 -50.68 15.09
CA TYR A 671 -16.70 -49.84 16.03
C TYR A 671 -17.54 -48.82 15.28
N GLU A 672 -18.71 -48.52 15.85
CA GLU A 672 -19.76 -47.83 15.12
C GLU A 672 -19.47 -46.33 14.99
N ASP A 673 -19.16 -45.68 16.11
CA ASP A 673 -19.23 -44.24 16.17
C ASP A 673 -17.88 -43.65 16.55
N GLU A 674 -17.79 -42.32 16.45
CA GLU A 674 -16.63 -41.62 16.98
C GLU A 674 -16.67 -41.63 18.50
N LYS A 675 -17.86 -41.56 19.08
CA LYS A 675 -18.00 -41.49 20.53
C LYS A 675 -17.78 -42.85 21.15
N GLU A 676 -18.21 -43.91 20.45
CA GLU A 676 -17.92 -45.26 20.90
C GLU A 676 -16.42 -45.50 20.94
N ALA A 677 -15.74 -45.25 19.81
CA ALA A 677 -14.31 -45.51 19.72
C ALA A 677 -13.54 -44.78 20.81
N SER A 678 -14.02 -43.62 21.24
CA SER A 678 -13.36 -42.91 22.33
C SER A 678 -13.51 -43.67 23.65
N ARG A 679 -14.62 -44.39 23.84
CA ARG A 679 -14.79 -45.17 25.07
C ARG A 679 -13.83 -46.36 25.11
N ILE A 680 -13.69 -47.08 23.99
CA ILE A 680 -12.90 -48.31 24.03
C ILE A 680 -11.43 -47.99 24.26
N LEU A 681 -10.98 -46.81 23.82
CA LEU A 681 -9.62 -46.39 24.11
C LEU A 681 -9.47 -46.08 25.60
N SER A 682 -10.51 -45.50 26.21
CA SER A 682 -10.48 -45.29 27.66
C SER A 682 -10.54 -46.62 28.40
N GLU A 683 -11.35 -47.56 27.91
CA GLU A 683 -11.42 -48.88 28.53
C GLU A 683 -10.11 -49.64 28.41
N HIS A 684 -9.27 -49.30 27.45
CA HIS A 684 -7.94 -49.89 27.32
C HIS A 684 -6.85 -49.07 27.98
N GLY A 685 -7.21 -48.06 28.78
CA GLY A 685 -6.23 -47.34 29.56
C GLY A 685 -5.50 -46.23 28.82
N PHE A 686 -6.01 -45.80 27.69
CA PHE A 686 -5.36 -44.69 27.00
C PHE A 686 -5.78 -43.37 27.67
N PRO A 687 -4.87 -42.41 27.79
CA PRO A 687 -5.21 -41.16 28.48
C PRO A 687 -5.98 -40.23 27.57
N PRO A 688 -7.06 -39.63 28.06
CA PRO A 688 -7.72 -38.56 27.29
C PRO A 688 -6.82 -37.34 27.28
N LEU A 689 -6.52 -36.84 26.08
CA LEU A 689 -5.55 -35.77 25.91
C LEU A 689 -6.13 -34.64 25.08
N ASN A 690 -5.71 -33.42 25.43
CA ASN A 690 -6.03 -32.23 24.64
C ASN A 690 -4.86 -32.01 23.68
N HIS A 691 -4.90 -32.74 22.57
CA HIS A 691 -3.74 -32.83 21.69
C HIS A 691 -3.37 -31.48 21.10
N THR A 692 -4.36 -30.74 20.59
CA THR A 692 -4.08 -29.49 19.87
C THR A 692 -3.19 -28.57 20.70
N LEU A 693 -3.38 -28.57 22.02
CA LEU A 693 -2.58 -27.74 22.90
C LEU A 693 -1.19 -28.33 23.12
N ILE A 694 -1.06 -29.65 23.03
CA ILE A 694 0.24 -30.29 23.21
C ILE A 694 1.12 -30.11 21.98
N ILE A 695 0.58 -30.34 20.78
CA ILE A 695 1.40 -30.15 19.57
C ILE A 695 1.70 -28.67 19.37
N SER A 696 0.71 -27.80 19.58
CA SER A 696 0.87 -26.36 19.36
C SER A 696 0.44 -25.62 20.62
N PRO A 697 1.34 -25.47 21.60
CA PRO A 697 0.99 -24.70 22.80
C PRO A 697 0.83 -23.22 22.52
N GLU A 698 1.57 -22.68 21.56
CA GLU A 698 1.49 -21.27 21.16
C GLU A 698 1.81 -20.41 22.38
N PHE A 699 0.90 -19.54 22.84
CA PHE A 699 1.18 -18.65 23.95
C PHE A 699 0.65 -19.18 25.28
N ALA A 700 0.45 -20.50 25.38
CA ALA A 700 -0.12 -21.04 26.60
C ALA A 700 0.88 -20.94 27.74
N SER A 701 0.44 -20.37 28.86
CA SER A 701 1.27 -20.30 30.04
C SER A 701 1.38 -21.68 30.68
N ILE A 702 2.33 -21.81 31.59
CA ILE A 702 2.54 -23.10 32.23
C ILE A 702 1.28 -23.54 32.95
N GLU A 703 0.61 -22.60 33.63
CA GLU A 703 -0.61 -22.94 34.34
C GLU A 703 -1.69 -23.42 33.37
N GLU A 704 -1.95 -22.64 32.31
CA GLU A 704 -2.86 -23.10 31.27
C GLU A 704 -2.44 -24.46 30.71
N LEU A 705 -1.14 -24.67 30.51
CA LEU A 705 -0.65 -25.96 30.04
C LEU A 705 -1.17 -27.10 30.93
N ASN A 706 -0.81 -27.08 32.21
CA ASN A 706 -1.22 -28.18 33.09
C ASN A 706 -2.72 -28.17 33.35
N GLN A 707 -3.35 -27.00 33.26
CA GLN A 707 -4.80 -26.90 33.62
C GLN A 707 -5.69 -27.46 32.51
N LYS A 708 -5.28 -27.34 31.25
CA LYS A 708 -6.18 -27.74 30.13
C LYS A 708 -5.68 -28.99 29.41
N ALA A 709 -4.59 -29.59 29.89
CA ALA A 709 -4.00 -30.75 29.18
C ALA A 709 -4.89 -31.97 29.38
N LEU A 710 -5.91 -31.88 30.24
CA LEU A 710 -6.76 -33.04 30.56
C LEU A 710 -8.11 -32.93 29.84
N GLN A 711 -8.31 -31.87 29.06
CA GLN A 711 -9.56 -31.75 28.26
C GLN A 711 -9.42 -32.74 27.11
N GLY A 712 -9.39 -34.03 27.43
CA GLY A 712 -9.15 -35.05 26.40
C GLY A 712 -10.30 -35.25 25.44
N CYS A 713 -10.01 -35.85 24.30
CA CYS A 713 -11.06 -36.15 23.30
C CYS A 713 -10.60 -37.36 22.51
N TYR A 714 -9.46 -37.92 22.89
CA TYR A 714 -8.86 -39.05 22.18
C TYR A 714 -8.71 -38.78 20.68
N THR A 715 -8.68 -37.51 20.28
CA THR A 715 -8.51 -37.19 18.87
C THR A 715 -7.11 -37.53 18.37
N TYR A 716 -6.10 -37.42 19.24
CA TYR A 716 -4.73 -37.73 18.86
C TYR A 716 -4.57 -39.12 18.28
N ILE A 717 -5.49 -40.04 18.57
CA ILE A 717 -5.47 -41.36 17.95
C ILE A 717 -6.38 -41.42 16.72
N LEU A 718 -7.59 -40.86 16.83
CA LEU A 718 -8.59 -41.09 15.78
C LEU A 718 -8.21 -40.44 14.46
N SER A 719 -7.50 -39.31 14.50
CA SER A 719 -7.05 -38.64 13.27
C SER A 719 -5.62 -39.04 12.91
N LEU A 720 -5.07 -40.07 13.56
CA LEU A 720 -3.79 -40.61 13.16
C LEU A 720 -3.90 -41.27 11.79
N GLN A 721 -2.93 -41.00 10.93
CA GLN A 721 -2.98 -41.52 9.58
C GLN A 721 -2.47 -42.95 9.51
N ALA A 722 -2.83 -43.62 8.41
CA ALA A 722 -2.43 -45.02 8.22
C ALA A 722 -0.93 -45.15 8.03
N ARG A 723 -0.28 -44.09 7.52
CA ARG A 723 1.17 -44.14 7.33
C ARG A 723 1.90 -44.33 8.64
N GLU A 724 1.30 -43.89 9.74
CA GLU A 724 1.93 -44.03 11.05
C GLU A 724 1.89 -45.46 11.55
N LEU A 725 0.99 -46.30 11.02
CA LEU A 725 0.92 -47.69 11.45
C LEU A 725 2.09 -48.51 10.93
N LEU A 726 2.71 -48.07 9.85
CA LEU A 726 3.89 -48.74 9.35
C LEU A 726 5.02 -48.65 10.37
N ILE A 727 5.71 -49.76 10.60
CA ILE A 727 6.65 -49.80 11.73
C ILE A 727 7.89 -48.91 11.55
N ALA A 728 8.26 -48.49 10.33
CA ALA A 728 9.33 -47.48 10.19
C ALA A 728 8.88 -46.14 10.70
N ALA A 729 7.62 -45.77 10.45
CA ALA A 729 7.12 -44.53 11.03
C ALA A 729 7.03 -44.68 12.53
N LYS A 730 6.76 -45.90 12.99
CA LYS A 730 6.76 -46.18 14.42
C LYS A 730 8.18 -46.22 14.98
N THR A 731 9.17 -46.63 14.18
CA THR A 731 10.56 -46.57 14.64
C THR A 731 11.01 -45.14 14.79
N ARG A 732 10.56 -44.25 13.91
CA ARG A 732 10.86 -42.83 14.06
C ARG A 732 10.15 -42.24 15.28
N ARG A 733 8.96 -42.74 15.61
CA ARG A 733 8.28 -42.29 16.82
C ARG A 733 9.04 -42.71 18.06
N VAL A 734 9.48 -43.97 18.12
CA VAL A 734 10.25 -44.44 19.27
C VAL A 734 11.58 -43.72 19.33
N GLU A 735 12.18 -43.40 18.17
CA GLU A 735 13.37 -42.57 18.15
C GLU A 735 13.07 -41.18 18.71
N LYS A 736 11.94 -40.59 18.29
CA LYS A 736 11.56 -39.27 18.78
C LYS A 736 11.32 -39.29 20.28
N ILE A 737 10.73 -40.37 20.80
CA ILE A 737 10.50 -40.48 22.24
C ILE A 737 11.83 -40.52 22.99
N LYS A 738 12.78 -41.31 22.50
CA LYS A 738 14.06 -41.44 23.20
C LYS A 738 14.86 -40.15 23.15
N LYS A 739 14.78 -39.41 22.03
CA LYS A 739 15.49 -38.13 21.95
C LYS A 739 14.82 -37.07 22.81
N MET A 740 13.49 -37.09 22.90
CA MET A 740 12.79 -36.18 23.78
C MET A 740 13.06 -36.51 25.24
N GLN A 741 13.12 -37.80 25.57
CA GLN A 741 13.47 -38.19 26.94
C GLN A 741 14.90 -37.79 27.28
N ALA A 742 15.79 -37.81 26.28
CA ALA A 742 17.15 -37.32 26.51
C ALA A 742 17.17 -35.81 26.68
N ARG A 743 16.41 -35.09 25.85
CA ARG A 743 16.34 -33.64 25.97
C ARG A 743 15.76 -33.23 27.32
N LEU A 744 14.79 -33.99 27.83
CA LEU A 744 14.20 -33.70 29.13
C LEU A 744 15.26 -33.67 30.22
N ASP A 745 16.22 -34.60 30.17
CA ASP A 745 17.23 -34.65 31.22
C ASP A 745 18.26 -33.53 31.07
N LYS A 746 18.52 -33.05 29.86
CA LYS A 746 19.42 -31.92 29.70
C LYS A 746 18.76 -30.61 30.16
N VAL A 747 17.44 -30.48 29.94
CA VAL A 747 16.73 -29.30 30.41
C VAL A 747 16.77 -29.23 31.93
N GLU A 748 16.60 -30.38 32.60
CA GLU A 748 16.66 -30.40 34.06
C GLU A 748 18.02 -29.97 34.57
N GLN A 749 19.10 -30.36 33.87
CA GLN A 749 20.43 -29.88 34.23
C GLN A 749 20.58 -28.39 33.91
N LEU A 750 20.12 -27.98 32.72
CA LEU A 750 20.22 -26.57 32.33
C LEU A 750 19.47 -25.67 33.30
N LEU A 751 18.41 -26.18 33.93
CA LEU A 751 17.69 -25.39 34.92
C LEU A 751 18.48 -25.29 36.23
N GLN A 752 19.15 -26.38 36.61
CA GLN A 752 19.92 -26.41 37.85
C GLN A 752 21.33 -25.85 37.64
N GLU A 753 21.46 -24.88 36.74
CA GLU A 753 22.74 -24.36 36.30
C GLU A 753 23.08 -23.09 37.08
N SER A 754 24.37 -22.75 37.10
CA SER A 754 24.83 -21.55 37.77
C SER A 754 25.50 -20.61 36.77
N PRO A 755 25.36 -19.28 36.96
CA PRO A 755 24.70 -18.60 38.07
C PRO A 755 23.16 -18.54 38.02
N PHE A 756 22.56 -18.96 36.92
CA PHE A 756 21.11 -18.98 36.80
C PHE A 756 20.72 -19.91 35.67
N PRO A 757 19.47 -20.39 35.65
CA PRO A 757 19.06 -21.35 34.61
C PRO A 757 19.33 -20.85 33.19
N GLY A 758 19.99 -21.69 32.41
CA GLY A 758 20.21 -21.39 31.01
C GLY A 758 21.39 -20.50 30.71
N ALA A 759 22.38 -20.42 31.61
CA ALA A 759 23.52 -19.53 31.37
C ALA A 759 24.31 -19.98 30.15
N SER A 760 24.54 -21.29 30.01
CA SER A 760 25.28 -21.80 28.85
C SER A 760 24.50 -21.56 27.56
N VAL A 761 23.17 -21.64 27.62
CA VAL A 761 22.35 -21.39 26.44
C VAL A 761 22.48 -19.93 26.00
N TRP A 762 22.47 -19.01 26.96
CA TRP A 762 22.66 -17.59 26.66
C TRP A 762 24.00 -17.34 25.98
N LEU A 763 25.06 -17.98 26.48
CA LEU A 763 26.39 -17.79 25.90
C LEU A 763 26.47 -18.34 24.49
N GLU A 764 25.91 -19.54 24.26
CA GLU A 764 25.84 -20.10 22.92
C GLU A 764 25.19 -19.11 21.96
N GLU A 765 24.02 -18.60 22.33
CA GLU A 765 23.29 -17.70 21.44
C GLU A 765 23.98 -16.36 21.30
N ILE A 766 24.76 -15.95 22.31
CA ILE A 766 25.60 -14.78 22.17
C ILE A 766 26.63 -15.00 21.07
N ASP A 767 27.25 -16.18 21.06
CA ASP A 767 28.18 -16.54 19.98
C ASP A 767 27.45 -16.63 18.65
N ALA A 768 26.20 -17.10 18.66
CA ALA A 768 25.43 -17.18 17.41
C ALA A 768 25.14 -15.79 16.84
N VAL A 769 24.76 -14.85 17.70
CA VAL A 769 24.50 -13.49 17.24
C VAL A 769 25.78 -12.86 16.70
N GLU A 770 26.90 -13.09 17.38
CA GLU A 770 28.18 -12.55 16.92
C GLU A 770 28.54 -13.09 15.53
N LYS A 771 28.33 -14.39 15.31
CA LYS A 771 28.59 -14.96 13.99
C LYS A 771 27.75 -14.28 12.92
N ALA A 772 26.49 -13.98 13.23
CA ALA A 772 25.62 -13.31 12.26
C ALA A 772 26.10 -11.90 11.97
N ILE A 773 26.53 -11.17 13.00
CA ILE A 773 26.99 -9.80 12.80
C ILE A 773 28.29 -9.80 12.00
N ILE A 774 29.22 -10.68 12.35
CA ILE A 774 30.48 -10.79 11.60
C ILE A 774 30.19 -11.10 10.13
N LYS A 775 29.27 -12.03 9.87
CA LYS A 775 28.95 -12.38 8.49
C LYS A 775 28.26 -11.22 7.77
N GLY A 776 27.28 -10.60 8.42
CA GLY A 776 26.61 -9.46 7.82
C GLY A 776 27.56 -8.30 7.56
N ARG A 777 28.49 -8.08 8.48
CA ARG A 777 29.45 -7.00 8.31
C ARG A 777 30.40 -7.24 7.14
N ASN A 778 30.69 -8.51 6.83
CA ASN A 778 31.53 -8.85 5.69
C ASN A 778 30.78 -8.81 4.36
N THR A 779 29.45 -8.70 4.38
CA THR A 779 28.65 -8.71 3.16
C THR A 779 27.87 -7.42 2.95
N GLN A 780 28.08 -6.41 3.79
CA GLN A 780 27.34 -5.15 3.72
C GLN A 780 25.85 -5.40 3.96
N TRP A 781 25.56 -6.30 4.91
CA TRP A 781 24.20 -6.73 5.25
C TRP A 781 23.40 -7.12 4.02
N LYS A 782 24.05 -7.81 3.09
CA LYS A 782 23.37 -8.44 1.96
C LYS A 782 23.33 -9.96 2.07
N PHE A 783 24.30 -10.56 2.74
CA PHE A 783 24.37 -12.01 2.92
C PHE A 783 24.34 -12.74 1.59
N VAL B 5 24.20 26.84 -15.43
CA VAL B 5 22.75 26.74 -15.49
C VAL B 5 22.19 26.27 -14.15
N ASP B 6 21.18 26.97 -13.65
CA ASP B 6 20.55 26.63 -12.38
C ASP B 6 19.19 26.00 -12.61
N VAL B 7 19.16 24.87 -13.31
CA VAL B 7 17.91 24.19 -13.65
C VAL B 7 17.52 23.24 -12.52
N ASP B 8 16.22 23.11 -12.29
CA ASP B 8 15.71 22.26 -11.23
C ASP B 8 15.91 20.79 -11.58
N LYS B 9 16.28 20.00 -10.56
CA LYS B 9 16.51 18.56 -10.69
C LYS B 9 17.62 18.27 -11.70
N TYR B 10 18.61 19.16 -11.78
CA TYR B 10 19.74 19.02 -12.68
C TYR B 10 21.02 19.20 -11.87
N THR B 11 21.92 18.23 -12.00
CA THR B 11 23.23 18.27 -11.35
C THR B 11 24.28 18.51 -12.43
N ARG B 12 24.97 19.64 -12.31
CA ARG B 12 25.85 20.10 -13.38
C ARG B 12 27.02 19.16 -13.58
N ALA B 13 27.33 18.87 -14.85
CA ALA B 13 28.56 18.17 -15.20
C ALA B 13 29.72 19.15 -15.18
N ARG B 14 30.86 18.70 -14.65
CA ARG B 14 31.93 19.63 -14.31
C ARG B 14 32.42 20.42 -15.52
N ASN B 15 32.60 19.76 -16.66
CA ASN B 15 33.11 20.41 -17.85
C ASN B 15 32.01 20.91 -18.79
N ALA B 16 30.77 21.00 -18.32
CA ALA B 16 29.69 21.49 -19.16
C ALA B 16 29.90 22.96 -19.47
N GLY B 17 29.88 23.30 -20.75
CA GLY B 17 30.04 24.67 -21.19
C GLY B 17 31.46 25.16 -21.31
N GLY B 18 32.45 24.26 -21.28
CA GLY B 18 33.85 24.63 -21.36
C GLY B 18 34.50 24.16 -22.64
N LYS B 19 35.84 24.09 -22.60
CA LYS B 19 36.60 23.57 -23.73
C LYS B 19 36.12 22.18 -24.13
N ARG B 20 35.96 21.29 -23.16
CA ARG B 20 35.61 19.89 -23.41
C ARG B 20 34.11 19.66 -23.28
N ALA B 21 33.30 20.62 -23.74
CA ALA B 21 31.85 20.48 -23.64
C ALA B 21 31.33 19.38 -24.54
N GLN B 22 32.00 19.12 -25.66
CA GLN B 22 31.56 18.11 -26.60
C GLN B 22 31.91 16.69 -26.14
N ASP B 23 32.67 16.56 -25.07
CA ASP B 23 32.97 15.26 -24.47
C ASP B 23 32.05 14.94 -23.29
N CYS B 24 31.08 15.81 -23.01
CA CYS B 24 30.21 15.65 -21.85
C CYS B 24 28.88 15.05 -22.27
N MET B 25 28.29 14.26 -21.36
CA MET B 25 27.02 13.60 -21.59
C MET B 25 25.96 14.12 -20.63
N LEU B 26 24.74 14.26 -21.15
CA LEU B 26 23.56 14.58 -20.34
C LEU B 26 22.72 13.32 -20.23
N LEU B 27 22.65 12.74 -19.03
CA LEU B 27 21.84 11.56 -18.78
C LEU B 27 20.41 12.00 -18.44
N ALA B 28 19.46 11.63 -19.29
CA ALA B 28 18.06 11.93 -19.07
C ALA B 28 17.36 10.69 -18.53
N ALA B 29 16.85 10.78 -17.30
CA ALA B 29 16.21 9.67 -16.63
C ALA B 29 14.73 9.97 -16.40
N GLU B 30 14.00 8.92 -16.00
CA GLU B 30 12.55 9.00 -15.90
C GLU B 30 12.10 9.81 -14.69
N GLY B 31 12.86 9.80 -13.61
CA GLY B 31 12.43 10.47 -12.40
C GLY B 31 13.52 10.47 -11.35
N ASP B 32 13.14 10.92 -10.15
CA ASP B 32 14.12 11.08 -9.06
C ASP B 32 14.71 9.75 -8.65
N SER B 33 13.87 8.71 -8.51
CA SER B 33 14.37 7.40 -8.12
C SER B 33 15.42 6.89 -9.10
N ALA B 34 15.20 7.14 -10.39
CA ALA B 34 16.19 6.75 -11.40
C ALA B 34 17.44 7.62 -11.31
N LEU B 35 17.28 8.90 -10.98
CA LEU B 35 18.43 9.78 -10.85
C LEU B 35 19.36 9.32 -9.72
N SER B 36 18.79 8.82 -8.62
CA SER B 36 19.61 8.38 -7.50
C SER B 36 20.48 7.18 -7.86
N LEU B 37 19.95 6.26 -8.68
CA LEU B 37 20.76 5.13 -9.12
C LEU B 37 21.92 5.60 -9.98
N LEU B 38 21.63 6.45 -10.98
CA LEU B 38 22.69 6.98 -11.83
C LEU B 38 23.75 7.69 -11.00
N ARG B 39 23.33 8.44 -9.98
CA ARG B 39 24.28 9.06 -9.06
C ARG B 39 25.17 8.01 -8.40
N THR B 40 24.58 6.88 -8.00
CA THR B 40 25.38 5.82 -7.37
C THR B 40 26.40 5.26 -8.35
N GLY B 41 26.01 5.09 -9.61
CA GLY B 41 26.94 4.54 -10.59
C GLY B 41 28.01 5.54 -11.00
N LEU B 42 27.63 6.80 -11.18
CA LEU B 42 28.61 7.84 -11.52
C LEU B 42 29.58 8.13 -10.38
N THR B 43 29.27 7.68 -9.16
CA THR B 43 30.15 7.93 -8.02
C THR B 43 30.82 6.64 -7.54
N LEU B 44 31.39 5.88 -8.46
CA LEU B 44 32.16 4.68 -8.05
C LEU B 44 33.62 4.89 -8.46
N GLY B 45 34.55 4.95 -7.50
CA GLY B 45 35.98 5.12 -7.82
C GLY B 45 36.65 3.77 -8.06
N LYS B 46 35.91 2.69 -7.79
CA LYS B 46 36.42 1.32 -8.05
C LYS B 46 35.68 0.78 -9.27
N SER B 47 34.95 1.64 -10.00
CA SER B 47 34.34 1.19 -11.27
C SER B 47 35.40 1.35 -12.35
N ASN B 48 36.61 1.68 -11.92
CA ASN B 48 37.75 1.86 -12.85
C ASN B 48 37.57 3.17 -13.61
N PRO B 49 38.66 3.82 -14.05
CA PRO B 49 38.52 5.02 -14.87
C PRO B 49 37.57 4.68 -16.02
N SER B 50 37.55 3.41 -16.44
CA SER B 50 36.58 2.99 -17.48
C SER B 50 35.21 3.57 -17.13
N GLY B 51 34.74 3.34 -15.90
CA GLY B 51 33.41 3.79 -15.49
C GLY B 51 33.23 5.29 -15.68
N PRO B 52 32.03 5.76 -16.07
CA PRO B 52 31.77 7.20 -16.20
C PRO B 52 31.69 7.88 -14.83
N SER B 53 31.69 9.21 -14.88
CA SER B 53 31.76 10.03 -13.67
C SER B 53 31.14 11.39 -13.96
N PHE B 54 30.98 12.18 -12.90
CA PHE B 54 30.45 13.53 -13.03
C PHE B 54 31.43 14.50 -13.67
N ASP B 55 32.65 14.04 -13.97
CA ASP B 55 33.56 14.85 -14.78
C ASP B 55 32.96 15.15 -16.15
N PHE B 56 32.30 14.15 -16.75
CA PHE B 56 31.80 14.25 -18.12
C PHE B 56 30.33 13.83 -18.22
N CYS B 57 29.59 13.80 -17.10
CA CYS B 57 28.21 13.35 -17.11
C CYS B 57 27.34 14.25 -16.27
N GLY B 58 26.14 14.57 -16.77
CA GLY B 58 25.14 15.27 -16.00
C GLY B 58 23.85 14.46 -15.91
N MET B 59 22.96 14.82 -15.00
CA MET B 59 21.68 14.16 -14.82
C MET B 59 20.56 15.20 -14.87
N ILE B 60 19.43 14.81 -15.43
CA ILE B 60 18.22 15.61 -15.39
C ILE B 60 17.06 14.63 -15.47
N SER B 61 15.98 14.84 -14.70
CA SER B 61 14.81 13.99 -14.84
C SER B 61 13.85 14.58 -15.87
N LEU B 62 13.21 13.68 -16.61
CA LEU B 62 12.21 14.05 -17.60
C LEU B 62 10.82 14.29 -17.01
N GLY B 63 10.64 14.11 -15.71
CA GLY B 63 9.32 14.31 -15.09
C GLY B 63 8.29 13.29 -15.54
N GLY B 64 8.70 12.04 -15.69
CA GLY B 64 7.78 11.01 -16.17
C GLY B 64 7.56 11.14 -17.66
N VAL B 65 6.30 11.19 -18.05
CA VAL B 65 5.93 11.31 -19.46
C VAL B 65 6.07 12.76 -19.89
N ILE B 66 6.85 12.99 -20.95
CA ILE B 66 7.08 14.34 -21.45
C ILE B 66 5.93 14.73 -22.37
N MET B 67 5.94 15.98 -22.83
CA MET B 67 4.86 16.51 -23.65
C MET B 67 5.09 16.18 -25.13
N ASN B 68 4.00 15.83 -25.82
CA ASN B 68 4.04 15.59 -27.26
C ASN B 68 4.08 16.95 -27.96
N ALA B 69 5.24 17.30 -28.50
CA ALA B 69 5.40 18.59 -29.16
C ALA B 69 4.73 18.63 -30.53
N CYS B 70 4.62 17.48 -31.20
CA CYS B 70 4.09 17.44 -32.56
C CYS B 70 2.64 17.93 -32.62
N LYS B 71 1.91 17.93 -31.51
CA LYS B 71 0.52 18.36 -31.49
C LYS B 71 0.35 19.73 -30.87
N LYS B 72 1.44 20.49 -30.67
CA LYS B 72 1.36 21.82 -30.08
C LYS B 72 2.10 22.85 -30.92
N VAL B 73 2.25 22.60 -32.22
CA VAL B 73 2.95 23.49 -33.14
C VAL B 73 2.06 23.69 -34.36
N THR B 74 2.06 24.90 -34.91
CA THR B 74 1.34 25.15 -36.16
C THR B 74 2.31 25.04 -37.34
N ASN B 75 3.40 25.81 -37.31
CA ASN B 75 4.60 25.48 -38.08
C ASN B 75 4.37 25.41 -39.59
N ILE B 76 3.55 26.30 -40.13
CA ILE B 76 3.37 26.27 -41.59
C ILE B 76 3.46 27.63 -42.28
N THR B 83 5.58 30.86 -41.68
CA THR B 83 5.85 30.51 -40.29
C THR B 83 6.53 29.14 -40.20
N ILE B 84 7.60 29.06 -39.42
CA ILE B 84 8.27 27.79 -39.14
C ILE B 84 8.40 27.63 -37.64
N MET B 85 8.04 26.45 -37.15
CA MET B 85 8.11 26.04 -35.75
C MET B 85 7.56 27.11 -34.80
N VAL B 86 6.23 27.23 -34.74
CA VAL B 86 5.57 28.14 -33.83
C VAL B 86 5.00 27.30 -32.71
N ARG B 87 5.56 27.42 -31.52
CA ARG B 87 5.11 26.65 -30.37
C ARG B 87 3.97 27.34 -29.65
N ASN B 88 2.94 26.56 -29.30
CA ASN B 88 1.83 27.11 -28.52
C ASN B 88 2.31 27.44 -27.10
N GLU B 89 1.48 28.19 -26.38
CA GLU B 89 1.80 28.59 -25.01
C GLU B 89 2.18 27.38 -24.15
N GLN B 90 1.36 26.32 -24.19
CA GLN B 90 1.61 25.17 -23.31
C GLN B 90 2.97 24.54 -23.58
N LEU B 91 3.38 24.46 -24.84
CA LEU B 91 4.69 23.89 -25.17
C LEU B 91 5.82 24.86 -24.85
N THR B 92 5.58 26.16 -25.00
CA THR B 92 6.59 27.15 -24.67
C THR B 92 6.89 27.15 -23.17
N ASN B 93 5.87 26.93 -22.34
CA ASN B 93 5.97 27.05 -20.90
C ASN B 93 6.17 25.72 -20.19
N ASN B 94 6.52 24.66 -20.93
CA ASN B 94 6.76 23.37 -20.28
C ASN B 94 8.03 23.44 -19.46
N LYS B 95 7.91 23.15 -18.16
CA LYS B 95 9.07 23.23 -17.28
C LYS B 95 10.14 22.22 -17.69
N VAL B 96 9.73 21.00 -18.02
CA VAL B 96 10.68 19.94 -18.35
C VAL B 96 11.41 20.27 -19.65
N LEU B 97 10.68 20.56 -20.71
CA LEU B 97 11.29 20.69 -22.03
C LEU B 97 12.16 21.95 -22.13
N GLN B 98 11.63 23.10 -21.70
CA GLN B 98 12.46 24.30 -21.71
C GLN B 98 13.62 24.21 -20.73
N GLY B 99 13.55 23.30 -19.76
CA GLY B 99 14.69 23.08 -18.88
C GLY B 99 15.81 22.33 -19.57
N ILE B 100 15.46 21.35 -20.41
CA ILE B 100 16.48 20.67 -21.20
C ILE B 100 17.11 21.62 -22.20
N VAL B 101 16.33 22.56 -22.74
CA VAL B 101 16.88 23.55 -23.65
C VAL B 101 17.86 24.47 -22.92
N GLN B 102 17.55 24.81 -21.66
CA GLN B 102 18.43 25.66 -20.89
C GLN B 102 19.76 24.98 -20.59
N VAL B 103 19.70 23.71 -20.16
CA VAL B 103 20.93 23.00 -19.78
C VAL B 103 21.84 22.81 -20.99
N LEU B 104 21.26 22.45 -22.13
CA LEU B 104 22.04 22.16 -23.33
C LEU B 104 22.39 23.40 -24.14
N GLY B 105 21.71 24.52 -23.90
CA GLY B 105 21.93 25.70 -24.72
C GLY B 105 21.46 25.51 -26.14
N LEU B 106 20.26 24.95 -26.29
CA LEU B 106 19.69 24.70 -27.60
C LEU B 106 19.03 25.97 -28.14
N ASP B 107 19.03 26.10 -29.46
CA ASP B 107 18.49 27.26 -30.15
C ASP B 107 17.44 26.77 -31.15
N PHE B 108 16.20 27.27 -31.00
CA PHE B 108 15.15 26.90 -31.94
C PHE B 108 15.38 27.48 -33.31
N ASN B 109 16.08 28.61 -33.40
CA ASN B 109 16.40 29.22 -34.69
C ASN B 109 17.58 28.54 -35.37
N CYS B 110 18.43 27.86 -34.62
CA CYS B 110 19.55 27.13 -35.20
C CYS B 110 19.06 25.82 -35.78
N HIS B 111 19.74 25.36 -36.83
CA HIS B 111 19.46 24.06 -37.42
C HIS B 111 20.56 23.03 -37.21
N TYR B 112 21.70 23.44 -36.65
CA TYR B 112 22.76 22.52 -36.24
C TYR B 112 23.19 21.64 -37.41
N LYS B 113 23.44 22.29 -38.55
CA LYS B 113 24.07 21.63 -39.69
C LYS B 113 25.58 21.55 -39.50
N THR B 114 26.20 22.67 -39.14
CA THR B 114 27.65 22.80 -39.14
C THR B 114 28.23 22.53 -37.76
N GLN B 115 29.55 22.32 -37.74
CA GLN B 115 30.27 22.03 -36.50
C GLN B 115 30.58 23.28 -35.67
N GLU B 116 30.26 24.49 -36.14
CA GLU B 116 30.09 25.58 -35.20
C GLU B 116 28.92 25.30 -34.28
N GLU B 117 27.75 25.05 -34.88
CA GLU B 117 26.49 25.05 -34.15
C GLU B 117 26.42 23.92 -33.14
N ARG B 118 26.99 22.76 -33.45
CA ARG B 118 27.01 21.69 -32.45
C ARG B 118 28.04 21.99 -31.37
N ALA B 119 29.10 22.73 -31.71
CA ALA B 119 30.11 23.12 -30.74
C ALA B 119 29.70 24.32 -29.90
N LYS B 120 28.55 24.94 -30.18
CA LYS B 120 27.96 25.93 -29.31
C LYS B 120 26.97 25.31 -28.33
N LEU B 121 26.88 23.99 -28.31
CA LEU B 121 26.05 23.29 -27.35
C LEU B 121 26.83 23.03 -26.06
N ARG B 122 26.10 23.02 -24.95
CA ARG B 122 26.74 22.84 -23.65
C ARG B 122 27.15 21.39 -23.39
N TYR B 123 26.57 20.43 -24.10
CA TYR B 123 26.92 19.03 -23.97
C TYR B 123 27.14 18.44 -25.36
N GLY B 124 27.76 17.26 -25.38
CA GLY B 124 28.06 16.60 -26.63
C GLY B 124 26.93 15.71 -27.13
N CYS B 125 26.10 15.22 -26.21
CA CYS B 125 24.98 14.36 -26.57
C CYS B 125 24.07 14.21 -25.36
N ILE B 126 22.88 13.65 -25.60
CA ILE B 126 21.91 13.33 -24.55
C ILE B 126 21.67 11.82 -24.57
N VAL B 127 21.65 11.22 -23.38
CA VAL B 127 21.53 9.76 -23.23
C VAL B 127 20.24 9.47 -22.47
N ALA B 128 19.28 8.88 -23.17
CA ALA B 128 18.00 8.52 -22.55
C ALA B 128 18.19 7.30 -21.66
N CYS B 129 18.20 7.53 -20.35
CA CYS B 129 18.27 6.44 -19.37
C CYS B 129 16.87 6.15 -18.80
N VAL B 130 15.97 5.77 -19.71
CA VAL B 130 14.58 5.51 -19.35
C VAL B 130 14.44 4.07 -18.84
N ASP B 131 13.35 3.82 -18.13
CA ASP B 131 13.02 2.45 -17.72
C ASP B 131 12.79 1.59 -18.95
N GLN B 132 13.03 0.29 -18.80
CA GLN B 132 12.88 -0.63 -19.92
C GLN B 132 11.45 -1.12 -20.10
N ASP B 133 10.54 -0.76 -19.21
CA ASP B 133 9.13 -1.06 -19.45
C ASP B 133 8.66 -0.30 -20.68
N LEU B 134 7.60 -0.81 -21.31
CA LEU B 134 7.14 -0.25 -22.57
C LEU B 134 6.78 1.22 -22.44
N ASP B 135 6.34 1.65 -21.25
CA ASP B 135 6.09 3.07 -21.02
C ASP B 135 7.36 3.89 -21.22
N GLY B 136 8.49 3.39 -20.73
CA GLY B 136 9.75 4.11 -20.83
C GLY B 136 10.32 4.19 -22.22
N CYS B 137 10.85 3.07 -22.72
CA CYS B 137 11.53 3.08 -24.01
C CYS B 137 10.56 3.30 -25.17
N GLY B 138 9.32 2.87 -25.02
CA GLY B 138 8.35 3.03 -26.10
C GLY B 138 7.75 4.41 -26.18
N LYS B 139 7.08 4.84 -25.11
CA LYS B 139 6.36 6.11 -25.14
C LYS B 139 7.30 7.29 -24.89
N ILE B 140 7.96 7.31 -23.72
CA ILE B 140 8.73 8.49 -23.32
C ILE B 140 9.90 8.71 -24.26
N LEU B 141 10.64 7.65 -24.60
CA LEU B 141 11.76 7.80 -25.52
C LEU B 141 11.28 8.18 -26.91
N GLY B 142 10.21 7.54 -27.39
CA GLY B 142 9.64 7.92 -28.67
C GLY B 142 9.20 9.38 -28.69
N LEU B 143 8.57 9.83 -27.60
CA LEU B 143 8.19 11.23 -27.49
C LEU B 143 9.41 12.13 -27.49
N LEU B 144 10.49 11.72 -26.82
CA LEU B 144 11.71 12.52 -26.80
C LEU B 144 12.34 12.60 -28.19
N LEU B 145 12.43 11.45 -28.87
CA LEU B 145 12.92 11.45 -30.25
C LEU B 145 12.05 12.35 -31.12
N ALA B 146 10.73 12.33 -30.91
CA ALA B 146 9.84 13.18 -31.69
C ALA B 146 10.10 14.66 -31.41
N TYR B 147 10.50 14.99 -30.19
CA TYR B 147 10.83 16.38 -29.87
C TYR B 147 12.02 16.86 -30.68
N PHE B 148 13.11 16.09 -30.69
CA PHE B 148 14.31 16.50 -31.42
C PHE B 148 14.09 16.42 -32.93
N HIS B 149 13.41 15.37 -33.40
CA HIS B 149 13.16 15.23 -34.82
C HIS B 149 12.32 16.38 -35.37
N LEU B 150 11.37 16.86 -34.57
CA LEU B 150 10.47 17.93 -35.04
C LEU B 150 11.22 19.24 -35.22
N PHE B 151 12.19 19.52 -34.35
CA PHE B 151 12.88 20.80 -34.35
C PHE B 151 14.28 20.74 -34.96
N TRP B 152 15.06 19.74 -34.60
CA TRP B 152 16.48 19.66 -34.99
C TRP B 152 16.80 18.28 -35.53
N PRO B 153 16.27 17.93 -36.71
CA PRO B 153 16.57 16.60 -37.26
C PRO B 153 18.06 16.37 -37.48
N GLN B 154 18.81 17.44 -37.77
CA GLN B 154 20.25 17.31 -37.95
C GLN B 154 20.93 16.81 -36.68
N LEU B 155 20.43 17.22 -35.51
CA LEU B 155 21.05 16.79 -34.27
C LEU B 155 20.96 15.28 -34.07
N ILE B 156 19.90 14.64 -34.57
CA ILE B 156 19.83 13.18 -34.46
C ILE B 156 20.73 12.53 -35.50
N ILE B 157 20.86 13.15 -36.68
CA ILE B 157 21.73 12.60 -37.72
C ILE B 157 23.16 12.46 -37.21
N HIS B 158 23.64 13.46 -36.46
CA HIS B 158 25.02 13.48 -35.99
C HIS B 158 25.17 12.92 -34.58
N GLY B 159 24.24 12.07 -34.15
CA GLY B 159 24.43 11.31 -32.93
C GLY B 159 24.26 12.04 -31.64
N PHE B 160 23.52 13.16 -31.61
CA PHE B 160 23.33 13.87 -30.36
C PHE B 160 22.38 13.13 -29.42
N VAL B 161 21.40 12.41 -29.97
CA VAL B 161 20.43 11.68 -29.17
C VAL B 161 20.87 10.23 -29.08
N LYS B 162 20.93 9.71 -27.85
CA LYS B 162 21.44 8.37 -27.60
C LYS B 162 20.51 7.67 -26.60
N ARG B 163 20.86 6.44 -26.27
CA ARG B 163 20.05 5.61 -25.39
C ARG B 163 20.99 4.71 -24.59
N LEU B 164 20.63 4.48 -23.33
CA LEU B 164 21.31 3.50 -22.49
C LEU B 164 20.39 2.28 -22.35
N LEU B 165 20.86 1.13 -22.82
CA LEU B 165 20.07 -0.09 -22.78
C LEU B 165 20.19 -0.77 -21.42
N THR B 166 19.06 -1.11 -20.84
CA THR B 166 19.00 -1.79 -19.54
C THR B 166 18.04 -2.96 -19.63
N PRO B 167 18.30 -4.03 -18.87
CA PRO B 167 17.38 -5.17 -18.89
C PRO B 167 16.07 -4.86 -18.18
N LEU B 168 15.01 -5.53 -18.61
CA LEU B 168 13.71 -5.43 -17.97
C LEU B 168 13.43 -6.57 -17.01
N ILE B 169 13.89 -7.78 -17.32
CA ILE B 169 13.71 -8.95 -16.47
C ILE B 169 15.04 -9.67 -16.32
N ARG B 170 15.33 -10.11 -15.09
CA ARG B 170 16.46 -10.99 -14.81
C ARG B 170 15.96 -12.24 -14.09
N VAL B 171 16.44 -13.40 -14.53
CA VAL B 171 16.07 -14.69 -13.94
C VAL B 171 17.34 -15.35 -13.39
N TYR B 172 17.32 -15.69 -12.11
CA TYR B 172 18.50 -16.29 -11.46
C TYR B 172 18.23 -17.76 -11.17
N GLU B 173 19.23 -18.63 -11.38
CA GLU B 173 19.09 -20.07 -11.08
C GLU B 173 19.94 -20.40 -9.87
N LYS B 174 19.54 -21.42 -9.11
CA LYS B 174 20.26 -21.76 -7.86
C LYS B 174 21.70 -22.10 -8.23
N GLY B 175 22.66 -21.59 -7.46
CA GLY B 175 24.08 -21.83 -7.76
C GLY B 175 24.57 -20.91 -8.85
N LYS B 176 23.98 -20.98 -10.04
CA LYS B 176 24.50 -20.16 -11.17
C LYS B 176 24.59 -18.71 -10.70
N THR B 177 25.64 -18.01 -11.12
CA THR B 177 25.86 -16.61 -10.65
C THR B 177 25.36 -15.63 -11.70
N MET B 178 25.60 -15.90 -12.98
CA MET B 178 25.22 -14.94 -14.03
C MET B 178 23.78 -15.20 -14.47
N PRO B 179 22.85 -14.24 -14.28
CA PRO B 179 21.45 -14.42 -14.64
C PRO B 179 21.24 -14.24 -16.13
N VAL B 180 20.11 -14.72 -16.62
CA VAL B 180 19.69 -14.48 -17.99
C VAL B 180 18.82 -13.24 -18.03
N GLU B 181 19.10 -12.35 -18.97
CA GLU B 181 18.50 -11.03 -19.01
C GLU B 181 17.65 -10.85 -20.26
N PHE B 182 16.51 -10.19 -20.10
CA PHE B 182 15.57 -9.94 -21.18
C PHE B 182 15.27 -8.46 -21.27
N TYR B 183 14.95 -8.00 -22.47
CA TYR B 183 14.61 -6.60 -22.71
C TYR B 183 13.17 -6.40 -23.12
N TYR B 184 12.37 -7.47 -23.19
CA TYR B 184 10.99 -7.39 -23.60
C TYR B 184 10.21 -8.48 -22.86
N GLU B 185 9.09 -8.10 -22.25
CA GLU B 185 8.26 -9.06 -21.54
C GLU B 185 7.82 -10.21 -22.44
N GLN B 186 7.51 -9.90 -23.70
CA GLN B 186 7.08 -10.94 -24.65
C GLN B 186 8.13 -12.03 -24.77
N GLU B 187 9.39 -11.63 -24.98
CA GLU B 187 10.45 -12.63 -25.20
C GLU B 187 10.72 -13.46 -23.95
N PHE B 188 10.50 -12.89 -22.76
CA PHE B 188 10.64 -13.69 -21.55
C PHE B 188 9.48 -14.68 -21.43
N ASP B 189 8.25 -14.21 -21.62
CA ASP B 189 7.09 -15.09 -21.55
C ASP B 189 7.22 -16.27 -22.50
N ALA B 190 7.72 -16.01 -23.72
CA ALA B 190 8.02 -17.08 -24.65
C ALA B 190 9.07 -18.02 -24.08
N TRP B 191 10.17 -17.45 -23.57
CA TRP B 191 11.24 -18.26 -22.98
C TRP B 191 10.74 -19.08 -21.79
N ALA B 192 9.78 -18.55 -21.03
CA ALA B 192 9.34 -19.22 -19.82
C ALA B 192 8.57 -20.50 -20.13
N LYS B 193 7.67 -20.44 -21.12
CA LYS B 193 6.88 -21.61 -21.47
C LYS B 193 7.74 -22.76 -22.00
N LYS B 194 8.82 -22.44 -22.73
CA LYS B 194 9.67 -23.47 -23.29
C LYS B 194 10.57 -24.12 -22.24
N GLN B 195 10.72 -23.51 -21.08
CA GLN B 195 11.45 -24.13 -19.98
C GLN B 195 10.66 -25.31 -19.42
N THR B 196 11.38 -26.22 -18.77
CA THR B 196 10.73 -27.39 -18.18
C THR B 196 9.89 -26.99 -16.97
N SER B 197 10.51 -26.35 -15.99
CA SER B 197 9.80 -25.79 -14.84
C SER B 197 10.69 -24.74 -14.21
N LEU B 198 10.07 -23.69 -13.67
CA LEU B 198 10.79 -22.63 -13.00
C LEU B 198 10.86 -22.85 -11.50
N VAL B 199 10.95 -24.11 -11.08
CA VAL B 199 10.85 -24.44 -9.67
C VAL B 199 12.08 -23.96 -8.91
N ASN B 200 13.23 -23.88 -9.60
CA ASN B 200 14.48 -23.48 -8.97
C ASN B 200 14.99 -22.17 -9.54
N HIS B 201 14.09 -21.33 -10.07
CA HIS B 201 14.41 -20.00 -10.57
C HIS B 201 13.72 -18.95 -9.73
N THR B 202 14.09 -17.69 -9.96
CA THR B 202 13.42 -16.54 -9.36
C THR B 202 13.38 -15.45 -10.43
N VAL B 203 12.20 -14.91 -10.69
CA VAL B 203 12.01 -13.97 -11.78
C VAL B 203 11.91 -12.58 -11.21
N LYS B 204 12.55 -11.63 -11.85
CA LYS B 204 12.38 -10.30 -11.30
C LYS B 204 12.29 -9.20 -12.33
N TYR B 205 11.18 -8.47 -12.20
CA TYR B 205 10.71 -7.37 -13.02
C TYR B 205 11.12 -6.02 -12.44
N TYR B 206 11.70 -5.19 -13.30
CA TYR B 206 12.31 -3.92 -12.91
C TYR B 206 11.35 -2.82 -13.35
N LYS B 207 10.49 -2.41 -12.44
CA LYS B 207 9.48 -1.42 -12.73
C LYS B 207 10.09 -0.05 -12.98
N GLY B 208 11.25 0.20 -12.38
CA GLY B 208 12.02 1.40 -12.62
C GLY B 208 13.49 1.05 -12.48
N LEU B 209 14.34 2.01 -12.88
CA LEU B 209 15.77 1.80 -12.73
C LEU B 209 16.14 1.59 -11.26
N ALA B 210 15.44 2.29 -10.35
CA ALA B 210 15.77 2.25 -8.93
C ALA B 210 15.61 0.88 -8.30
N ALA B 211 15.11 -0.11 -9.03
CA ALA B 211 14.91 -1.45 -8.47
C ALA B 211 16.18 -2.30 -8.52
N HIS B 212 17.19 -1.91 -9.29
CA HIS B 212 18.42 -2.68 -9.38
C HIS B 212 19.20 -2.61 -8.08
N ASP B 213 19.75 -3.75 -7.66
CA ASP B 213 20.48 -3.84 -6.41
C ASP B 213 21.96 -3.53 -6.62
N THR B 214 22.70 -3.49 -5.51
CA THR B 214 24.09 -3.01 -5.51
C THR B 214 24.95 -3.77 -6.51
N HIS B 215 25.00 -5.10 -6.40
CA HIS B 215 25.84 -5.88 -7.30
C HIS B 215 25.36 -5.81 -8.74
N GLU B 216 24.10 -5.42 -8.96
CA GLU B 216 23.65 -5.23 -10.33
C GLU B 216 24.06 -3.87 -10.88
N VAL B 217 23.98 -2.81 -10.08
CA VAL B 217 24.35 -1.49 -10.56
C VAL B 217 25.84 -1.41 -10.87
N LYS B 218 26.67 -2.01 -10.01
CA LYS B 218 28.11 -2.01 -10.28
C LYS B 218 28.42 -2.69 -11.60
N SER B 219 27.69 -3.77 -11.93
CA SER B 219 27.89 -4.46 -13.19
C SER B 219 27.47 -3.61 -14.38
N MET B 220 26.32 -2.92 -14.28
CA MET B 220 25.83 -2.16 -15.42
C MET B 220 26.74 -0.98 -15.75
N PHE B 221 27.33 -0.36 -14.73
CA PHE B 221 28.23 0.76 -14.98
C PHE B 221 29.64 0.32 -15.34
N LYS B 222 30.01 -0.92 -14.99
CA LYS B 222 31.25 -1.49 -15.49
C LYS B 222 31.24 -1.63 -17.01
N HIS B 223 30.06 -1.82 -17.60
CA HIS B 223 29.91 -2.00 -19.04
C HIS B 223 29.09 -0.86 -19.64
N PHE B 224 29.30 0.36 -19.12
CA PHE B 224 28.46 1.49 -19.51
C PHE B 224 28.68 1.87 -20.97
N ASP B 225 29.93 2.13 -21.35
CA ASP B 225 30.20 2.68 -22.69
C ASP B 225 29.76 1.73 -23.80
N ASN B 226 29.80 0.42 -23.56
CA ASN B 226 29.35 -0.55 -24.56
C ASN B 226 27.87 -0.91 -24.43
N MET B 227 27.12 -0.19 -23.61
CA MET B 227 25.67 -0.38 -23.52
C MET B 227 24.91 0.87 -23.94
N VAL B 228 25.60 1.85 -24.51
CA VAL B 228 24.98 3.08 -25.01
C VAL B 228 24.81 2.96 -26.52
N TYR B 229 23.60 3.21 -27.00
CA TYR B 229 23.28 3.13 -28.42
C TYR B 229 22.93 4.52 -28.95
N THR B 230 23.25 4.74 -30.22
CA THR B 230 23.03 6.02 -30.88
C THR B 230 21.91 5.89 -31.91
N PHE B 231 21.07 6.92 -32.01
CA PHE B 231 19.97 6.89 -32.97
C PHE B 231 20.39 7.50 -34.30
N THR B 232 19.82 6.97 -35.38
CA THR B 232 20.11 7.42 -36.73
C THR B 232 18.81 7.66 -37.49
N LEU B 233 18.93 8.42 -38.58
CA LEU B 233 17.79 8.85 -39.37
C LEU B 233 17.83 8.24 -40.77
N ASP B 234 16.66 8.18 -41.40
CA ASP B 234 16.51 7.64 -42.74
C ASP B 234 15.24 8.20 -43.36
N ASP B 235 15.07 7.92 -44.65
CA ASP B 235 13.97 8.54 -45.42
C ASP B 235 12.60 8.17 -44.85
N SER B 236 12.42 6.92 -44.41
CA SER B 236 11.12 6.49 -43.91
C SER B 236 10.77 7.06 -42.54
N ALA B 237 11.74 7.63 -41.82
CA ALA B 237 11.50 8.03 -40.43
C ALA B 237 10.52 9.19 -40.32
N LYS B 238 10.63 10.18 -41.21
CA LYS B 238 9.83 11.40 -41.08
C LYS B 238 8.35 11.09 -41.13
N GLU B 239 7.94 10.16 -42.01
CA GLU B 239 6.53 9.79 -42.09
C GLU B 239 6.10 8.97 -40.89
N LEU B 240 6.99 8.09 -40.40
CA LEU B 240 6.64 7.24 -39.27
C LEU B 240 6.48 8.07 -37.99
N PHE B 241 7.32 9.09 -37.81
CA PHE B 241 7.12 10.00 -36.68
C PHE B 241 5.78 10.70 -36.75
N HIS B 242 5.29 10.98 -37.96
CA HIS B 242 3.98 11.60 -38.10
C HIS B 242 2.86 10.61 -37.80
N ILE B 243 3.06 9.34 -38.16
CA ILE B 243 2.06 8.32 -37.86
C ILE B 243 1.83 8.21 -36.36
N TYR B 244 2.90 7.96 -35.61
CA TYR B 244 2.76 7.61 -34.19
C TYR B 244 2.47 8.82 -33.31
N PHE B 245 3.01 9.98 -33.62
CA PHE B 245 2.87 11.11 -32.67
C PHE B 245 2.23 12.35 -33.32
N GLY B 246 1.59 12.19 -34.48
CA GLY B 246 1.00 13.33 -35.19
C GLY B 246 -0.45 13.55 -34.78
N GLY B 247 -1.18 14.38 -35.52
CA GLY B 247 -2.56 14.72 -35.12
C GLY B 247 -3.60 13.95 -35.90
N GLU B 248 -3.18 12.98 -36.68
CA GLU B 248 -4.14 12.14 -37.42
C GLU B 248 -4.30 10.82 -36.66
N SER B 249 -5.37 10.68 -35.90
CA SER B 249 -5.58 9.40 -35.22
C SER B 249 -5.93 8.29 -36.18
N GLU B 250 -6.41 8.63 -37.39
CA GLU B 250 -6.71 7.61 -38.38
C GLU B 250 -5.48 6.81 -38.76
N LEU B 251 -4.31 7.46 -38.80
CA LEU B 251 -3.08 6.73 -39.11
C LEU B 251 -2.73 5.75 -38.01
N ARG B 252 -2.94 6.13 -36.75
CA ARG B 252 -2.77 5.19 -35.64
C ARG B 252 -3.73 4.02 -35.76
N LYS B 253 -4.99 4.30 -36.09
CA LYS B 253 -5.99 3.23 -36.23
C LYS B 253 -5.58 2.21 -37.29
N ARG B 254 -4.90 2.65 -38.35
CA ARG B 254 -4.40 1.70 -39.33
C ARG B 254 -3.20 0.93 -38.79
N GLU B 255 -2.25 1.64 -38.18
CA GLU B 255 -1.01 1.00 -37.75
C GLU B 255 -1.26 -0.01 -36.65
N LEU B 256 -2.19 0.26 -35.74
CA LEU B 256 -2.41 -0.58 -34.58
C LEU B 256 -3.37 -1.72 -34.85
N CYS B 257 -3.77 -1.93 -36.11
CA CYS B 257 -4.49 -3.14 -36.49
C CYS B 257 -3.59 -4.36 -36.45
N THR B 258 -2.28 -4.15 -36.66
CA THR B 258 -1.32 -5.23 -36.85
C THR B 258 -0.43 -5.35 -35.63
N GLY B 259 0.07 -6.57 -35.41
CA GLY B 259 1.04 -6.77 -34.36
C GLY B 259 2.40 -6.20 -34.74
N VAL B 260 3.31 -6.21 -33.76
CA VAL B 260 4.67 -5.77 -34.03
C VAL B 260 5.34 -6.75 -34.97
N VAL B 261 6.03 -6.23 -35.99
CA VAL B 261 6.82 -7.05 -36.91
C VAL B 261 8.22 -7.16 -36.34
N PRO B 262 8.64 -8.32 -35.85
CA PRO B 262 9.93 -8.40 -35.16
C PRO B 262 11.09 -8.18 -36.12
N LEU B 263 12.20 -7.73 -35.55
CA LEU B 263 13.40 -7.49 -36.34
C LEU B 263 14.04 -8.82 -36.74
N THR B 264 14.55 -8.87 -37.97
CA THR B 264 15.21 -10.08 -38.43
C THR B 264 16.56 -10.22 -37.73
N GLU B 265 17.11 -11.43 -37.80
CA GLU B 265 18.43 -11.67 -37.22
C GLU B 265 19.49 -10.79 -37.87
N THR B 266 19.26 -10.38 -39.12
CA THR B 266 20.18 -9.45 -39.77
C THR B 266 20.08 -8.06 -39.16
N GLN B 267 18.85 -7.57 -38.95
CA GLN B 267 18.66 -6.26 -38.34
C GLN B 267 19.14 -6.26 -36.90
N THR B 268 18.87 -7.34 -36.16
CA THR B 268 19.33 -7.43 -34.78
C THR B 268 20.86 -7.43 -34.73
N GLN B 269 21.50 -8.20 -35.61
CA GLN B 269 22.96 -8.26 -35.62
C GLN B 269 23.57 -6.91 -35.98
N SER B 270 22.99 -6.21 -36.95
CA SER B 270 23.51 -4.90 -37.34
C SER B 270 23.38 -3.89 -36.21
N ILE B 271 22.25 -3.91 -35.49
CA ILE B 271 22.04 -2.97 -34.41
C ILE B 271 23.10 -3.15 -33.33
N HIS B 272 23.33 -4.40 -32.92
CA HIS B 272 24.24 -4.69 -31.82
C HIS B 272 25.70 -4.59 -32.22
N SER B 273 26.02 -4.61 -33.52
CA SER B 273 27.41 -4.61 -33.95
C SER B 273 28.02 -3.20 -33.91
N VAL B 274 27.25 -2.19 -34.30
CA VAL B 274 27.73 -0.81 -34.29
C VAL B 274 27.04 0.06 -33.25
N ARG B 275 26.01 -0.46 -32.58
CA ARG B 275 25.28 0.28 -31.55
C ARG B 275 24.72 1.58 -32.11
N ARG B 276 24.02 1.45 -33.23
CA ARG B 276 23.28 2.54 -33.87
C ARG B 276 21.89 2.00 -34.18
N ILE B 277 20.85 2.76 -33.88
CA ILE B 277 19.47 2.33 -34.04
C ILE B 277 18.74 3.32 -34.94
N PRO B 278 18.20 2.89 -36.08
CA PRO B 278 17.34 3.79 -36.87
C PRO B 278 16.08 4.15 -36.10
N CYS B 279 15.69 5.43 -36.18
CA CYS B 279 14.47 5.88 -35.53
C CYS B 279 13.24 5.13 -36.06
N SER B 280 13.24 4.83 -37.36
CA SER B 280 12.11 4.12 -37.95
C SER B 280 11.94 2.75 -37.31
N LEU B 281 13.05 2.07 -37.02
CA LEU B 281 12.96 0.76 -36.41
C LEU B 281 12.47 0.87 -34.96
N HIS B 282 12.96 1.86 -34.21
CA HIS B 282 12.53 2.05 -32.83
C HIS B 282 11.04 2.34 -32.75
N LEU B 283 10.53 3.18 -33.66
CA LEU B 283 9.10 3.46 -33.70
C LEU B 283 8.31 2.20 -34.06
N GLN B 284 8.86 1.36 -34.94
CA GLN B 284 8.12 0.20 -35.42
C GLN B 284 8.03 -0.93 -34.40
N VAL B 285 8.99 -1.04 -33.49
CA VAL B 285 8.99 -2.09 -32.47
C VAL B 285 8.63 -1.56 -31.08
N ASP B 286 9.46 -0.68 -30.54
CA ASP B 286 9.30 -0.27 -29.14
C ASP B 286 8.06 0.60 -28.94
N THR B 287 7.93 1.67 -29.72
CA THR B 287 6.80 2.58 -29.54
C THR B 287 5.48 1.88 -29.87
N LYS B 288 5.47 1.07 -30.93
CA LYS B 288 4.25 0.36 -31.30
C LYS B 288 3.87 -0.67 -30.24
N ALA B 289 4.85 -1.41 -29.73
CA ALA B 289 4.57 -2.40 -28.68
C ALA B 289 3.95 -1.76 -27.45
N TYR B 290 4.38 -0.53 -27.13
CA TYR B 290 3.72 0.21 -26.06
C TYR B 290 2.27 0.50 -26.43
N LYS B 291 2.05 1.07 -27.62
CA LYS B 291 0.71 1.50 -28.01
C LYS B 291 -0.27 0.34 -28.05
N LEU B 292 0.16 -0.82 -28.56
CA LEU B 292 -0.69 -2.00 -28.53
C LEU B 292 -0.98 -2.42 -27.09
N ASP B 293 0.00 -2.31 -26.21
CA ASP B 293 -0.20 -2.65 -24.81
C ASP B 293 -1.14 -1.66 -24.13
N ALA B 294 -0.99 -0.36 -24.44
CA ALA B 294 -1.84 0.65 -23.84
C ALA B 294 -3.31 0.44 -24.20
N ILE B 295 -3.60 -0.08 -25.39
CA ILE B 295 -4.98 -0.38 -25.76
C ILE B 295 -5.53 -1.48 -24.85
N GLU B 296 -4.73 -2.51 -24.59
CA GLU B 296 -5.17 -3.57 -23.68
C GLU B 296 -5.34 -3.06 -22.26
N ARG B 297 -4.57 -2.05 -21.86
CA ARG B 297 -4.68 -1.52 -20.52
C ARG B 297 -5.93 -0.67 -20.35
N GLN B 298 -6.30 0.09 -21.38
CA GLN B 298 -7.29 1.15 -21.23
C GLN B 298 -8.63 0.84 -21.86
N ILE B 299 -8.68 0.01 -22.90
CA ILE B 299 -9.93 -0.35 -23.59
C ILE B 299 -10.36 -1.73 -23.11
N PRO B 300 -11.60 -1.89 -22.65
CA PRO B 300 -11.99 -3.16 -22.03
C PRO B 300 -12.41 -4.24 -23.02
N ASN B 301 -12.36 -5.48 -22.54
CA ASN B 301 -12.78 -6.64 -23.31
C ASN B 301 -14.30 -6.68 -23.42
N PHE B 302 -14.80 -7.08 -24.59
CA PHE B 302 -16.26 -7.09 -24.79
C PHE B 302 -16.96 -8.24 -24.09
N LEU B 303 -16.22 -9.21 -23.56
CA LEU B 303 -16.86 -10.33 -22.88
C LEU B 303 -17.28 -9.97 -21.46
N ASP B 304 -16.38 -9.36 -20.68
CA ASP B 304 -16.66 -9.04 -19.29
C ASP B 304 -16.69 -7.54 -19.02
N GLY B 305 -16.38 -6.70 -20.01
CA GLY B 305 -16.43 -5.27 -19.82
C GLY B 305 -15.39 -4.70 -18.89
N MET B 306 -14.26 -5.38 -18.73
CA MET B 306 -13.21 -4.96 -17.82
C MET B 306 -11.91 -4.71 -18.57
N THR B 307 -11.13 -3.76 -18.05
CA THR B 307 -9.76 -3.58 -18.48
C THR B 307 -8.86 -4.59 -17.78
N ARG B 308 -7.58 -4.62 -18.14
CA ARG B 308 -6.65 -5.55 -17.53
C ARG B 308 -6.51 -5.29 -16.03
N ALA B 309 -6.44 -4.02 -15.63
CA ALA B 309 -6.30 -3.69 -14.22
C ALA B 309 -7.53 -4.10 -13.42
N ARG B 310 -8.72 -3.76 -13.92
CA ARG B 310 -9.94 -4.11 -13.20
C ARG B 310 -10.15 -5.61 -13.13
N ARG B 311 -9.61 -6.36 -14.09
CA ARG B 311 -9.68 -7.82 -14.02
C ARG B 311 -8.73 -8.35 -12.96
N LYS B 312 -7.53 -7.78 -12.85
CA LYS B 312 -6.64 -8.11 -11.75
C LYS B 312 -7.28 -7.79 -10.41
N ILE B 313 -7.98 -6.65 -10.32
CA ILE B 313 -8.60 -6.24 -9.07
C ILE B 313 -9.74 -7.20 -8.69
N LEU B 314 -10.49 -7.70 -9.69
CA LEU B 314 -11.54 -8.67 -9.39
C LEU B 314 -10.93 -10.01 -8.97
N ALA B 315 -10.02 -10.55 -9.79
CA ALA B 315 -9.40 -11.82 -9.46
C ALA B 315 -8.67 -11.75 -8.12
N GLY B 316 -7.98 -10.64 -7.86
CA GLY B 316 -7.36 -10.46 -6.57
C GLY B 316 -8.38 -10.33 -5.44
N GLY B 317 -9.49 -9.64 -5.72
CA GLY B 317 -10.55 -9.55 -4.73
C GLY B 317 -11.12 -10.89 -4.33
N VAL B 318 -11.35 -11.77 -5.31
CA VAL B 318 -11.91 -13.09 -5.02
C VAL B 318 -10.95 -13.88 -4.13
N LYS B 319 -9.65 -13.76 -4.40
CA LYS B 319 -8.66 -14.44 -3.54
C LYS B 319 -8.63 -13.84 -2.15
N CYS B 320 -8.55 -12.50 -2.06
CA CYS B 320 -8.41 -11.84 -0.77
C CYS B 320 -9.62 -12.08 0.12
N PHE B 321 -10.82 -11.92 -0.44
CA PHE B 321 -12.07 -12.04 0.31
C PHE B 321 -12.69 -13.43 0.20
N ALA B 322 -11.88 -14.48 0.19
CA ALA B 322 -12.43 -15.84 0.05
C ALA B 322 -12.67 -16.49 1.40
N SER B 323 -11.63 -16.57 2.23
CA SER B 323 -11.83 -17.10 3.58
C SER B 323 -12.66 -16.15 4.44
N ASN B 324 -12.39 -14.85 4.30
CA ASN B 324 -12.97 -13.83 5.18
C ASN B 324 -13.41 -12.63 4.32
N ASN B 325 -14.72 -12.34 4.29
CA ASN B 325 -15.20 -11.16 3.57
C ASN B 325 -15.11 -9.94 4.46
N ARG B 326 -14.18 -10.11 5.40
CA ARG B 326 -13.85 -9.03 6.33
C ARG B 326 -13.32 -7.90 5.49
N GLU B 327 -13.76 -6.71 5.83
CA GLU B 327 -13.36 -5.52 5.09
C GLU B 327 -11.89 -5.14 5.27
N ARG B 328 -11.33 -4.49 4.23
CA ARG B 328 -9.94 -4.03 4.26
C ARG B 328 -9.76 -2.65 3.63
N LYS B 329 -8.80 -1.88 4.14
CA LYS B 329 -8.52 -0.57 3.59
C LYS B 329 -8.00 -0.69 2.16
N VAL B 330 -8.23 0.35 1.36
CA VAL B 330 -7.91 0.28 -0.07
C VAL B 330 -6.41 0.08 -0.28
N PHE B 331 -5.58 0.82 0.46
CA PHE B 331 -4.15 0.70 0.26
C PHE B 331 -3.64 -0.67 0.70
N GLN B 332 -4.29 -1.30 1.67
CA GLN B 332 -3.94 -2.67 2.03
C GLN B 332 -4.34 -3.64 0.91
N PHE B 333 -5.59 -3.53 0.44
CA PHE B 333 -6.04 -4.38 -0.65
C PHE B 333 -5.23 -4.15 -1.92
N GLY B 334 -4.94 -2.88 -2.23
CA GLY B 334 -4.09 -2.57 -3.38
C GLY B 334 -2.77 -3.32 -3.33
N GLY B 335 -2.12 -3.31 -2.17
CA GLY B 335 -0.88 -4.06 -2.02
C GLY B 335 -1.07 -5.54 -2.29
N TYR B 336 -2.16 -6.12 -1.78
CA TYR B 336 -2.47 -7.52 -2.03
C TYR B 336 -2.60 -7.80 -3.53
N VAL B 337 -3.33 -6.94 -4.25
CA VAL B 337 -3.53 -7.13 -5.68
C VAL B 337 -2.20 -7.10 -6.41
N ALA B 338 -1.38 -6.07 -6.15
CA ALA B 338 -0.12 -5.91 -6.87
C ALA B 338 0.82 -7.09 -6.64
N ASP B 339 0.74 -7.73 -5.48
CA ASP B 339 1.60 -8.88 -5.19
C ASP B 339 1.08 -10.14 -5.86
N HIS B 340 -0.15 -10.54 -5.55
CA HIS B 340 -0.67 -11.83 -5.99
C HIS B 340 -1.02 -11.85 -7.47
N MET B 341 -1.51 -10.74 -8.01
CA MET B 341 -1.84 -10.65 -9.43
C MET B 341 -0.71 -10.07 -10.27
N PHE B 342 0.46 -9.86 -9.68
CA PHE B 342 1.66 -9.38 -10.43
C PHE B 342 1.35 -8.09 -11.19
N TYR B 343 1.32 -6.96 -10.48
CA TYR B 343 0.99 -5.67 -11.11
C TYR B 343 2.30 -4.93 -11.36
N HIS B 344 2.60 -4.67 -12.62
CA HIS B 344 3.91 -4.14 -13.00
C HIS B 344 3.94 -2.61 -13.06
N HIS B 345 3.02 -1.94 -12.38
CA HIS B 345 2.94 -0.49 -12.48
C HIS B 345 2.77 0.17 -11.12
N GLY B 346 2.58 1.48 -11.09
CA GLY B 346 2.55 2.20 -9.84
C GLY B 346 1.27 1.96 -9.05
N ASP B 347 1.41 2.01 -7.72
CA ASP B 347 0.30 1.78 -6.81
C ASP B 347 -0.73 2.92 -6.83
N MET B 348 -0.34 4.11 -7.31
CA MET B 348 -1.28 5.23 -7.31
C MET B 348 -2.49 4.95 -8.19
N SER B 349 -2.25 4.54 -9.44
CA SER B 349 -3.37 4.26 -10.34
C SER B 349 -4.12 2.99 -9.95
N LEU B 350 -3.48 2.10 -9.18
CA LEU B 350 -4.16 0.88 -8.75
C LEU B 350 -5.14 1.18 -7.63
N ASN B 351 -4.71 1.94 -6.63
CA ASN B 351 -5.62 2.36 -5.56
C ASN B 351 -6.79 3.16 -6.12
N THR B 352 -6.53 3.98 -7.15
CA THR B 352 -7.60 4.77 -7.76
C THR B 352 -8.57 3.86 -8.52
N SER B 353 -8.04 2.92 -9.31
CA SER B 353 -8.90 2.00 -10.04
C SER B 353 -9.80 1.21 -9.09
N ILE B 354 -9.26 0.80 -7.94
CA ILE B 354 -10.05 0.06 -6.96
C ILE B 354 -11.20 0.92 -6.46
N ILE B 355 -10.93 2.20 -6.18
CA ILE B 355 -11.97 3.09 -5.66
C ILE B 355 -13.06 3.31 -6.69
N LYS B 356 -12.68 3.58 -7.95
CA LYS B 356 -13.68 3.75 -9.00
C LYS B 356 -14.45 2.47 -9.25
N ALA B 357 -13.85 1.31 -8.97
CA ALA B 357 -14.54 0.05 -9.15
C ALA B 357 -15.59 -0.21 -8.07
N ALA B 358 -15.51 0.50 -6.95
CA ALA B 358 -16.44 0.31 -5.84
C ALA B 358 -17.39 1.48 -5.65
N GLN B 359 -17.34 2.48 -6.52
CA GLN B 359 -18.23 3.63 -6.40
C GLN B 359 -19.63 3.27 -6.90
N TYR B 360 -20.63 3.74 -6.16
CA TYR B 360 -22.04 3.49 -6.51
C TYR B 360 -22.83 4.77 -6.26
N TYR B 361 -23.04 5.55 -7.31
CA TYR B 361 -23.83 6.76 -7.26
C TYR B 361 -24.45 6.98 -8.63
N PRO B 362 -25.49 7.83 -8.74
CA PRO B 362 -26.15 8.03 -10.03
C PRO B 362 -25.22 8.66 -11.05
N GLY B 363 -25.01 7.95 -12.16
CA GLY B 363 -24.10 8.40 -13.19
C GLY B 363 -22.72 7.80 -13.10
N SER B 364 -22.42 7.08 -12.02
CA SER B 364 -21.13 6.42 -11.88
C SER B 364 -20.95 5.39 -13.00
N SER B 365 -19.69 4.98 -13.19
CA SER B 365 -19.39 4.03 -14.26
C SER B 365 -20.13 2.71 -14.07
N HIS B 366 -20.38 2.31 -12.83
CA HIS B 366 -20.81 0.94 -12.53
C HIS B 366 -22.21 0.95 -11.93
N LEU B 367 -23.16 0.35 -12.64
CA LEU B 367 -24.46 0.04 -12.08
C LEU B 367 -24.42 -1.18 -11.16
N TYR B 368 -23.42 -2.04 -11.35
CA TYR B 368 -23.30 -3.30 -10.62
C TYR B 368 -21.87 -3.45 -10.12
N PRO B 369 -21.46 -2.63 -9.15
CA PRO B 369 -20.07 -2.62 -8.72
C PRO B 369 -19.62 -3.97 -8.15
N VAL B 370 -18.35 -4.30 -8.39
CA VAL B 370 -17.79 -5.55 -7.93
C VAL B 370 -17.59 -5.55 -6.42
N PHE B 371 -17.40 -4.38 -5.82
CA PHE B 371 -17.13 -4.27 -4.39
C PHE B 371 -18.25 -3.51 -3.69
N ILE B 372 -18.30 -3.67 -2.37
CA ILE B 372 -19.06 -2.80 -1.49
C ILE B 372 -18.11 -1.76 -0.93
N GLY B 373 -18.50 -0.48 -1.00
CA GLY B 373 -17.68 0.60 -0.50
C GLY B 373 -18.13 1.03 0.87
N ILE B 374 -17.20 1.01 1.83
CA ILE B 374 -17.47 1.42 3.21
C ILE B 374 -16.65 2.68 3.46
N GLY B 375 -17.33 3.81 3.56
CA GLY B 375 -16.73 5.11 3.76
C GLY B 375 -17.20 6.10 2.72
N SER B 376 -16.52 7.24 2.64
CA SER B 376 -16.84 8.28 1.68
C SER B 376 -16.20 7.92 0.33
N PHE B 377 -17.02 7.42 -0.60
CA PHE B 377 -16.55 6.99 -1.90
C PHE B 377 -16.91 7.97 -3.02
N GLY B 378 -17.22 9.21 -2.67
CA GLY B 378 -17.47 10.24 -3.66
C GLY B 378 -18.94 10.41 -3.98
N SER B 379 -19.24 11.51 -4.66
CA SER B 379 -20.60 11.94 -4.88
C SER B 379 -20.85 12.29 -6.34
N ARG B 380 -22.11 12.19 -6.75
CA ARG B 380 -22.55 12.62 -8.07
C ARG B 380 -22.13 14.05 -8.37
N HIS B 381 -22.16 14.92 -7.37
CA HIS B 381 -21.98 16.35 -7.58
C HIS B 381 -20.56 16.69 -8.07
N LEU B 382 -19.56 15.91 -7.67
CA LEU B 382 -18.19 16.15 -8.11
C LEU B 382 -17.65 15.02 -8.99
N GLY B 383 -18.52 14.16 -9.50
CA GLY B 383 -18.08 13.07 -10.36
C GLY B 383 -17.18 12.07 -9.69
N GLY B 384 -17.34 11.87 -8.39
CA GLY B 384 -16.54 10.90 -7.66
C GLY B 384 -15.14 11.35 -7.29
N LYS B 385 -14.76 12.59 -7.59
CA LYS B 385 -13.43 13.08 -7.24
C LYS B 385 -13.34 13.57 -5.80
N ASP B 386 -14.44 13.52 -5.04
CA ASP B 386 -14.43 13.87 -3.63
C ASP B 386 -14.37 12.64 -2.73
N ALA B 387 -13.85 11.53 -3.24
CA ALA B 387 -13.69 10.35 -2.41
C ALA B 387 -12.55 10.55 -1.42
N GLY B 388 -12.61 9.79 -0.33
CA GLY B 388 -11.57 9.87 0.68
C GLY B 388 -10.25 9.28 0.19
N SER B 389 -9.20 9.62 0.92
CA SER B 389 -7.89 9.04 0.63
C SER B 389 -7.93 7.53 0.88
N PRO B 390 -7.13 6.75 0.15
CA PRO B 390 -7.18 5.28 0.31
C PRO B 390 -6.90 4.78 1.73
N ARG B 391 -6.37 5.63 2.62
CA ARG B 391 -6.10 5.16 3.98
C ARG B 391 -7.36 5.07 4.84
N TYR B 392 -8.43 5.79 4.50
CA TYR B 392 -9.65 5.81 5.30
C TYR B 392 -10.69 4.83 4.81
N ILE B 393 -10.97 4.84 3.51
CA ILE B 393 -12.11 4.11 2.97
C ILE B 393 -11.72 2.65 2.76
N SER B 394 -12.69 1.77 2.83
CA SER B 394 -12.46 0.33 2.75
C SER B 394 -13.33 -0.28 1.67
N VAL B 395 -12.86 -1.39 1.11
CA VAL B 395 -13.61 -2.14 0.12
C VAL B 395 -13.95 -3.51 0.72
N GLN B 396 -14.86 -4.20 0.05
CA GLN B 396 -15.40 -5.48 0.51
C GLN B 396 -16.13 -6.13 -0.65
N LEU B 397 -15.86 -7.40 -0.91
CA LEU B 397 -16.39 -8.06 -2.09
C LEU B 397 -17.92 -8.08 -2.05
N ALA B 398 -18.54 -7.71 -3.17
CA ALA B 398 -19.99 -7.87 -3.34
C ALA B 398 -20.25 -9.34 -3.70
N SER B 399 -20.02 -10.19 -2.70
CA SER B 399 -19.86 -11.62 -2.96
C SER B 399 -21.13 -12.24 -3.53
N GLU B 400 -22.29 -11.79 -3.07
CA GLU B 400 -23.55 -12.32 -3.61
C GLU B 400 -23.66 -12.02 -5.10
N PHE B 401 -23.31 -10.80 -5.50
CA PHE B 401 -23.29 -10.46 -6.91
C PHE B 401 -22.20 -11.22 -7.65
N ILE B 402 -21.00 -11.29 -7.05
CA ILE B 402 -19.88 -11.98 -7.69
C ILE B 402 -20.16 -13.47 -7.81
N LYS B 403 -20.80 -14.06 -6.79
CA LYS B 403 -21.07 -15.51 -6.84
C LYS B 403 -21.99 -15.88 -7.98
N THR B 404 -22.91 -14.99 -8.34
CA THR B 404 -23.89 -15.33 -9.37
C THR B 404 -23.45 -14.90 -10.76
N MET B 405 -22.84 -13.71 -10.87
CA MET B 405 -22.45 -13.22 -12.19
C MET B 405 -21.23 -13.95 -12.73
N PHE B 406 -20.27 -14.26 -11.85
CA PHE B 406 -19.04 -14.97 -12.22
C PHE B 406 -18.98 -16.28 -11.45
N PRO B 407 -19.58 -17.35 -11.98
CA PRO B 407 -19.59 -18.63 -11.26
C PRO B 407 -18.17 -19.13 -11.00
N ALA B 408 -17.96 -19.66 -9.78
CA ALA B 408 -16.64 -20.11 -9.39
C ALA B 408 -16.16 -21.28 -10.23
N GLU B 409 -17.06 -22.22 -10.54
CA GLU B 409 -16.69 -23.37 -11.37
C GLU B 409 -16.10 -22.91 -12.71
N ASP B 410 -16.69 -21.87 -13.31
CA ASP B 410 -16.23 -21.40 -14.62
C ASP B 410 -14.79 -20.90 -14.57
N SER B 411 -14.37 -20.32 -13.43
CA SER B 411 -13.06 -19.69 -13.37
C SER B 411 -11.94 -20.70 -13.53
N TRP B 412 -12.16 -21.94 -13.12
CA TRP B 412 -11.16 -22.99 -13.35
C TRP B 412 -10.92 -23.23 -14.83
N LEU B 413 -11.91 -22.92 -15.66
CA LEU B 413 -11.90 -23.27 -17.08
C LEU B 413 -11.49 -22.13 -17.99
N LEU B 414 -11.29 -20.93 -17.45
CA LEU B 414 -10.92 -19.80 -18.27
C LEU B 414 -9.46 -19.92 -18.73
N PRO B 415 -9.11 -19.26 -19.83
CA PRO B 415 -7.69 -19.12 -20.16
C PRO B 415 -7.07 -18.01 -19.32
N TYR B 416 -5.81 -18.20 -18.95
CA TYR B 416 -5.19 -17.37 -17.93
C TYR B 416 -3.94 -16.67 -18.45
N VAL B 417 -3.72 -15.47 -17.92
CA VAL B 417 -2.50 -14.71 -18.18
C VAL B 417 -1.40 -15.19 -17.25
N PHE B 418 -0.18 -15.30 -17.76
CA PHE B 418 0.97 -15.71 -16.97
C PHE B 418 1.98 -14.56 -16.92
N GLU B 419 2.17 -14.00 -15.73
CA GLU B 419 3.12 -12.91 -15.51
C GLU B 419 4.27 -13.42 -14.66
N ASP B 420 5.49 -13.02 -15.04
CA ASP B 420 6.71 -13.48 -14.37
C ASP B 420 6.78 -15.00 -14.33
N GLY B 421 6.23 -15.65 -15.35
CA GLY B 421 6.22 -17.11 -15.40
C GLY B 421 5.23 -17.76 -14.47
N GLN B 422 4.26 -17.01 -13.94
CA GLN B 422 3.31 -17.52 -12.96
C GLN B 422 1.90 -17.09 -13.33
N ARG B 423 0.93 -17.88 -12.88
CA ARG B 423 -0.47 -17.62 -13.22
C ARG B 423 -0.98 -16.38 -12.49
N ALA B 424 -1.72 -15.54 -13.23
CA ALA B 424 -2.28 -14.31 -12.69
C ALA B 424 -3.79 -14.27 -12.88
N GLU B 425 -4.30 -13.15 -13.38
CA GLU B 425 -5.71 -13.01 -13.68
C GLU B 425 -6.04 -13.72 -14.99
N PRO B 426 -7.31 -14.06 -15.22
CA PRO B 426 -7.69 -14.67 -16.50
C PRO B 426 -7.51 -13.71 -17.65
N GLU B 427 -7.38 -14.27 -18.85
CA GLU B 427 -7.39 -13.43 -20.05
C GLU B 427 -8.69 -12.65 -20.14
N TYR B 428 -9.80 -13.30 -19.79
CA TYR B 428 -11.11 -12.67 -19.76
C TYR B 428 -12.02 -13.54 -18.89
N TYR B 429 -12.98 -12.88 -18.24
CA TYR B 429 -14.09 -13.60 -17.63
C TYR B 429 -15.23 -13.74 -18.64
N VAL B 430 -16.07 -14.73 -18.42
CA VAL B 430 -17.27 -14.89 -19.24
C VAL B 430 -18.47 -14.88 -18.30
N PRO B 431 -18.99 -13.70 -17.96
CA PRO B 431 -20.08 -13.61 -16.98
C PRO B 431 -21.39 -14.14 -17.53
N VAL B 432 -22.33 -14.34 -16.61
CA VAL B 432 -23.63 -14.91 -16.95
C VAL B 432 -24.45 -13.96 -17.81
N LEU B 433 -24.25 -12.65 -17.65
CA LEU B 433 -24.90 -11.63 -18.45
C LEU B 433 -23.87 -10.79 -19.19
N PRO B 434 -24.22 -10.19 -20.35
CA PRO B 434 -23.22 -9.44 -21.11
C PRO B 434 -22.83 -8.15 -20.41
N LEU B 435 -21.77 -8.21 -19.61
CA LEU B 435 -21.46 -7.10 -18.71
C LEU B 435 -20.89 -5.89 -19.44
N ALA B 436 -20.38 -6.06 -20.66
CA ALA B 436 -19.77 -4.94 -21.38
C ALA B 436 -20.80 -3.92 -21.85
N ILE B 437 -22.07 -4.30 -21.94
CA ILE B 437 -23.14 -3.41 -22.34
C ILE B 437 -24.02 -3.02 -21.17
N MET B 438 -23.64 -3.39 -19.96
CA MET B 438 -24.43 -3.15 -18.76
C MET B 438 -23.88 -2.02 -17.90
N GLU B 439 -22.75 -1.44 -18.25
CA GLU B 439 -22.11 -0.41 -17.45
C GLU B 439 -21.94 0.85 -18.30
N TYR B 440 -21.45 1.91 -17.66
CA TYR B 440 -21.10 3.16 -18.32
C TYR B 440 -19.58 3.23 -18.45
N GLY B 441 -19.11 3.77 -19.57
CA GLY B 441 -17.67 3.89 -19.80
C GLY B 441 -17.35 5.05 -20.71
N ALA B 442 -16.17 5.62 -20.50
CA ALA B 442 -15.67 6.72 -21.33
C ALA B 442 -14.21 7.00 -21.07
N ASN B 443 -13.32 6.54 -21.94
CA ASN B 443 -11.89 6.85 -21.81
C ASN B 443 -11.28 6.93 -23.20
N PRO B 444 -10.20 7.68 -23.35
CA PRO B 444 -9.41 7.62 -24.58
C PRO B 444 -8.36 6.51 -24.47
N SER B 445 -7.71 6.25 -25.59
CA SER B 445 -6.59 5.31 -25.62
C SER B 445 -5.72 5.66 -26.82
N GLU B 446 -4.86 4.73 -27.22
CA GLU B 446 -4.06 4.92 -28.43
C GLU B 446 -4.91 4.56 -29.63
N GLY B 447 -5.16 5.53 -30.50
CA GLY B 447 -5.92 5.28 -31.71
C GLY B 447 -7.43 5.32 -31.59
N TRP B 448 -7.98 4.67 -30.57
CA TRP B 448 -9.43 4.55 -30.40
C TRP B 448 -9.88 5.16 -29.08
N LYS B 449 -11.10 5.68 -29.08
CA LYS B 449 -11.81 6.09 -27.88
C LYS B 449 -12.83 5.02 -27.51
N TYR B 450 -13.15 4.92 -26.23
CA TYR B 450 -14.13 3.97 -25.72
C TYR B 450 -15.25 4.73 -25.02
N THR B 451 -16.50 4.39 -25.36
CA THR B 451 -17.65 5.00 -24.71
C THR B 451 -18.85 4.08 -24.85
N THR B 452 -19.48 3.74 -23.73
CA THR B 452 -20.70 2.94 -23.71
C THR B 452 -21.71 3.56 -22.74
N TRP B 453 -22.98 3.40 -23.07
CA TRP B 453 -24.08 3.82 -22.21
C TRP B 453 -24.89 2.57 -21.84
N ALA B 454 -25.05 2.34 -20.54
CA ALA B 454 -25.59 1.08 -20.05
C ALA B 454 -26.97 0.79 -20.65
N ARG B 455 -27.15 -0.47 -21.06
CA ARG B 455 -28.43 -0.91 -21.59
C ARG B 455 -29.38 -1.27 -20.45
N GLN B 456 -30.68 -1.14 -20.74
CA GLN B 456 -31.70 -1.44 -19.75
C GLN B 456 -31.61 -2.90 -19.32
N LEU B 457 -31.68 -3.14 -18.01
CA LEU B 457 -31.52 -4.49 -17.49
C LEU B 457 -32.64 -5.40 -17.96
N GLU B 458 -33.88 -4.89 -17.96
CA GLU B 458 -35.01 -5.74 -18.37
C GLU B 458 -34.92 -6.10 -19.84
N ASP B 459 -34.30 -5.25 -20.66
CA ASP B 459 -34.07 -5.60 -22.05
C ASP B 459 -32.99 -6.68 -22.18
N ILE B 460 -31.92 -6.56 -21.39
CA ILE B 460 -30.86 -7.56 -21.40
C ILE B 460 -31.42 -8.93 -21.08
N LEU B 461 -32.28 -9.00 -20.05
CA LEU B 461 -32.87 -10.28 -19.66
C LEU B 461 -33.73 -10.86 -20.77
N ALA B 462 -34.63 -10.04 -21.32
CA ALA B 462 -35.53 -10.52 -22.38
C ALA B 462 -34.77 -11.18 -23.52
N LEU B 463 -33.70 -10.54 -23.99
CA LEU B 463 -32.94 -11.09 -25.10
C LEU B 463 -32.23 -12.38 -24.71
N VAL B 464 -31.49 -12.36 -23.60
CA VAL B 464 -30.73 -13.53 -23.18
C VAL B 464 -31.65 -14.69 -22.84
N ARG B 465 -32.76 -14.41 -22.14
CA ARG B 465 -33.67 -15.48 -21.77
C ARG B 465 -34.32 -16.13 -22.98
N ALA B 466 -34.70 -15.31 -23.98
CA ALA B 466 -35.32 -15.87 -25.18
C ALA B 466 -34.33 -16.68 -26.00
N TYR B 467 -33.05 -16.34 -25.95
CA TYR B 467 -32.04 -17.10 -26.68
C TYR B 467 -31.84 -18.48 -26.09
N VAL B 468 -32.08 -18.64 -24.79
CA VAL B 468 -31.75 -19.87 -24.08
C VAL B 468 -32.99 -20.72 -23.81
N ASP B 469 -34.11 -20.09 -23.45
CA ASP B 469 -35.33 -20.82 -23.11
C ASP B 469 -36.07 -21.20 -24.39
N LYS B 470 -36.13 -22.52 -24.66
CA LYS B 470 -36.88 -22.99 -25.81
C LYS B 470 -38.38 -22.69 -25.68
N ASP B 471 -38.88 -22.61 -24.45
CA ASP B 471 -40.29 -22.35 -24.23
C ASP B 471 -40.68 -20.90 -24.51
N ASN B 472 -39.71 -19.99 -24.58
CA ASN B 472 -40.02 -18.61 -24.93
C ASN B 472 -40.61 -18.53 -26.33
N PRO B 473 -41.68 -17.75 -26.53
CA PRO B 473 -42.22 -17.58 -27.90
C PRO B 473 -41.18 -17.04 -28.87
N LYS B 474 -40.31 -16.15 -28.41
CA LYS B 474 -39.36 -15.46 -29.27
C LYS B 474 -38.10 -16.28 -29.53
N HIS B 475 -38.05 -17.53 -29.09
CA HIS B 475 -36.81 -18.30 -29.15
C HIS B 475 -36.47 -18.70 -30.58
N GLU B 476 -37.38 -19.41 -31.24
CA GLU B 476 -37.24 -19.69 -32.66
C GLU B 476 -36.90 -18.43 -33.45
N LEU B 477 -37.62 -17.34 -33.19
CA LEU B 477 -37.49 -16.16 -34.03
C LEU B 477 -36.19 -15.44 -33.75
N LEU B 478 -35.73 -15.44 -32.49
CA LEU B 478 -34.50 -14.74 -32.14
C LEU B 478 -33.30 -15.40 -32.81
N HIS B 479 -33.23 -16.73 -32.77
CA HIS B 479 -32.11 -17.43 -33.40
C HIS B 479 -32.05 -17.14 -34.89
N TYR B 480 -33.20 -16.95 -35.52
CA TYR B 480 -33.22 -16.50 -36.91
C TYR B 480 -32.60 -15.12 -37.03
N ALA B 481 -32.78 -14.27 -36.02
CA ALA B 481 -32.28 -12.90 -36.09
C ALA B 481 -30.77 -12.81 -35.96
N ILE B 482 -30.16 -13.60 -35.06
CA ILE B 482 -28.72 -13.52 -34.91
C ILE B 482 -28.04 -14.04 -36.18
N LYS B 483 -28.64 -15.04 -36.82
CA LYS B 483 -28.06 -15.60 -38.04
C LYS B 483 -27.93 -14.56 -39.13
N HIS B 484 -28.86 -13.61 -39.21
CA HIS B 484 -28.85 -12.59 -40.27
C HIS B 484 -28.57 -11.18 -39.74
N LYS B 485 -28.12 -11.04 -38.51
CA LYS B 485 -27.86 -9.74 -37.88
C LYS B 485 -29.01 -8.77 -38.17
N ILE B 486 -30.19 -9.12 -37.66
CA ILE B 486 -31.39 -8.29 -37.74
C ILE B 486 -32.03 -8.25 -36.36
N THR B 487 -32.56 -7.08 -35.98
CA THR B 487 -33.05 -6.86 -34.62
C THR B 487 -34.53 -7.13 -34.55
N ILE B 488 -34.95 -7.90 -33.54
CA ILE B 488 -36.36 -8.23 -33.35
C ILE B 488 -36.83 -7.74 -31.98
N LEU B 489 -35.92 -7.72 -31.00
CA LEU B 489 -36.21 -7.26 -29.66
C LEU B 489 -35.39 -6.00 -29.35
N PRO B 490 -35.80 -5.12 -28.40
CA PRO B 490 -35.05 -3.90 -28.18
C PRO B 490 -34.02 -3.85 -27.05
N LEU B 491 -32.86 -3.21 -27.27
CA LEU B 491 -31.95 -2.96 -26.12
C LEU B 491 -31.87 -1.44 -25.98
N ARG B 492 -32.75 -0.88 -25.16
CA ARG B 492 -32.85 0.60 -24.99
C ARG B 492 -31.91 1.06 -23.88
N PRO B 493 -31.43 2.31 -23.84
CA PRO B 493 -30.58 2.73 -22.71
C PRO B 493 -31.30 2.61 -21.38
N SER B 494 -30.53 2.29 -20.35
CA SER B 494 -31.11 2.15 -19.02
C SER B 494 -31.47 3.51 -18.44
N ASN B 495 -32.54 3.53 -17.65
CA ASN B 495 -33.00 4.74 -16.98
C ASN B 495 -32.88 4.64 -15.47
N TYR B 496 -32.27 3.57 -14.96
CA TYR B 496 -32.15 3.40 -13.52
C TYR B 496 -31.35 4.57 -12.93
N ASN B 497 -31.80 5.05 -11.77
CA ASN B 497 -31.21 6.20 -11.10
C ASN B 497 -31.30 7.46 -11.93
N PHE B 498 -32.28 7.53 -12.83
CA PHE B 498 -32.45 8.69 -13.71
C PHE B 498 -33.90 9.17 -13.61
N LYS B 499 -34.09 10.38 -13.11
CA LYS B 499 -35.39 11.01 -12.97
C LYS B 499 -35.74 11.93 -14.15
N GLY B 500 -35.06 11.77 -15.28
CA GLY B 500 -35.30 12.55 -16.46
C GLY B 500 -35.99 11.75 -17.53
N HIS B 501 -35.91 12.24 -18.76
CA HIS B 501 -36.53 11.55 -19.88
C HIS B 501 -35.50 11.16 -20.91
N LEU B 502 -35.91 10.24 -21.78
CA LEU B 502 -35.07 9.74 -22.87
C LEU B 502 -35.92 9.75 -24.12
N LYS B 503 -35.34 10.18 -25.24
CA LYS B 503 -36.07 10.26 -26.49
C LYS B 503 -35.17 9.76 -27.62
N ARG B 504 -35.81 9.34 -28.71
CA ARG B 504 -35.13 8.67 -29.82
C ARG B 504 -35.47 9.36 -31.12
N PHE B 505 -34.43 9.84 -31.81
CA PHE B 505 -34.55 10.52 -33.10
C PHE B 505 -33.63 9.81 -34.09
N GLY B 506 -34.21 9.10 -35.06
CA GLY B 506 -33.42 8.35 -36.03
C GLY B 506 -32.89 7.13 -35.32
N GLN B 507 -31.59 6.90 -35.10
CA GLN B 507 -31.45 5.90 -34.06
C GLN B 507 -30.58 6.41 -32.97
N TYR B 508 -30.72 7.67 -32.61
CA TYR B 508 -29.87 8.23 -31.57
C TYR B 508 -30.79 8.56 -30.42
N TYR B 509 -30.33 8.23 -29.22
CA TYR B 509 -31.01 8.59 -27.99
C TYR B 509 -30.42 9.87 -27.41
N TYR B 510 -31.29 10.67 -26.81
CA TYR B 510 -30.89 11.89 -26.14
C TYR B 510 -31.40 11.86 -24.72
N SER B 511 -30.70 12.57 -23.84
CA SER B 511 -31.02 12.58 -22.42
C SER B 511 -31.47 13.98 -22.02
N TYR B 512 -32.50 14.04 -21.18
CA TYR B 512 -33.14 15.31 -20.84
C TYR B 512 -33.22 15.47 -19.33
N GLY B 513 -32.90 16.67 -18.86
CA GLY B 513 -33.14 17.03 -17.49
C GLY B 513 -34.60 17.39 -17.29
N THR B 514 -34.90 17.87 -16.09
CA THR B 514 -36.26 18.28 -15.75
C THR B 514 -36.20 19.61 -15.02
N TYR B 515 -37.22 20.43 -15.26
CA TYR B 515 -37.26 21.77 -14.70
C TYR B 515 -38.70 22.13 -14.39
N ASP B 516 -38.86 23.06 -13.44
CA ASP B 516 -40.15 23.58 -13.07
C ASP B 516 -40.04 25.10 -13.10
N ILE B 517 -40.92 25.73 -13.85
CA ILE B 517 -40.91 27.18 -13.99
C ILE B 517 -41.82 27.77 -12.91
N SER B 518 -41.54 29.00 -12.52
CA SER B 518 -42.38 29.66 -11.52
C SER B 518 -42.37 31.14 -11.83
N GLU B 519 -43.51 31.64 -12.30
CA GLU B 519 -43.65 33.04 -12.68
C GLU B 519 -44.09 33.88 -11.51
N GLN B 520 -44.60 33.25 -10.46
CA GLN B 520 -44.96 33.97 -9.24
C GLN B 520 -43.76 34.66 -8.61
N ARG B 521 -42.55 34.18 -8.90
CA ARG B 521 -41.35 34.81 -8.37
C ARG B 521 -40.14 34.51 -9.26
N ASN B 522 -40.38 34.44 -10.57
CA ASN B 522 -39.31 34.36 -11.59
C ASN B 522 -38.21 33.39 -11.22
N ILE B 523 -38.53 32.11 -11.15
CA ILE B 523 -37.55 31.08 -10.80
C ILE B 523 -37.74 29.86 -11.69
N ILE B 524 -36.61 29.26 -12.09
CA ILE B 524 -36.59 27.93 -12.69
C ILE B 524 -35.91 26.99 -11.72
N THR B 525 -36.60 25.91 -11.36
CA THR B 525 -36.06 24.90 -10.47
C THR B 525 -35.68 23.68 -11.29
N ILE B 526 -34.39 23.38 -11.36
CA ILE B 526 -33.90 22.18 -12.04
C ILE B 526 -33.96 21.03 -11.06
N THR B 527 -34.68 19.97 -11.43
CA THR B 527 -34.84 18.80 -10.56
C THR B 527 -34.18 17.55 -11.10
N GLU B 528 -33.49 17.63 -12.24
CA GLU B 528 -32.70 16.53 -12.78
C GLU B 528 -31.82 17.09 -13.89
N LEU B 529 -30.61 16.55 -13.98
CA LEU B 529 -29.66 16.87 -15.03
C LEU B 529 -29.54 15.70 -16.01
N PRO B 530 -29.02 15.94 -17.21
CA PRO B 530 -28.90 14.84 -18.18
C PRO B 530 -27.96 13.75 -17.66
N LEU B 531 -28.03 12.59 -18.32
CA LEU B 531 -27.31 11.41 -17.86
C LEU B 531 -25.82 11.68 -17.73
N ARG B 532 -25.28 11.36 -16.55
CA ARG B 532 -23.85 11.38 -16.26
C ARG B 532 -23.27 12.79 -16.19
N VAL B 533 -24.11 13.81 -16.05
CA VAL B 533 -23.66 15.20 -15.99
C VAL B 533 -23.37 15.54 -14.53
N PRO B 534 -22.13 15.91 -14.17
CA PRO B 534 -21.83 16.26 -12.78
C PRO B 534 -22.38 17.62 -12.42
N THR B 535 -22.90 17.72 -11.19
CA THR B 535 -23.61 18.91 -10.76
C THR B 535 -22.72 20.15 -10.76
N VAL B 536 -21.57 20.07 -10.09
CA VAL B 536 -20.73 21.25 -9.89
C VAL B 536 -20.22 21.79 -11.22
N ALA B 537 -19.71 20.89 -12.07
CA ALA B 537 -19.19 21.32 -13.37
C ALA B 537 -20.29 21.92 -14.24
N TYR B 538 -21.51 21.38 -14.13
CA TYR B 538 -22.63 21.93 -14.90
C TYR B 538 -22.88 23.40 -14.56
N ILE B 539 -22.99 23.70 -13.27
CA ILE B 539 -23.28 25.07 -12.85
C ILE B 539 -22.22 26.03 -13.36
N GLU B 540 -20.94 25.70 -13.14
CA GLU B 540 -19.84 26.49 -13.68
C GLU B 540 -20.00 26.70 -15.18
N SER B 541 -20.30 25.64 -15.93
CA SER B 541 -20.43 25.74 -17.38
C SER B 541 -21.52 26.74 -17.76
N ILE B 542 -22.54 26.92 -16.92
CA ILE B 542 -23.60 27.86 -17.24
C ILE B 542 -23.14 29.30 -17.02
N LYS B 543 -22.51 29.59 -15.88
CA LYS B 543 -22.06 30.96 -15.61
C LYS B 543 -20.81 31.34 -16.40
N LYS B 544 -20.10 30.39 -17.01
CA LYS B 544 -18.98 30.78 -17.85
C LYS B 544 -19.43 31.21 -19.24
N SER B 545 -20.73 31.15 -19.52
CA SER B 545 -21.31 31.69 -20.74
C SER B 545 -22.00 33.00 -20.38
N SER B 546 -21.49 34.11 -20.89
CA SER B 546 -22.08 35.42 -20.62
C SER B 546 -23.47 35.57 -21.24
N ASN B 547 -23.74 34.94 -22.38
CA ASN B 547 -25.06 35.06 -22.99
C ASN B 547 -26.13 34.54 -22.05
N ARG B 548 -25.92 33.38 -21.44
CA ARG B 548 -26.91 32.83 -20.52
C ARG B 548 -27.04 33.69 -19.27
N MET B 549 -25.91 34.15 -18.72
CA MET B 549 -25.91 34.94 -17.50
C MET B 549 -26.58 36.30 -17.67
N THR B 550 -26.84 36.74 -18.90
CA THR B 550 -27.59 37.97 -19.12
C THR B 550 -28.91 37.97 -18.36
N PHE B 551 -29.59 36.82 -18.29
CA PHE B 551 -30.90 36.71 -17.68
C PHE B 551 -30.86 36.07 -16.31
N ILE B 552 -29.68 35.74 -15.80
CA ILE B 552 -29.54 35.12 -14.47
C ILE B 552 -28.96 36.14 -13.51
N GLU B 553 -29.59 36.26 -12.34
CA GLU B 553 -29.05 37.04 -11.23
C GLU B 553 -28.43 36.17 -10.15
N GLU B 554 -28.95 34.96 -9.96
CA GLU B 554 -28.40 34.02 -8.99
C GLU B 554 -28.60 32.59 -9.46
N ILE B 555 -27.69 31.72 -9.04
CA ILE B 555 -27.87 30.27 -9.12
C ILE B 555 -27.58 29.71 -7.73
N ILE B 556 -28.52 28.92 -7.20
CA ILE B 556 -28.38 28.36 -5.86
C ILE B 556 -28.54 26.84 -5.96
N ASP B 557 -27.68 26.12 -5.25
CA ASP B 557 -27.61 24.66 -5.31
C ASP B 557 -28.19 24.09 -4.02
N TYR B 558 -29.36 23.45 -4.14
CA TYR B 558 -30.03 22.80 -3.02
C TYR B 558 -30.11 21.29 -3.17
N SER B 559 -29.21 20.70 -3.96
CA SER B 559 -29.26 19.27 -4.22
C SER B 559 -29.02 18.46 -2.95
N SER B 560 -29.65 17.28 -2.88
CA SER B 560 -29.47 16.32 -1.79
C SER B 560 -28.40 15.30 -2.18
N SER B 561 -28.36 14.16 -1.45
CA SER B 561 -27.26 13.21 -1.58
C SER B 561 -27.18 12.60 -2.98
N GLU B 562 -28.27 11.97 -3.47
CA GLU B 562 -28.30 11.60 -4.87
C GLU B 562 -29.10 12.55 -5.74
N THR B 563 -29.95 13.40 -5.15
CA THR B 563 -30.87 14.11 -6.00
C THR B 563 -30.31 15.48 -6.38
N ILE B 564 -31.11 16.22 -7.16
CA ILE B 564 -30.68 17.49 -7.74
C ILE B 564 -31.79 18.50 -7.55
N GLU B 565 -31.43 19.69 -7.09
CA GLU B 565 -32.36 20.81 -6.95
C GLU B 565 -31.52 22.07 -7.07
N ILE B 566 -31.47 22.63 -8.28
CA ILE B 566 -30.71 23.83 -8.55
C ILE B 566 -31.71 24.96 -8.77
N LEU B 567 -31.65 25.97 -7.91
CA LEU B 567 -32.53 27.13 -8.01
C LEU B 567 -31.90 28.15 -8.94
N VAL B 568 -32.64 28.54 -9.97
CA VAL B 568 -32.15 29.48 -10.97
C VAL B 568 -33.09 30.67 -10.93
N LYS B 569 -32.59 31.79 -10.42
CA LYS B 569 -33.37 33.01 -10.28
C LYS B 569 -33.10 33.91 -11.50
N LEU B 570 -34.17 34.35 -12.15
CA LEU B 570 -34.04 35.17 -13.33
C LEU B 570 -34.11 36.65 -12.97
N LYS B 571 -33.63 37.49 -13.88
CA LYS B 571 -33.77 38.92 -13.72
C LYS B 571 -35.22 39.31 -14.02
N PRO B 572 -35.68 40.48 -13.52
CA PRO B 572 -37.12 40.80 -13.53
C PRO B 572 -37.92 40.39 -14.75
N ASN B 573 -37.66 40.98 -15.92
CA ASN B 573 -38.49 40.68 -17.08
C ASN B 573 -37.72 39.94 -18.16
N SER B 574 -37.27 38.72 -17.87
CA SER B 574 -36.43 37.94 -18.78
C SER B 574 -37.14 36.74 -19.39
N LEU B 575 -38.21 36.25 -18.76
CA LEU B 575 -38.81 34.99 -19.18
C LEU B 575 -39.40 35.09 -20.59
N ASN B 576 -39.92 36.25 -20.98
CA ASN B 576 -40.48 36.39 -22.32
C ASN B 576 -39.36 36.46 -23.35
N ARG B 577 -38.24 37.12 -23.00
CA ARG B 577 -37.15 37.33 -23.92
C ARG B 577 -36.30 36.07 -24.14
N ILE B 578 -36.30 35.15 -23.18
CA ILE B 578 -35.53 33.91 -23.32
C ILE B 578 -36.05 33.09 -24.49
N VAL B 579 -37.37 33.01 -24.64
CA VAL B 579 -37.98 32.15 -25.66
C VAL B 579 -37.51 32.55 -27.06
N GLU B 580 -37.35 33.86 -27.31
CA GLU B 580 -36.87 34.29 -28.61
C GLU B 580 -35.37 34.05 -28.76
N GLU B 581 -34.59 34.43 -27.74
CA GLU B 581 -33.14 34.30 -27.84
C GLU B 581 -32.70 32.85 -27.92
N PHE B 582 -33.43 31.95 -27.28
CA PHE B 582 -33.14 30.51 -27.32
C PHE B 582 -34.28 29.82 -28.04
N LYS B 583 -34.01 29.38 -29.27
CA LYS B 583 -35.05 28.83 -30.15
C LYS B 583 -35.62 27.54 -29.58
N GLU B 584 -36.86 27.25 -29.97
CA GLU B 584 -37.60 26.08 -29.52
C GLU B 584 -37.79 25.20 -30.74
N THR B 585 -36.97 24.16 -30.85
CA THR B 585 -37.16 23.10 -31.82
C THR B 585 -37.91 21.92 -31.21
N GLU B 586 -38.19 20.93 -32.07
CA GLU B 586 -38.80 19.69 -31.59
C GLU B 586 -37.82 18.80 -30.84
N GLU B 587 -36.52 19.09 -30.91
CA GLU B 587 -35.56 18.27 -30.19
C GLU B 587 -35.11 18.89 -28.87
N GLN B 588 -35.52 20.14 -28.60
CA GLN B 588 -35.41 20.75 -27.29
C GLN B 588 -36.20 22.06 -27.30
N ASP B 589 -36.85 22.37 -26.18
CA ASP B 589 -37.61 23.62 -26.09
C ASP B 589 -36.67 24.76 -25.72
N SER B 590 -37.19 25.86 -25.18
CA SER B 590 -36.34 27.02 -24.98
C SER B 590 -35.74 27.09 -23.58
N ILE B 591 -36.26 26.32 -22.62
CA ILE B 591 -35.60 26.18 -21.32
C ILE B 591 -34.53 25.09 -21.32
N GLU B 592 -34.62 24.10 -22.21
CA GLU B 592 -33.60 23.07 -22.28
C GLU B 592 -32.42 23.47 -23.15
N ASN B 593 -32.60 24.42 -24.07
CA ASN B 593 -31.46 25.06 -24.70
C ASN B 593 -30.81 26.08 -23.77
N PHE B 594 -31.64 26.88 -23.10
CA PHE B 594 -31.16 27.91 -22.19
C PHE B 594 -30.29 27.33 -21.08
N LEU B 595 -30.75 26.27 -20.43
CA LEU B 595 -30.04 25.67 -19.31
C LEU B 595 -29.24 24.42 -19.69
N ARG B 596 -29.04 24.17 -20.99
CA ARG B 596 -28.27 23.01 -21.46
C ARG B 596 -28.72 21.71 -20.80
N LEU B 597 -30.03 21.45 -20.87
CA LEU B 597 -30.61 20.29 -20.20
C LEU B 597 -30.75 19.08 -21.12
N ARG B 598 -30.09 19.10 -22.28
CA ARG B 598 -30.11 17.98 -23.21
C ARG B 598 -28.70 17.46 -23.45
N ASN B 599 -28.61 16.15 -23.70
CA ASN B 599 -27.33 15.48 -23.83
C ASN B 599 -27.48 14.30 -24.78
N CYS B 600 -26.48 14.11 -25.64
CA CYS B 600 -26.50 13.07 -26.66
C CYS B 600 -25.66 11.89 -26.22
N LEU B 601 -26.24 10.69 -26.28
CA LEU B 601 -25.55 9.45 -25.88
C LEU B 601 -24.70 8.95 -27.05
N HIS B 602 -23.59 9.66 -27.27
CA HIS B 602 -22.61 9.21 -28.25
C HIS B 602 -21.91 7.95 -27.76
N SER B 603 -21.85 6.93 -28.60
CA SER B 603 -21.21 5.67 -28.27
C SER B 603 -20.02 5.44 -29.19
N HIS B 604 -18.99 4.81 -28.63
CA HIS B 604 -17.78 4.43 -29.37
C HIS B 604 -17.51 2.97 -28.98
N LEU B 605 -18.16 2.05 -29.68
CA LEU B 605 -18.14 0.64 -29.30
C LEU B 605 -16.90 -0.04 -29.90
N ASN B 606 -15.76 0.27 -29.29
CA ASN B 606 -14.48 -0.34 -29.64
C ASN B 606 -13.95 -1.02 -28.40
N PHE B 607 -13.66 -2.31 -28.52
CA PHE B 607 -13.29 -3.16 -27.38
C PHE B 607 -12.04 -3.94 -27.72
N VAL B 608 -11.59 -4.75 -26.77
CA VAL B 608 -10.45 -5.62 -26.96
C VAL B 608 -10.98 -7.04 -27.16
N LYS B 609 -10.33 -7.80 -28.06
CA LYS B 609 -10.71 -9.16 -28.39
C LYS B 609 -10.06 -10.17 -27.46
N PRO B 610 -10.65 -11.36 -27.35
CA PRO B 610 -9.98 -12.44 -26.61
C PRO B 610 -8.59 -12.76 -27.15
N LYS B 611 -8.39 -12.69 -28.48
CA LYS B 611 -7.10 -13.02 -29.07
C LYS B 611 -6.06 -11.92 -28.90
N GLY B 612 -6.45 -10.74 -28.43
CA GLY B 612 -5.50 -9.69 -28.12
C GLY B 612 -5.47 -8.48 -29.03
N GLY B 613 -6.54 -8.24 -29.80
CA GLY B 613 -6.62 -7.11 -30.69
C GLY B 613 -7.83 -6.24 -30.38
N ILE B 614 -7.91 -5.13 -31.10
CA ILE B 614 -9.07 -4.26 -31.00
C ILE B 614 -10.12 -4.74 -32.00
N ILE B 615 -11.38 -4.46 -31.69
CA ILE B 615 -12.49 -4.79 -32.57
C ILE B 615 -13.52 -3.66 -32.48
N GLU B 616 -14.05 -3.27 -33.63
CA GLU B 616 -15.04 -2.20 -33.72
C GLU B 616 -16.42 -2.80 -33.91
N PHE B 617 -17.37 -2.37 -33.08
CA PHE B 617 -18.74 -2.81 -33.16
C PHE B 617 -19.63 -1.68 -33.67
N ASN B 618 -20.74 -2.06 -34.31
CA ASN B 618 -21.68 -1.08 -34.86
C ASN B 618 -22.88 -0.83 -33.95
N SER B 619 -23.28 -1.81 -33.15
CA SER B 619 -24.44 -1.66 -32.27
C SER B 619 -24.19 -2.45 -31.00
N TYR B 620 -25.03 -2.21 -30.00
CA TYR B 620 -24.99 -3.01 -28.78
C TYR B 620 -25.47 -4.43 -29.03
N TYR B 621 -26.25 -4.64 -30.09
CA TYR B 621 -26.71 -5.98 -30.43
C TYR B 621 -25.54 -6.90 -30.77
N GLU B 622 -24.58 -6.38 -31.54
CA GLU B 622 -23.46 -7.22 -31.97
C GLU B 622 -22.62 -7.69 -30.80
N ILE B 623 -22.46 -6.83 -29.78
CA ILE B 623 -21.69 -7.21 -28.60
C ILE B 623 -22.39 -8.36 -27.87
N LEU B 624 -23.72 -8.30 -27.77
CA LEU B 624 -24.47 -9.39 -27.18
C LEU B 624 -24.36 -10.65 -28.03
N TYR B 625 -24.51 -10.51 -29.35
CA TYR B 625 -24.43 -11.65 -30.24
C TYR B 625 -23.05 -12.30 -30.23
N ALA B 626 -22.00 -11.48 -30.07
CA ALA B 626 -20.65 -12.03 -30.02
C ALA B 626 -20.35 -12.70 -28.68
N TRP B 627 -21.01 -12.26 -27.61
CA TRP B 627 -20.77 -12.82 -26.28
C TRP B 627 -21.50 -14.15 -26.08
N LEU B 628 -22.64 -14.33 -26.74
CA LEU B 628 -23.44 -15.54 -26.51
C LEU B 628 -22.70 -16.84 -26.77
N PRO B 629 -21.93 -17.00 -27.86
CA PRO B 629 -21.22 -18.28 -28.05
C PRO B 629 -20.26 -18.62 -26.92
N TYR B 630 -19.49 -17.63 -26.44
CA TYR B 630 -18.54 -17.90 -25.36
C TYR B 630 -19.24 -18.39 -24.10
N ARG B 631 -20.37 -17.78 -23.74
CA ARG B 631 -21.11 -18.22 -22.57
C ARG B 631 -21.80 -19.56 -22.81
N ARG B 632 -22.26 -19.80 -24.04
CA ARG B 632 -22.85 -21.09 -24.37
C ARG B 632 -21.84 -22.22 -24.25
N GLU B 633 -20.66 -22.05 -24.85
CA GLU B 633 -19.67 -23.12 -24.83
C GLU B 633 -19.12 -23.35 -23.43
N LEU B 634 -19.02 -22.29 -22.62
CA LEU B 634 -18.46 -22.45 -21.28
C LEU B 634 -19.36 -23.31 -20.40
N TYR B 635 -20.67 -23.24 -20.58
CA TYR B 635 -21.56 -24.11 -19.84
C TYR B 635 -21.37 -25.57 -20.24
N GLN B 636 -21.07 -25.82 -21.53
CA GLN B 636 -20.78 -27.18 -21.97
C GLN B 636 -19.47 -27.67 -21.36
N LYS B 637 -18.39 -26.93 -21.58
CA LYS B 637 -17.08 -27.30 -21.05
C LYS B 637 -17.15 -27.60 -19.57
N ARG B 638 -17.81 -26.72 -18.81
CA ARG B 638 -18.03 -26.93 -17.38
C ARG B 638 -18.70 -28.28 -17.10
N LEU B 639 -19.83 -28.55 -17.74
CA LEU B 639 -20.56 -29.78 -17.49
C LEU B 639 -19.76 -31.02 -17.90
N MET B 640 -19.01 -30.93 -19.00
CA MET B 640 -18.21 -32.08 -19.44
C MET B 640 -17.13 -32.41 -18.42
N ARG B 641 -16.46 -31.39 -17.86
CA ARG B 641 -15.40 -31.65 -16.90
C ARG B 641 -15.95 -32.24 -15.61
N GLU B 642 -17.08 -31.71 -15.13
CA GLU B 642 -17.72 -32.31 -13.95
C GLU B 642 -17.99 -33.79 -14.15
N HIS B 643 -18.48 -34.15 -15.34
CA HIS B 643 -18.66 -35.56 -15.68
C HIS B 643 -17.35 -36.34 -15.53
N ALA B 644 -16.26 -35.80 -16.09
CA ALA B 644 -14.98 -36.48 -16.02
C ALA B 644 -14.50 -36.62 -14.59
N VAL B 645 -14.60 -35.56 -13.79
CA VAL B 645 -14.14 -35.61 -12.41
C VAL B 645 -15.00 -36.56 -11.60
N LEU B 646 -16.32 -36.50 -11.76
CA LEU B 646 -17.23 -37.35 -11.00
C LEU B 646 -16.92 -38.82 -11.21
N LYS B 647 -16.65 -39.22 -12.46
CA LYS B 647 -16.26 -40.61 -12.74
C LYS B 647 -15.06 -41.02 -11.89
N LEU B 648 -14.07 -40.12 -11.77
CA LEU B 648 -12.85 -40.46 -11.06
C LEU B 648 -13.08 -40.48 -9.55
N ARG B 649 -13.80 -39.49 -9.02
CA ARG B 649 -14.05 -39.47 -7.58
C ARG B 649 -14.85 -40.69 -7.13
N ILE B 650 -15.83 -41.11 -7.94
CA ILE B 650 -16.56 -42.33 -7.64
C ILE B 650 -15.60 -43.52 -7.58
N ILE B 651 -14.73 -43.64 -8.58
CA ILE B 651 -13.73 -44.71 -8.60
C ILE B 651 -12.87 -44.65 -7.36
N MET B 652 -12.42 -43.45 -6.97
CA MET B 652 -11.54 -43.32 -5.83
C MET B 652 -12.26 -43.67 -4.52
N GLU B 653 -13.46 -43.12 -4.33
CA GLU B 653 -14.19 -43.40 -3.09
C GLU B 653 -14.58 -44.86 -3.00
N THR B 654 -14.95 -45.48 -4.13
CA THR B 654 -15.26 -46.90 -4.13
C THR B 654 -14.08 -47.72 -3.63
N ALA B 655 -12.87 -47.37 -4.07
CA ALA B 655 -11.68 -48.07 -3.58
C ALA B 655 -11.48 -47.83 -2.09
N ILE B 656 -11.75 -46.61 -1.62
CA ILE B 656 -11.55 -46.30 -0.21
C ILE B 656 -12.50 -47.13 0.67
N VAL B 657 -13.79 -47.17 0.30
CA VAL B 657 -14.74 -47.96 1.07
C VAL B 657 -14.42 -49.45 1.01
N ARG B 658 -13.84 -49.92 -0.10
CA ARG B 658 -13.48 -51.34 -0.17
C ARG B 658 -12.31 -51.65 0.74
N TYR B 659 -11.44 -50.67 0.97
CA TYR B 659 -10.36 -50.85 1.95
C TYR B 659 -10.90 -50.85 3.37
N ILE B 660 -11.87 -49.96 3.67
CA ILE B 660 -12.44 -49.91 5.02
C ILE B 660 -13.05 -51.26 5.37
N ASN B 661 -13.67 -51.92 4.40
CA ASN B 661 -14.19 -53.26 4.62
C ASN B 661 -13.10 -54.32 4.64
N GLU B 662 -11.94 -54.02 4.07
CA GLU B 662 -10.81 -54.94 4.04
C GLU B 662 -9.68 -54.50 4.97
N SER B 663 -9.91 -53.48 5.79
CA SER B 663 -8.86 -52.93 6.63
C SER B 663 -8.46 -53.87 7.75
N ALA B 664 -9.39 -54.70 8.23
CA ALA B 664 -9.10 -55.56 9.38
C ALA B 664 -8.09 -56.65 9.01
N GLU B 665 -8.29 -57.31 7.87
CA GLU B 665 -7.35 -58.33 7.44
C GLU B 665 -6.03 -57.73 6.97
N LEU B 666 -6.09 -56.59 6.28
CA LEU B 666 -4.90 -55.96 5.72
C LEU B 666 -4.24 -55.10 6.80
N ASN B 667 -3.64 -55.78 7.77
CA ASN B 667 -3.06 -55.09 8.91
C ASN B 667 -1.84 -54.32 8.46
N LEU B 668 -2.01 -53.01 8.25
CA LEU B 668 -0.87 -52.17 7.91
C LEU B 668 0.14 -52.10 9.05
N SER B 669 -0.31 -52.39 10.27
CA SER B 669 0.57 -52.40 11.42
C SER B 669 1.77 -53.32 11.21
N HIS B 670 1.61 -54.41 10.47
CA HIS B 670 2.67 -55.40 10.35
C HIS B 670 3.67 -55.09 9.23
N TYR B 671 3.24 -54.29 8.25
CA TYR B 671 4.13 -53.97 7.11
C TYR B 671 5.19 -52.99 7.58
N GLU B 672 6.37 -52.99 6.96
CA GLU B 672 7.49 -52.17 7.44
C GLU B 672 7.50 -50.79 6.81
N ASP B 673 7.45 -50.72 5.48
CA ASP B 673 7.58 -49.42 4.80
C ASP B 673 6.39 -49.16 3.88
N GLU B 674 6.32 -47.95 3.33
CA GLU B 674 5.21 -47.58 2.42
C GLU B 674 5.27 -48.46 1.17
N LYS B 675 6.48 -48.80 0.73
CA LYS B 675 6.64 -49.64 -0.48
C LYS B 675 5.91 -50.96 -0.27
N GLU B 676 6.25 -51.67 0.81
CA GLU B 676 5.54 -52.93 1.10
C GLU B 676 4.04 -52.63 1.06
N ALA B 677 3.62 -51.62 1.81
CA ALA B 677 2.20 -51.26 1.84
C ALA B 677 1.68 -50.99 0.43
N SER B 678 2.52 -50.41 -0.43
CA SER B 678 2.09 -50.20 -1.82
C SER B 678 2.01 -51.51 -2.60
N ARG B 679 2.90 -52.46 -2.31
CA ARG B 679 2.86 -53.77 -2.97
C ARG B 679 1.63 -54.55 -2.57
N ILE B 680 1.32 -54.58 -1.26
CA ILE B 680 0.28 -55.44 -0.74
C ILE B 680 -1.10 -54.95 -1.17
N LEU B 681 -1.28 -53.64 -1.33
CA LEU B 681 -2.56 -53.12 -1.81
C LEU B 681 -2.76 -53.39 -3.30
N SER B 682 -1.69 -53.29 -4.09
CA SER B 682 -1.80 -53.59 -5.51
C SER B 682 -2.11 -55.07 -5.74
N GLU B 683 -1.51 -55.95 -4.95
CA GLU B 683 -1.81 -57.37 -5.05
C GLU B 683 -3.26 -57.68 -4.69
N HIS B 684 -3.92 -56.78 -3.95
CA HIS B 684 -5.34 -56.90 -3.64
C HIS B 684 -6.22 -56.16 -4.64
N GLY B 685 -5.65 -55.69 -5.75
CA GLY B 685 -6.44 -55.10 -6.82
C GLY B 685 -6.82 -53.65 -6.63
N PHE B 686 -6.15 -52.93 -5.73
CA PHE B 686 -6.48 -51.52 -5.57
C PHE B 686 -5.80 -50.69 -6.66
N PRO B 687 -6.50 -49.72 -7.22
CA PRO B 687 -5.92 -48.92 -8.31
C PRO B 687 -5.01 -47.82 -7.77
N PRO B 688 -3.84 -47.63 -8.36
CA PRO B 688 -3.03 -46.46 -8.05
C PRO B 688 -3.67 -45.20 -8.61
N LEU B 689 -3.83 -44.19 -7.77
CA LEU B 689 -4.58 -43.00 -8.11
C LEU B 689 -3.77 -41.74 -7.84
N ASN B 690 -4.00 -40.72 -8.68
CA ASN B 690 -3.42 -39.39 -8.46
C ASN B 690 -4.44 -38.60 -7.65
N HIS B 691 -4.40 -38.82 -6.33
CA HIS B 691 -5.46 -38.31 -5.47
C HIS B 691 -5.54 -36.79 -5.49
N THR B 692 -4.38 -36.11 -5.43
CA THR B 692 -4.38 -34.65 -5.40
C THR B 692 -5.13 -34.06 -6.58
N LEU B 693 -4.98 -34.67 -7.77
CA LEU B 693 -5.66 -34.16 -8.95
C LEU B 693 -7.13 -34.56 -8.99
N ILE B 694 -7.47 -35.70 -8.39
CA ILE B 694 -8.87 -36.12 -8.36
C ILE B 694 -9.64 -35.28 -7.33
N ILE B 695 -9.06 -35.09 -6.14
CA ILE B 695 -9.70 -34.27 -5.13
C ILE B 695 -9.71 -32.80 -5.54
N SER B 696 -8.61 -32.32 -6.12
CA SER B 696 -8.45 -30.93 -6.51
C SER B 696 -8.01 -30.86 -7.97
N PRO B 697 -8.96 -30.86 -8.90
CA PRO B 697 -8.57 -30.78 -10.33
C PRO B 697 -7.90 -29.48 -10.69
N GLU B 698 -8.20 -28.39 -9.99
CA GLU B 698 -7.58 -27.07 -10.19
C GLU B 698 -7.84 -26.63 -11.62
N PHE B 699 -6.82 -26.30 -12.41
CA PHE B 699 -6.99 -25.80 -13.77
C PHE B 699 -6.71 -26.86 -14.83
N ALA B 700 -6.78 -28.14 -14.46
CA ALA B 700 -6.44 -29.21 -15.40
C ALA B 700 -7.50 -29.34 -16.48
N SER B 701 -7.06 -29.42 -17.73
CA SER B 701 -8.00 -29.61 -18.84
C SER B 701 -8.55 -31.03 -18.81
N ILE B 702 -9.65 -31.23 -19.55
CA ILE B 702 -10.41 -32.47 -19.47
C ILE B 702 -9.58 -33.65 -19.95
N GLU B 703 -8.89 -33.51 -21.08
CA GLU B 703 -8.00 -34.56 -21.55
C GLU B 703 -6.80 -34.70 -20.62
N GLU B 704 -6.19 -33.57 -20.27
CA GLU B 704 -5.13 -33.52 -19.27
C GLU B 704 -5.56 -34.25 -18.00
N LEU B 705 -6.78 -33.97 -17.56
CA LEU B 705 -7.40 -34.71 -16.47
C LEU B 705 -7.46 -36.21 -16.78
N ASN B 706 -7.97 -36.55 -17.96
CA ASN B 706 -8.26 -37.94 -18.30
C ASN B 706 -7.01 -38.81 -18.33
N GLN B 707 -5.85 -38.22 -18.61
CA GLN B 707 -4.64 -39.01 -18.79
C GLN B 707 -3.84 -39.23 -17.51
N LYS B 708 -3.84 -38.28 -16.58
CA LYS B 708 -2.99 -38.40 -15.39
C LYS B 708 -3.73 -38.81 -14.11
N ALA B 709 -5.06 -38.71 -14.08
CA ALA B 709 -5.78 -39.04 -12.85
C ALA B 709 -5.63 -40.51 -12.48
N LEU B 710 -5.41 -41.39 -13.45
CA LEU B 710 -5.24 -42.81 -13.18
C LEU B 710 -3.77 -43.23 -13.18
N GLN B 711 -2.85 -42.28 -12.99
CA GLN B 711 -1.41 -42.58 -12.91
C GLN B 711 -0.85 -41.84 -11.71
N GLY B 712 -0.98 -42.47 -10.54
CA GLY B 712 -0.40 -41.92 -9.33
C GLY B 712 0.16 -42.98 -8.40
N CYS B 713 -0.38 -43.03 -7.18
CA CYS B 713 0.11 -43.96 -6.17
C CYS B 713 -1.00 -44.36 -5.21
N TYR B 714 -0.65 -44.63 -3.96
CA TYR B 714 -1.59 -45.14 -2.96
C TYR B 714 -1.74 -44.19 -1.77
N THR B 715 -1.47 -42.89 -1.99
CA THR B 715 -1.59 -41.93 -0.90
C THR B 715 -3.04 -41.76 -0.46
N TYR B 716 -3.99 -41.86 -1.40
CA TYR B 716 -5.40 -41.78 -1.05
C TYR B 716 -5.79 -42.81 0.00
N ILE B 717 -5.03 -43.88 0.12
CA ILE B 717 -5.24 -44.89 1.16
C ILE B 717 -4.38 -44.60 2.38
N LEU B 718 -3.09 -44.33 2.14
CA LEU B 718 -2.13 -44.30 3.23
C LEU B 718 -2.37 -43.13 4.18
N SER B 719 -2.89 -42.01 3.68
CA SER B 719 -3.15 -40.86 4.51
C SER B 719 -4.55 -40.84 5.10
N LEU B 720 -5.28 -41.96 5.00
CA LEU B 720 -6.56 -42.08 5.66
C LEU B 720 -6.36 -42.11 7.18
N GLN B 721 -7.16 -41.31 7.90
CA GLN B 721 -7.06 -41.34 9.35
C GLN B 721 -7.95 -42.43 9.93
N ALA B 722 -7.70 -42.78 11.19
CA ALA B 722 -8.38 -43.91 11.80
C ALA B 722 -9.87 -43.69 11.98
N ARG B 723 -10.31 -42.44 12.13
CA ARG B 723 -11.74 -42.19 12.33
C ARG B 723 -12.58 -42.60 11.12
N GLU B 724 -12.00 -42.65 9.93
CA GLU B 724 -12.76 -43.04 8.75
C GLU B 724 -13.09 -44.52 8.71
N LEU B 725 -12.36 -45.35 9.48
CA LEU B 725 -12.64 -46.78 9.50
C LEU B 725 -13.94 -47.11 10.22
N LEU B 726 -14.43 -46.20 11.06
CA LEU B 726 -15.70 -46.39 11.76
C LEU B 726 -16.84 -46.53 10.77
N ILE B 727 -17.76 -47.46 11.06
CA ILE B 727 -18.80 -47.79 10.08
C ILE B 727 -19.66 -46.59 9.78
N ALA B 728 -19.76 -45.64 10.71
CA ALA B 728 -20.49 -44.41 10.43
C ALA B 728 -19.77 -43.59 9.35
N ALA B 729 -18.43 -43.56 9.39
CA ALA B 729 -17.68 -42.83 8.39
C ALA B 729 -17.72 -43.49 7.02
N LYS B 730 -17.71 -44.83 6.98
CA LYS B 730 -17.82 -45.51 5.70
C LYS B 730 -19.25 -45.47 5.18
N THR B 731 -20.24 -45.43 6.09
CA THR B 731 -21.62 -45.25 5.67
C THR B 731 -21.84 -43.86 5.09
N ARG B 732 -21.16 -42.85 5.63
CA ARG B 732 -21.22 -41.52 5.04
C ARG B 732 -20.58 -41.49 3.66
N ARG B 733 -19.53 -42.28 3.46
CA ARG B 733 -18.92 -42.37 2.14
C ARG B 733 -19.86 -43.05 1.14
N VAL B 734 -20.51 -44.13 1.56
CA VAL B 734 -21.38 -44.86 0.64
C VAL B 734 -22.53 -43.98 0.18
N GLU B 735 -23.03 -43.12 1.07
CA GLU B 735 -24.00 -42.11 0.63
C GLU B 735 -23.36 -41.14 -0.35
N LYS B 736 -22.13 -40.69 -0.05
CA LYS B 736 -21.45 -39.75 -0.93
C LYS B 736 -21.28 -40.33 -2.33
N ILE B 737 -20.98 -41.63 -2.43
CA ILE B 737 -20.89 -42.27 -3.73
C ILE B 737 -22.26 -42.28 -4.40
N LYS B 738 -23.31 -42.56 -3.62
CA LYS B 738 -24.66 -42.65 -4.19
C LYS B 738 -25.14 -41.29 -4.70
N LYS B 739 -24.78 -40.21 -4.00
CA LYS B 739 -25.17 -38.89 -4.47
C LYS B 739 -24.40 -38.49 -5.72
N MET B 740 -23.14 -38.90 -5.82
CA MET B 740 -22.37 -38.65 -7.04
C MET B 740 -22.92 -39.44 -8.22
N GLN B 741 -23.34 -40.68 -7.98
CA GLN B 741 -23.92 -41.48 -9.05
C GLN B 741 -25.25 -40.90 -9.53
N ALA B 742 -26.02 -40.31 -8.63
CA ALA B 742 -27.24 -39.62 -9.04
C ALA B 742 -26.91 -38.35 -9.80
N ARG B 743 -25.93 -37.59 -9.31
CA ARG B 743 -25.52 -36.37 -10.00
C ARG B 743 -24.96 -36.67 -11.38
N LEU B 744 -24.21 -37.77 -11.52
CA LEU B 744 -23.68 -38.15 -12.83
C LEU B 744 -24.80 -38.32 -13.84
N ASP B 745 -25.91 -38.93 -13.41
CA ASP B 745 -27.03 -39.14 -14.34
C ASP B 745 -27.78 -37.84 -14.61
N LYS B 746 -27.73 -36.90 -13.67
CA LYS B 746 -28.33 -35.59 -13.92
C LYS B 746 -27.45 -34.76 -14.86
N VAL B 747 -26.13 -34.89 -14.74
CA VAL B 747 -25.22 -34.19 -15.64
C VAL B 747 -25.42 -34.67 -17.08
N GLU B 748 -25.60 -35.98 -17.26
CA GLU B 748 -25.86 -36.52 -18.58
C GLU B 748 -27.14 -35.96 -19.18
N GLN B 749 -28.15 -35.68 -18.35
CA GLN B 749 -29.36 -35.04 -18.83
C GLN B 749 -29.08 -33.61 -19.28
N LEU B 750 -28.38 -32.85 -18.45
CA LEU B 750 -28.05 -31.47 -18.80
C LEU B 750 -27.20 -31.39 -20.06
N LEU B 751 -26.38 -32.41 -20.32
CA LEU B 751 -25.60 -32.44 -21.55
C LEU B 751 -26.47 -32.75 -22.76
N GLN B 752 -27.44 -33.64 -22.59
CA GLN B 752 -28.33 -34.06 -23.66
C GLN B 752 -29.45 -33.04 -23.87
N GLU B 753 -29.18 -31.78 -23.57
CA GLU B 753 -30.20 -30.76 -23.48
C GLU B 753 -30.29 -29.93 -24.76
N SER B 754 -31.46 -29.31 -24.94
CA SER B 754 -31.78 -28.39 -26.02
C SER B 754 -32.18 -27.04 -25.42
N PRO B 755 -31.85 -25.93 -26.09
CA PRO B 755 -31.24 -25.81 -27.43
C PRO B 755 -29.74 -26.11 -27.47
N PHE B 756 -29.11 -26.28 -26.31
CA PHE B 756 -27.69 -26.64 -26.25
C PHE B 756 -27.40 -27.16 -24.84
N PRO B 757 -26.30 -27.88 -24.66
CA PRO B 757 -25.99 -28.44 -23.33
C PRO B 757 -25.97 -27.39 -22.25
N GLY B 758 -26.74 -27.64 -21.18
CA GLY B 758 -26.73 -26.79 -20.01
C GLY B 758 -27.62 -25.57 -20.09
N ALA B 759 -28.63 -25.58 -20.96
CA ALA B 759 -29.50 -24.42 -21.12
C ALA B 759 -30.30 -24.14 -19.85
N SER B 760 -30.84 -25.20 -19.22
CA SER B 760 -31.64 -25.00 -18.02
C SER B 760 -30.82 -24.42 -16.88
N VAL B 761 -29.54 -24.77 -16.79
CA VAL B 761 -28.68 -24.20 -15.76
C VAL B 761 -28.44 -22.72 -16.00
N TRP B 762 -28.25 -22.34 -17.27
CA TRP B 762 -28.08 -20.92 -17.61
C TRP B 762 -29.27 -20.09 -17.15
N LEU B 763 -30.49 -20.61 -17.32
CA LEU B 763 -31.68 -19.89 -16.87
C LEU B 763 -31.71 -19.77 -15.36
N GLU B 764 -31.38 -20.86 -14.65
CA GLU B 764 -31.29 -20.82 -13.20
C GLU B 764 -30.36 -19.70 -12.73
N GLU B 765 -29.15 -19.67 -13.28
CA GLU B 765 -28.15 -18.71 -12.82
C GLU B 765 -28.51 -17.28 -13.23
N ILE B 766 -29.26 -17.11 -14.32
CA ILE B 766 -29.78 -15.79 -14.65
C ILE B 766 -30.74 -15.31 -13.57
N ASP B 767 -31.62 -16.20 -13.10
CA ASP B 767 -32.53 -15.85 -12.02
C ASP B 767 -31.77 -15.51 -10.75
N ALA B 768 -30.65 -16.21 -10.50
CA ALA B 768 -29.84 -15.91 -9.34
C ALA B 768 -29.19 -14.54 -9.45
N VAL B 769 -28.70 -14.18 -10.64
CA VAL B 769 -28.09 -12.88 -10.85
C VAL B 769 -29.10 -11.76 -10.66
N GLU B 770 -30.30 -11.93 -11.21
CA GLU B 770 -31.32 -10.89 -11.08
C GLU B 770 -31.70 -10.67 -9.62
N LYS B 771 -31.88 -11.76 -8.86
CA LYS B 771 -32.19 -11.63 -7.44
C LYS B 771 -31.10 -10.87 -6.72
N ALA B 772 -29.83 -11.13 -7.05
CA ALA B 772 -28.73 -10.41 -6.43
C ALA B 772 -28.76 -8.94 -6.80
N ILE B 773 -29.07 -8.63 -8.06
CA ILE B 773 -29.15 -7.23 -8.48
C ILE B 773 -30.32 -6.54 -7.79
N ILE B 774 -31.47 -7.21 -7.74
CA ILE B 774 -32.63 -6.65 -7.02
C ILE B 774 -32.27 -6.36 -5.57
N LYS B 775 -31.54 -7.28 -4.93
CA LYS B 775 -31.16 -7.07 -3.53
C LYS B 775 -30.21 -5.90 -3.39
N GLY B 776 -29.21 -5.81 -4.27
CA GLY B 776 -28.30 -4.68 -4.23
C GLY B 776 -29.01 -3.36 -4.48
N ARG B 777 -29.97 -3.35 -5.40
CA ARG B 777 -30.69 -2.12 -5.72
C ARG B 777 -31.58 -1.68 -4.57
N ASN B 778 -32.12 -2.63 -3.79
CA ASN B 778 -32.92 -2.27 -2.63
C ASN B 778 -32.08 -1.90 -1.42
N THR B 779 -30.77 -2.14 -1.47
CA THR B 779 -29.87 -1.90 -0.35
C THR B 779 -28.83 -0.84 -0.66
N GLN B 780 -28.95 -0.15 -1.79
CA GLN B 780 -27.99 0.89 -2.19
C GLN B 780 -26.61 0.26 -2.39
N TRP B 781 -26.59 -0.92 -3.00
CA TRP B 781 -25.39 -1.74 -3.20
C TRP B 781 -24.59 -1.89 -1.90
N LYS B 782 -25.31 -2.07 -0.80
CA LYS B 782 -24.72 -2.43 0.48
C LYS B 782 -25.01 -3.87 0.88
N PHE B 783 -26.11 -4.44 0.38
CA PHE B 783 -26.54 -5.80 0.69
C PHE B 783 -26.70 -6.03 2.18
N HIS B 784 -26.88 -4.95 2.94
CA HIS B 784 -27.07 -5.01 4.38
C HIS B 784 -28.12 -3.99 4.79
MG MG G . -3.32 0.47 21.71
MG MG H . -6.96 11.37 11.58
MG MG I . -6.41 -56.46 12.24
MG MG J . 1.96 -9.38 -19.59
MG MG K . 8.99 2.83 -14.92
#